data_3EON
#
_entry.id   3EON
#
_cell.length_a   97.409
_cell.length_b   106.169
_cell.length_c   144.185
_cell.angle_alpha   90.000
_cell.angle_beta   90.000
_cell.angle_gamma   90.000
#
_symmetry.space_group_name_H-M   'P 21 21 21'
#
loop_
_entity.id
_entity.type
_entity.pdbx_description
1 polymer 'Glutaryl-CoA dehydrogenase'
2 non-polymer (3,5-difluorophenyl)methanol
3 water water
#
_entity_poly.entity_id   1
_entity_poly.type   'polypeptide(L)'
_entity_poly.pdbx_seq_one_letter_code
;SMAAATFHWDDPLLLDQQLADDERMVRDAAHAYAQGKLAPRVTEAFRHETTDAAIFREMGEIGLLGPTIPEQYGGPGLDY
VSYGLIAREVERVDSGYRSMMSVQSSLVMVPIFEFGSDAQKEKYLPKLATGEWIGCFGLTEPNHGSDPGSMVTRARKVPG
GYSLSGSKMWITNSPIADVFVVWAKLDEDGRDEIRGFILEKGCKGLSAPAIHGKVGLRASITGEIVLDEAFVPEENILPH
VKGLRGPFTCLNSARYGIAWGALGAAESCWHIARQYVLDRKQFGRPLAANQLIQKKLADMQTEITLGLQGVLRLGRMKDE
GTAAVEITSIMKRNSCGKALDIARLARDMLGGNGISDEFGVARHLVNLEVVNTYEGTHDIHALILGRAQTGIQAFF
;
_entity_poly.pdbx_strand_id   A,B,C,D
#
# COMPACT_ATOMS: atom_id res chain seq x y z
N ALA A 5 10.72 -34.19 9.81
CA ALA A 5 11.00 -32.84 9.23
C ALA A 5 10.54 -31.78 10.21
N THR A 6 11.50 -30.98 10.64
CA THR A 6 11.28 -29.94 11.62
C THR A 6 11.18 -28.60 10.90
N PHE A 7 10.27 -27.74 11.36
CA PHE A 7 10.21 -26.37 10.92
C PHE A 7 11.31 -25.54 11.53
N HIS A 8 12.00 -24.75 10.72
CA HIS A 8 12.97 -23.77 11.21
C HIS A 8 12.46 -22.33 10.93
N TRP A 9 11.84 -21.70 11.92
CA TRP A 9 11.16 -20.41 11.69
C TRP A 9 12.14 -19.36 11.16
N ASP A 10 13.41 -19.51 11.53
CA ASP A 10 14.45 -18.55 11.24
C ASP A 10 15.16 -18.82 9.90
N ASP A 11 14.92 -20.01 9.33
CA ASP A 11 15.45 -20.40 8.01
C ASP A 11 14.51 -21.40 7.33
N PRO A 12 13.28 -20.95 7.00
CA PRO A 12 12.23 -21.87 6.57
C PRO A 12 12.63 -22.78 5.40
N LEU A 13 13.32 -22.22 4.43
CA LEU A 13 13.66 -22.94 3.22
C LEU A 13 15.04 -23.61 3.32
N LEU A 14 15.57 -23.63 4.54
CA LEU A 14 16.88 -24.22 4.85
C LEU A 14 17.95 -23.76 3.87
N LEU A 15 18.13 -22.45 3.84
CA LEU A 15 19.16 -21.85 3.01
C LEU A 15 20.49 -22.47 3.37
N ASP A 16 20.71 -22.64 4.66
CA ASP A 16 21.90 -23.26 5.17
C ASP A 16 22.24 -24.57 4.45
N GLN A 17 21.21 -25.31 4.05
CA GLN A 17 21.45 -26.58 3.36
C GLN A 17 21.54 -26.45 1.85
N GLN A 18 21.45 -25.24 1.32
CA GLN A 18 21.54 -24.98 -0.10
C GLN A 18 22.92 -24.49 -0.43
N LEU A 19 23.79 -24.44 0.57
CA LEU A 19 25.12 -23.89 0.36
C LEU A 19 26.19 -24.97 0.36
N ALA A 20 27.29 -24.70 -0.33
CA ALA A 20 28.48 -25.53 -0.23
C ALA A 20 29.12 -25.31 1.14
N ASP A 21 29.79 -26.34 1.66
CA ASP A 21 30.50 -26.24 2.94
C ASP A 21 31.50 -25.07 2.92
N ASP A 22 32.18 -24.97 1.79
CA ASP A 22 32.94 -23.81 1.30
C ASP A 22 32.35 -22.45 1.76
N GLU A 23 31.16 -22.14 1.26
CA GLU A 23 30.49 -20.87 1.46
C GLU A 23 29.96 -20.74 2.90
N ARG A 24 29.50 -21.87 3.43
CA ARG A 24 29.06 -21.96 4.81
C ARG A 24 30.19 -21.50 5.77
N MET A 25 31.40 -21.98 5.52
CA MET A 25 32.58 -21.59 6.30
C MET A 25 32.81 -20.09 6.23
N VAL A 26 32.79 -19.54 5.02
CA VAL A 26 32.99 -18.09 4.80
C VAL A 26 31.91 -17.27 5.52
N ARG A 27 30.67 -17.74 5.44
CA ARG A 27 29.58 -17.14 6.19
C ARG A 27 29.84 -17.11 7.71
N ASP A 28 30.13 -18.28 8.29
CA ASP A 28 30.35 -18.39 9.75
C ASP A 28 31.48 -17.48 10.19
N ALA A 29 32.54 -17.45 9.38
CA ALA A 29 33.69 -16.63 9.65
C ALA A 29 33.34 -15.14 9.60
N ALA A 30 32.49 -14.75 8.65
CA ALA A 30 32.01 -13.35 8.52
C ALA A 30 31.15 -13.02 9.72
N HIS A 31 30.30 -13.95 10.07
CA HIS A 31 29.45 -13.82 11.23
C HIS A 31 30.23 -13.63 12.55
N ALA A 32 31.22 -14.49 12.81
CA ALA A 32 32.05 -14.38 14.03
C ALA A 32 32.72 -13.02 14.09
N TYR A 33 33.33 -12.59 12.97
CA TYR A 33 33.94 -11.24 12.95
C TYR A 33 32.96 -10.10 13.19
N ALA A 34 31.85 -10.11 12.45
CA ALA A 34 30.83 -9.07 12.59
C ALA A 34 30.29 -9.00 14.03
N GLN A 35 29.98 -10.16 14.60
CA GLN A 35 29.37 -10.20 15.91
C GLN A 35 30.38 -9.92 17.00
N GLY A 36 31.62 -10.33 16.78
CA GLY A 36 32.65 -10.19 17.82
C GLY A 36 33.30 -8.82 17.81
N LYS A 37 33.54 -8.29 16.61
CA LYS A 37 34.19 -7.00 16.50
C LYS A 37 33.28 -5.79 16.10
N LEU A 38 32.29 -6.00 15.25
CA LEU A 38 31.47 -4.89 14.78
C LEU A 38 30.29 -4.61 15.70
N ALA A 39 29.63 -5.64 16.20
CA ALA A 39 28.55 -5.40 17.17
C ALA A 39 28.93 -4.54 18.41
N PRO A 40 30.06 -4.85 19.07
CA PRO A 40 30.38 -4.03 20.23
C PRO A 40 30.56 -2.54 19.89
N ARG A 41 31.01 -2.24 18.68
CA ARG A 41 31.37 -0.88 18.31
C ARG A 41 30.17 0.02 17.94
N VAL A 42 29.06 -0.61 17.52
CA VAL A 42 28.10 0.00 16.61
C VAL A 42 27.24 1.14 17.15
N THR A 43 26.69 0.97 18.35
CA THR A 43 25.83 1.98 18.97
C THR A 43 26.53 3.34 19.15
N GLU A 44 27.72 3.33 19.75
CA GLU A 44 28.50 4.56 19.94
C GLU A 44 28.99 5.06 18.58
N ALA A 45 29.50 4.14 17.75
CA ALA A 45 29.97 4.56 16.42
C ALA A 45 28.85 5.31 15.65
N PHE A 46 27.63 4.73 15.67
CA PHE A 46 26.54 5.37 15.01
C PHE A 46 26.14 6.67 15.72
N ARG A 47 25.95 6.63 17.03
CA ARG A 47 25.57 7.86 17.70
C ARG A 47 26.58 8.99 17.49
N HIS A 48 27.87 8.68 17.43
CA HIS A 48 28.89 9.75 17.44
C HIS A 48 29.60 9.97 16.15
N GLU A 49 29.22 9.21 15.13
CA GLU A 49 29.78 9.34 13.80
C GLU A 49 31.30 9.14 13.85
N THR A 50 31.72 8.12 14.58
CA THR A 50 33.14 7.91 14.82
C THR A 50 33.86 7.23 13.67
N THR A 51 35.09 7.70 13.43
CA THR A 51 35.94 7.13 12.39
C THR A 51 36.72 5.96 12.93
N ASP A 52 36.48 4.75 12.45
CA ASP A 52 37.37 3.64 12.85
C ASP A 52 38.05 3.00 11.66
N ALA A 53 39.11 3.65 11.17
CA ALA A 53 39.92 3.14 10.03
C ALA A 53 40.47 1.74 10.23
N ALA A 54 40.69 1.35 11.49
CA ALA A 54 41.29 0.06 11.84
C ALA A 54 40.44 -1.11 11.33
N ILE A 55 39.21 -0.81 10.91
CA ILE A 55 38.25 -1.84 10.49
C ILE A 55 38.70 -2.57 9.22
N PHE A 56 39.31 -1.84 8.30
CA PHE A 56 39.74 -2.38 6.99
C PHE A 56 40.79 -3.48 7.09
N ARG A 57 41.80 -3.29 7.94
CA ARG A 57 42.81 -4.33 8.21
C ARG A 57 42.18 -5.56 8.83
N GLU A 58 41.25 -5.36 9.75
CA GLU A 58 40.52 -6.49 10.35
C GLU A 58 39.77 -7.32 9.30
N MET A 59 38.97 -6.63 8.48
CA MET A 59 38.23 -7.29 7.43
C MET A 59 39.16 -7.91 6.43
N GLY A 60 40.27 -7.21 6.14
CA GLY A 60 41.22 -7.61 5.11
C GLY A 60 41.96 -8.87 5.46
N GLU A 61 42.52 -8.91 6.66
CA GLU A 61 43.35 -10.03 7.06
C GLU A 61 42.59 -11.36 7.18
N ILE A 62 41.25 -11.31 7.18
CA ILE A 62 40.45 -12.53 7.14
C ILE A 62 39.81 -12.76 5.77
N GLY A 63 40.14 -11.90 4.81
CA GLY A 63 39.72 -12.09 3.42
C GLY A 63 38.29 -11.69 3.09
N LEU A 64 37.79 -10.64 3.76
CA LEU A 64 36.48 -10.04 3.46
C LEU A 64 36.53 -8.95 2.42
N LEU A 65 37.73 -8.47 2.08
CA LEU A 65 37.88 -7.44 1.06
C LEU A 65 38.25 -8.08 -0.26
N GLY A 66 37.51 -7.72 -1.31
CA GLY A 66 37.66 -8.36 -2.60
C GLY A 66 37.34 -9.85 -2.65
N PRO A 67 36.25 -10.29 -1.97
CA PRO A 67 35.87 -11.72 -1.99
C PRO A 67 36.20 -12.47 -3.30
N THR A 68 35.86 -11.84 -4.42
CA THR A 68 35.89 -12.48 -5.73
C THR A 68 37.25 -12.34 -6.41
N ILE A 69 38.06 -11.39 -5.94
CA ILE A 69 39.40 -11.18 -6.47
C ILE A 69 40.33 -12.39 -6.26
N PRO A 70 40.99 -12.86 -7.34
CA PRO A 70 41.84 -14.05 -7.27
C PRO A 70 43.01 -13.89 -6.30
N GLU A 71 43.53 -15.04 -5.89
CA GLU A 71 44.71 -15.15 -5.01
C GLU A 71 45.98 -14.54 -5.58
N GLN A 72 46.10 -14.54 -6.90
CA GLN A 72 47.23 -13.92 -7.57
C GLN A 72 47.44 -12.52 -7.05
N TYR A 73 46.34 -11.85 -6.74
CA TYR A 73 46.44 -10.48 -6.25
C TYR A 73 46.06 -10.27 -4.79
N GLY A 74 45.94 -11.34 -4.02
CA GLY A 74 45.80 -11.22 -2.57
C GLY A 74 44.38 -11.43 -2.07
N GLY A 75 43.44 -11.59 -3.01
CA GLY A 75 42.08 -11.88 -2.65
C GLY A 75 41.97 -13.32 -2.23
N PRO A 76 40.80 -13.72 -1.73
CA PRO A 76 40.51 -15.12 -1.44
C PRO A 76 39.98 -15.91 -2.62
N GLY A 77 39.77 -15.24 -3.76
CA GLY A 77 39.21 -15.90 -4.94
C GLY A 77 37.97 -16.76 -4.67
N LEU A 78 37.00 -16.17 -3.98
CA LEU A 78 35.71 -16.83 -3.70
C LEU A 78 34.65 -16.54 -4.78
N ASP A 79 33.58 -17.33 -4.79
CA ASP A 79 32.51 -17.13 -5.78
C ASP A 79 31.54 -15.99 -5.37
N TYR A 80 30.57 -15.68 -6.21
CA TYR A 80 29.65 -14.61 -5.90
C TYR A 80 28.70 -14.87 -4.71
N VAL A 81 28.42 -16.15 -4.46
CA VAL A 81 27.51 -16.48 -3.39
C VAL A 81 28.20 -16.16 -2.09
N SER A 82 29.52 -16.43 -2.02
CA SER A 82 30.28 -16.12 -0.80
C SER A 82 30.32 -14.62 -0.53
N TYR A 83 30.46 -13.84 -1.60
CA TYR A 83 30.49 -12.39 -1.46
C TYR A 83 29.18 -11.94 -0.84
N GLY A 84 28.06 -12.41 -1.42
CA GLY A 84 26.75 -12.19 -0.88
C GLY A 84 26.67 -12.47 0.61
N LEU A 85 26.98 -13.72 0.97
CA LEU A 85 26.99 -14.13 2.36
C LEU A 85 27.80 -13.14 3.26
N ILE A 86 28.98 -12.71 2.79
CA ILE A 86 29.76 -11.75 3.56
C ILE A 86 28.99 -10.44 3.73
N ALA A 87 28.55 -9.82 2.63
CA ALA A 87 27.74 -8.61 2.70
C ALA A 87 26.55 -8.71 3.69
N ARG A 88 25.90 -9.85 3.73
CA ARG A 88 24.74 -10.06 4.57
C ARG A 88 25.09 -10.11 6.06
N GLU A 89 26.22 -10.72 6.41
CA GLU A 89 26.60 -10.82 7.82
C GLU A 89 27.04 -9.48 8.36
N VAL A 90 27.70 -8.69 7.51
CA VAL A 90 28.13 -7.34 7.91
C VAL A 90 26.95 -6.35 8.07
N GLU A 91 26.07 -6.30 7.06
CA GLU A 91 24.92 -5.41 7.15
C GLU A 91 23.99 -5.82 8.32
N ARG A 92 24.01 -7.10 8.67
CA ARG A 92 23.26 -7.61 9.82
C ARG A 92 23.54 -6.77 11.06
N VAL A 93 24.81 -6.36 11.18
CA VAL A 93 25.21 -5.44 12.22
C VAL A 93 24.89 -3.96 11.87
N ASP A 94 25.36 -3.51 10.70
CA ASP A 94 25.13 -2.16 10.19
C ASP A 94 25.42 -1.94 8.69
N SER A 95 24.50 -1.30 7.98
CA SER A 95 24.69 -0.89 6.57
C SER A 95 25.94 -0.06 6.36
N GLY A 96 26.31 0.73 7.35
CA GLY A 96 27.51 1.56 7.24
C GLY A 96 28.80 0.78 7.11
N TYR A 97 28.94 -0.30 7.89
CA TYR A 97 30.12 -1.15 7.74
C TYR A 97 30.05 -1.89 6.43
N ARG A 98 28.87 -2.41 6.06
CA ARG A 98 28.77 -3.07 4.76
C ARG A 98 29.21 -2.12 3.66
N SER A 99 28.86 -0.85 3.82
CA SER A 99 29.17 0.14 2.83
C SER A 99 30.68 0.23 2.65
N MET A 100 31.41 0.19 3.76
CA MET A 100 32.86 0.28 3.74
C MET A 100 33.43 -0.85 2.90
N MET A 101 32.90 -2.03 3.13
CA MET A 101 33.39 -3.22 2.50
C MET A 101 32.96 -3.32 1.01
N SER A 102 31.71 -2.98 0.72
CA SER A 102 31.25 -3.06 -0.66
C SER A 102 31.99 -2.06 -1.56
N VAL A 103 32.32 -0.89 -1.04
CA VAL A 103 33.18 0.07 -1.75
C VAL A 103 34.56 -0.53 -2.07
N GLN A 104 35.24 -1.11 -1.07
CA GLN A 104 36.56 -1.73 -1.31
C GLN A 104 36.47 -2.78 -2.38
N SER A 105 35.54 -3.70 -2.23
CA SER A 105 35.48 -4.83 -3.14
C SER A 105 35.01 -4.39 -4.51
N SER A 106 33.76 -3.96 -4.61
CA SER A 106 33.13 -3.80 -5.91
C SER A 106 33.50 -2.50 -6.61
N LEU A 107 33.89 -1.47 -5.86
CA LEU A 107 34.03 -0.17 -6.49
C LEU A 107 35.47 0.30 -6.57
N VAL A 108 36.37 -0.46 -5.95
CA VAL A 108 37.78 -0.09 -6.00
C VAL A 108 38.59 -1.21 -6.62
N MET A 109 38.56 -2.37 -5.99
CA MET A 109 39.29 -3.53 -6.46
C MET A 109 38.80 -4.06 -7.81
N VAL A 110 37.47 -4.11 -8.01
CA VAL A 110 36.92 -4.63 -9.28
C VAL A 110 37.35 -3.81 -10.51
N PRO A 111 37.15 -2.48 -10.53
CA PRO A 111 37.57 -1.79 -11.75
C PRO A 111 39.07 -1.94 -12.01
N ILE A 112 39.86 -1.98 -10.95
CA ILE A 112 41.30 -2.17 -11.09
C ILE A 112 41.64 -3.53 -11.67
N PHE A 113 41.10 -4.60 -11.09
CA PHE A 113 41.33 -5.99 -11.55
C PHE A 113 40.80 -6.22 -12.96
N GLU A 114 39.80 -5.45 -13.31
CA GLU A 114 39.03 -5.74 -14.50
C GLU A 114 39.44 -4.84 -15.66
N PHE A 115 39.91 -3.64 -15.34
CA PHE A 115 40.16 -2.60 -16.33
C PHE A 115 41.61 -2.09 -16.35
N GLY A 116 42.33 -2.35 -15.26
CA GLY A 116 43.65 -1.80 -15.08
C GLY A 116 44.72 -2.59 -15.80
N SER A 117 45.93 -2.03 -15.82
CA SER A 117 47.09 -2.67 -16.43
C SER A 117 47.61 -3.73 -15.48
N ASP A 118 48.55 -4.54 -15.95
CA ASP A 118 49.23 -5.49 -15.08
C ASP A 118 49.99 -4.80 -13.95
N ALA A 119 50.64 -3.68 -14.26
CA ALA A 119 51.39 -2.93 -13.24
C ALA A 119 50.46 -2.38 -12.16
N GLN A 120 49.34 -1.80 -12.59
CA GLN A 120 48.33 -1.31 -11.68
C GLN A 120 47.83 -2.43 -10.74
N LYS A 121 47.42 -3.55 -11.31
CA LYS A 121 46.92 -4.68 -10.55
C LYS A 121 47.89 -5.15 -9.45
N GLU A 122 49.18 -5.22 -9.76
CA GLU A 122 50.16 -5.70 -8.77
C GLU A 122 50.51 -4.61 -7.74
N LYS A 123 50.50 -3.36 -8.20
CA LYS A 123 50.67 -2.24 -7.28
C LYS A 123 49.58 -2.12 -6.20
N TYR A 124 48.31 -2.34 -6.59
CA TYR A 124 47.17 -1.84 -5.78
C TYR A 124 46.36 -2.89 -5.06
N LEU A 125 46.08 -3.98 -5.76
CA LEU A 125 45.23 -5.05 -5.24
C LEU A 125 45.72 -5.69 -3.93
N PRO A 126 47.00 -6.11 -3.87
CA PRO A 126 47.41 -6.78 -2.65
C PRO A 126 47.23 -5.93 -1.39
N LYS A 127 47.42 -4.62 -1.50
CA LYS A 127 47.29 -3.78 -0.33
C LYS A 127 45.80 -3.49 -0.03
N LEU A 128 45.01 -3.43 -1.10
CA LEU A 128 43.57 -3.23 -0.95
C LEU A 128 42.99 -4.47 -0.31
N ALA A 129 43.56 -5.64 -0.68
CA ALA A 129 43.13 -6.95 -0.16
C ALA A 129 43.30 -7.10 1.35
N THR A 130 44.44 -6.69 1.88
CA THR A 130 44.73 -6.88 3.32
C THR A 130 44.16 -5.73 4.12
N GLY A 131 43.81 -4.66 3.40
CA GLY A 131 43.25 -3.49 4.02
C GLY A 131 44.31 -2.48 4.39
N GLU A 132 45.58 -2.75 4.07
CA GLU A 132 46.62 -1.76 4.28
C GLU A 132 46.25 -0.47 3.52
N TRP A 133 45.70 -0.63 2.33
CA TRP A 133 45.22 0.50 1.59
C TRP A 133 43.70 0.58 1.58
N ILE A 134 43.21 1.76 1.97
CA ILE A 134 41.79 2.05 1.91
C ILE A 134 41.54 2.74 0.59
N GLY A 135 40.61 2.20 -0.18
CA GLY A 135 40.22 2.78 -1.46
C GLY A 135 38.87 3.48 -1.47
N CYS A 136 38.65 4.29 -2.51
CA CYS A 136 37.38 4.99 -2.71
C CYS A 136 37.08 5.27 -4.18
N PHE A 137 35.84 5.61 -4.46
CA PHE A 137 35.29 5.61 -5.80
C PHE A 137 34.71 6.99 -6.08
N GLY A 138 35.27 7.70 -7.06
CA GLY A 138 34.82 9.07 -7.34
C GLY A 138 34.00 9.15 -8.62
N LEU A 139 32.68 9.10 -8.47
CA LEU A 139 31.73 9.10 -9.59
C LEU A 139 30.59 10.11 -9.46
N THR A 140 29.94 10.15 -8.29
CA THR A 140 28.90 11.12 -8.00
C THR A 140 29.43 12.57 -7.86
N GLU A 141 28.70 13.52 -8.46
CA GLU A 141 29.07 14.95 -8.39
C GLU A 141 28.05 15.79 -7.62
N PRO A 142 28.45 17.00 -7.16
CA PRO A 142 27.43 17.92 -6.60
C PRO A 142 26.50 18.47 -7.69
N ASN A 143 25.28 17.90 -7.79
CA ASN A 143 24.39 17.92 -8.98
C ASN A 143 24.65 16.78 -9.95
N PRO A 148 25.50 11.14 -14.55
CA PRO A 148 26.25 9.93 -14.94
C PRO A 148 26.97 10.13 -16.27
N GLY A 149 26.22 10.38 -17.34
CA GLY A 149 26.80 10.72 -18.64
C GLY A 149 27.05 12.22 -18.79
N SER A 150 26.33 13.01 -17.99
CA SER A 150 26.44 14.46 -17.96
C SER A 150 27.43 14.91 -16.86
N MET A 151 28.53 14.17 -16.78
CA MET A 151 29.60 14.41 -15.83
C MET A 151 30.51 15.56 -16.29
N VAL A 152 31.19 16.18 -15.32
CA VAL A 152 31.82 17.49 -15.46
C VAL A 152 33.27 17.54 -14.96
N THR A 153 33.68 16.51 -14.22
CA THR A 153 35.09 16.34 -13.84
C THR A 153 35.88 16.01 -15.10
N ARG A 154 36.89 16.83 -15.35
CA ARG A 154 37.54 16.89 -16.67
C ARG A 154 39.00 16.44 -16.57
N ALA A 155 39.38 15.56 -17.48
CA ALA A 155 40.77 15.22 -17.67
C ALA A 155 41.27 15.84 -18.97
N ARG A 156 42.32 16.65 -18.87
CA ARG A 156 42.97 17.21 -20.04
C ARG A 156 44.41 16.72 -20.13
N LYS A 157 44.89 16.57 -21.36
CA LYS A 157 46.19 15.96 -21.66
C LYS A 157 47.32 16.95 -21.42
N VAL A 158 48.40 16.48 -20.82
CA VAL A 158 49.57 17.31 -20.54
C VAL A 158 50.83 16.48 -20.80
N PRO A 159 52.02 17.11 -20.71
CA PRO A 159 53.22 16.27 -20.73
C PRO A 159 53.32 15.39 -19.48
N GLY A 160 53.58 14.11 -19.68
CA GLY A 160 53.73 13.17 -18.57
C GLY A 160 52.42 12.48 -18.18
N GLY A 161 51.28 12.99 -18.69
CA GLY A 161 50.00 12.34 -18.46
C GLY A 161 48.79 13.25 -18.52
N TYR A 162 48.15 13.45 -17.36
CA TYR A 162 46.84 14.06 -17.27
C TYR A 162 46.70 15.02 -16.10
N SER A 163 45.76 15.96 -16.24
CA SER A 163 45.49 16.93 -15.19
C SER A 163 43.98 17.13 -14.96
N LEU A 164 43.56 16.70 -13.79
CA LEU A 164 42.15 16.58 -13.46
C LEU A 164 41.64 17.71 -12.56
N SER A 165 40.51 18.30 -12.92
CA SER A 165 39.82 19.23 -12.04
C SER A 165 38.35 18.84 -12.00
N GLY A 166 37.73 19.07 -10.86
CA GLY A 166 36.36 18.68 -10.67
C GLY A 166 36.17 18.29 -9.23
N SER A 167 34.92 17.93 -8.90
CA SER A 167 34.51 17.61 -7.54
C SER A 167 33.62 16.38 -7.47
N LYS A 168 33.81 15.57 -6.42
CA LYS A 168 32.94 14.45 -6.18
C LYS A 168 32.32 14.60 -4.80
N MET A 169 31.07 14.18 -4.69
CA MET A 169 30.33 14.40 -3.48
C MET A 169 29.81 13.05 -3.02
N TRP A 170 29.63 12.94 -1.70
CA TRP A 170 29.20 11.70 -0.99
C TRP A 170 30.05 10.48 -1.33
N ILE A 171 31.35 10.59 -1.14
CA ILE A 171 32.25 9.49 -1.49
C ILE A 171 32.60 8.73 -0.25
N THR A 172 32.07 7.52 -0.12
CA THR A 172 32.37 6.83 1.12
C THR A 172 33.84 6.38 1.17
N ASN A 173 34.45 6.63 2.33
CA ASN A 173 35.87 6.29 2.66
C ASN A 173 36.85 7.44 2.36
N SER A 174 36.42 8.46 1.60
CA SER A 174 37.42 9.39 1.05
C SER A 174 38.32 10.09 2.07
N PRO A 175 37.77 10.52 3.21
CA PRO A 175 38.69 11.22 4.10
C PRO A 175 39.76 10.30 4.66
N ILE A 176 39.58 8.97 4.60
CA ILE A 176 40.60 8.06 5.12
C ILE A 176 41.25 7.20 4.05
N ALA A 177 41.08 7.60 2.80
CA ALA A 177 41.47 6.76 1.68
C ALA A 177 42.93 6.96 1.32
N ASP A 178 43.57 5.86 0.95
CA ASP A 178 44.93 5.86 0.42
C ASP A 178 44.85 5.85 -1.09
N VAL A 179 43.83 5.17 -1.64
CA VAL A 179 43.68 4.97 -3.09
C VAL A 179 42.33 5.49 -3.58
N PHE A 180 42.32 6.16 -4.73
CA PHE A 180 41.17 6.88 -5.25
C PHE A 180 40.92 6.43 -6.68
N VAL A 181 39.78 5.81 -6.96
CA VAL A 181 39.43 5.52 -8.35
C VAL A 181 38.46 6.60 -8.83
N VAL A 182 38.90 7.38 -9.82
CA VAL A 182 38.20 8.62 -10.14
C VAL A 182 37.81 8.66 -11.58
N TRP A 183 36.53 8.89 -11.84
CA TRP A 183 36.01 8.84 -13.19
C TRP A 183 35.89 10.25 -13.73
N ALA A 184 36.54 10.49 -14.87
CA ALA A 184 36.54 11.83 -15.46
C ALA A 184 36.48 11.79 -16.98
N LYS A 185 35.87 12.82 -17.57
CA LYS A 185 35.80 12.89 -19.02
C LYS A 185 37.16 13.27 -19.59
N LEU A 186 37.60 12.51 -20.59
CA LEU A 186 38.81 12.82 -21.36
C LEU A 186 38.48 12.85 -22.84
N ASP A 187 38.55 14.06 -23.41
CA ASP A 187 38.32 14.31 -24.83
C ASP A 187 39.57 13.90 -25.61
N GLU A 188 39.43 12.87 -26.45
CA GLU A 188 40.60 12.28 -27.16
C GLU A 188 40.19 11.54 -28.43
N ASP A 189 41.04 11.64 -29.47
CA ASP A 189 40.65 11.23 -30.82
C ASP A 189 39.35 12.02 -31.13
N GLY A 190 39.36 13.32 -30.80
CA GLY A 190 38.13 14.10 -30.72
C GLY A 190 37.31 13.56 -29.54
N ARG A 191 36.47 12.54 -29.84
CA ARG A 191 35.67 11.73 -28.87
C ARG A 191 35.77 12.01 -27.36
N ASP A 192 34.65 12.45 -26.77
CA ASP A 192 34.58 12.73 -25.34
C ASP A 192 34.02 11.55 -24.57
N GLU A 193 34.88 10.88 -23.82
CA GLU A 193 34.49 9.69 -23.10
C GLU A 193 34.90 9.69 -21.63
N ILE A 194 34.18 8.90 -20.85
CA ILE A 194 34.48 8.72 -19.43
C ILE A 194 35.65 7.77 -19.28
N ARG A 195 36.66 8.19 -18.53
CA ARG A 195 37.81 7.35 -18.21
C ARG A 195 38.03 7.22 -16.71
N GLY A 196 38.71 6.15 -16.30
CA GLY A 196 39.11 5.96 -14.91
C GLY A 196 40.58 6.24 -14.58
N PHE A 197 40.81 6.99 -13.50
CA PHE A 197 42.15 7.34 -13.08
C PHE A 197 42.37 6.95 -11.62
N ILE A 198 43.53 6.37 -11.33
CA ILE A 198 43.91 6.04 -9.97
C ILE A 198 44.77 7.17 -9.42
N LEU A 199 44.39 7.74 -8.27
CA LEU A 199 45.21 8.72 -7.57
C LEU A 199 45.57 8.19 -6.18
N GLU A 200 46.61 8.75 -5.59
CA GLU A 200 47.08 8.30 -4.27
C GLU A 200 47.03 9.43 -3.26
N LYS A 201 46.78 9.08 -2.01
CA LYS A 201 46.79 10.06 -0.94
C LYS A 201 48.08 10.86 -0.96
N GLY A 202 47.94 12.17 -0.77
CA GLY A 202 49.10 13.08 -0.70
C GLY A 202 49.45 13.77 -2.01
N CYS A 203 48.92 13.27 -3.12
CA CYS A 203 49.14 13.89 -4.41
C CYS A 203 48.63 15.35 -4.44
N LYS A 204 49.44 16.25 -4.99
CA LYS A 204 49.11 17.69 -5.07
C LYS A 204 47.79 18.01 -5.78
N GLY A 205 46.95 18.82 -5.17
CA GLY A 205 45.70 19.22 -5.80
C GLY A 205 44.55 18.25 -5.57
N LEU A 206 44.81 17.18 -4.81
CA LEU A 206 43.80 16.27 -4.36
C LEU A 206 43.55 16.48 -2.85
N SER A 207 42.35 16.94 -2.49
CA SER A 207 41.94 16.93 -1.08
C SER A 207 40.60 16.16 -0.85
N ALA A 208 40.45 15.59 0.35
CA ALA A 208 39.26 14.80 0.66
C ALA A 208 38.58 15.24 1.96
N PRO A 209 38.03 16.48 2.00
CA PRO A 209 37.45 16.92 3.26
C PRO A 209 36.30 16.00 3.67
N ALA A 210 36.08 15.84 4.97
CA ALA A 210 35.03 14.96 5.45
C ALA A 210 33.70 15.70 5.61
N ILE A 211 32.60 14.98 5.41
CA ILE A 211 31.25 15.45 5.66
C ILE A 211 30.75 14.88 6.99
N HIS A 212 30.27 15.74 7.87
CA HIS A 212 29.72 15.29 9.15
C HIS A 212 28.24 15.65 9.39
N GLY A 213 27.67 15.08 10.45
CA GLY A 213 26.23 15.24 10.67
C GLY A 213 25.38 14.61 9.58
N LYS A 214 25.67 13.35 9.23
CA LYS A 214 24.81 12.58 8.33
C LYS A 214 23.56 12.13 9.08
N VAL A 215 22.46 11.97 8.34
CA VAL A 215 21.21 11.39 8.86
C VAL A 215 21.28 9.87 8.93
N GLY A 216 21.74 9.22 7.86
CA GLY A 216 21.99 7.77 7.86
C GLY A 216 23.44 7.35 7.60
N LEU A 217 23.72 6.06 7.79
CA LEU A 217 25.04 5.48 7.56
C LEU A 217 26.10 6.25 8.35
N ARG A 218 25.79 6.57 9.60
CA ARG A 218 26.67 7.37 10.43
C ARG A 218 27.91 6.62 10.90
N ALA A 219 27.89 5.29 10.82
CA ALA A 219 29.03 4.48 11.25
C ALA A 219 30.05 4.41 10.16
N SER A 220 29.77 5.07 9.05
CA SER A 220 30.71 5.04 7.97
C SER A 220 31.14 6.45 7.61
N ILE A 221 32.44 6.66 7.48
CA ILE A 221 32.97 7.95 7.08
C ILE A 221 32.77 8.29 5.57
N THR A 222 32.29 9.49 5.31
CA THR A 222 32.06 9.96 3.95
C THR A 222 32.64 11.35 3.81
N GLY A 223 33.13 11.66 2.62
CA GLY A 223 33.50 13.03 2.28
C GLY A 223 33.47 13.33 0.80
N GLU A 224 34.31 14.29 0.41
CA GLU A 224 34.37 14.74 -0.96
C GLU A 224 35.70 14.35 -1.58
N ILE A 225 35.78 14.52 -2.90
CA ILE A 225 37.06 14.49 -3.60
C ILE A 225 37.14 15.77 -4.43
N VAL A 226 38.05 16.66 -4.04
CA VAL A 226 38.22 17.94 -4.73
C VAL A 226 39.52 17.91 -5.52
N LEU A 227 39.35 17.87 -6.85
CA LEU A 227 40.45 17.80 -7.81
C LEU A 227 40.73 19.19 -8.39
N ASP A 228 41.94 19.69 -8.10
CA ASP A 228 42.40 21.00 -8.57
C ASP A 228 43.70 20.83 -9.36
N GLU A 229 43.56 20.62 -10.66
CA GLU A 229 44.70 20.37 -11.55
C GLU A 229 45.64 19.36 -10.90
N ALA A 230 45.09 18.22 -10.51
CA ALA A 230 45.86 17.21 -9.84
C ALA A 230 46.56 16.40 -10.91
N PHE A 231 47.85 16.11 -10.70
CA PHE A 231 48.60 15.42 -11.74
C PHE A 231 48.56 13.90 -11.66
N VAL A 232 48.09 13.30 -12.75
CA VAL A 232 47.99 11.84 -12.87
C VAL A 232 48.93 11.38 -13.99
N PRO A 233 49.97 10.60 -13.64
CA PRO A 233 50.91 9.98 -14.58
C PRO A 233 50.17 9.18 -15.64
N GLU A 234 50.76 9.03 -16.83
CA GLU A 234 50.12 8.26 -17.91
C GLU A 234 49.98 6.77 -17.55
N GLU A 235 50.62 6.35 -16.46
CA GLU A 235 50.51 4.95 -16.00
C GLU A 235 49.46 4.77 -14.91
N ASN A 236 48.70 5.82 -14.63
CA ASN A 236 47.61 5.76 -13.65
C ASN A 236 46.23 5.86 -14.28
N ILE A 237 46.19 5.87 -15.61
CA ILE A 237 44.92 5.74 -16.33
C ILE A 237 44.56 4.28 -16.61
N LEU A 238 43.32 3.92 -16.28
CA LEU A 238 42.75 2.63 -16.62
C LEU A 238 42.78 2.46 -18.14
N PRO A 239 43.62 1.53 -18.62
CA PRO A 239 43.81 1.35 -20.07
C PRO A 239 42.64 0.68 -20.79
N HIS A 240 41.86 -0.14 -20.08
CA HIS A 240 40.96 -1.07 -20.78
C HIS A 240 39.48 -0.81 -20.67
N VAL A 241 39.11 0.46 -20.50
CA VAL A 241 37.72 0.82 -20.43
C VAL A 241 37.46 2.29 -20.74
N LYS A 242 36.34 2.53 -21.42
CA LYS A 242 35.91 3.88 -21.80
C LYS A 242 34.39 3.97 -21.69
N GLY A 243 33.88 5.12 -21.28
CA GLY A 243 32.43 5.36 -21.25
C GLY A 243 31.65 4.74 -20.09
N LEU A 244 30.34 4.55 -20.32
CA LEU A 244 29.41 4.13 -19.29
C LEU A 244 29.77 2.78 -18.69
N ARG A 245 30.31 1.88 -19.52
CA ARG A 245 30.66 0.53 -19.12
C ARG A 245 31.59 0.44 -17.92
N GLY A 246 32.47 1.40 -17.75
CA GLY A 246 33.37 1.40 -16.60
C GLY A 246 32.61 1.50 -15.28
N PRO A 247 32.04 2.70 -15.00
CA PRO A 247 31.30 2.97 -13.76
C PRO A 247 30.17 1.97 -13.53
N PHE A 248 29.51 1.59 -14.61
CA PHE A 248 28.41 0.64 -14.56
C PHE A 248 28.83 -0.76 -14.07
N THR A 249 29.96 -1.26 -14.59
CA THR A 249 30.44 -2.59 -14.20
C THR A 249 30.65 -2.66 -12.68
N CYS A 250 31.00 -1.52 -12.09
CA CYS A 250 31.35 -1.43 -10.67
C CYS A 250 30.08 -1.39 -9.78
N LEU A 251 29.15 -0.55 -10.18
CA LEU A 251 27.88 -0.39 -9.54
C LEU A 251 27.10 -1.70 -9.61
N ASN A 252 27.14 -2.36 -10.76
CA ASN A 252 26.47 -3.65 -10.89
C ASN A 252 26.98 -4.64 -9.88
N SER A 253 28.29 -4.60 -9.63
CA SER A 253 28.92 -5.49 -8.68
C SER A 253 28.48 -5.12 -7.26
N ALA A 254 28.51 -3.84 -6.95
CA ALA A 254 28.03 -3.32 -5.69
C ALA A 254 26.55 -3.60 -5.42
N ARG A 255 25.71 -3.47 -6.44
CA ARG A 255 24.27 -3.72 -6.25
C ARG A 255 23.99 -5.16 -5.87
N TYR A 256 24.78 -6.08 -6.41
CA TYR A 256 24.70 -7.46 -6.00
C TYR A 256 24.99 -7.61 -4.51
N GLY A 257 25.99 -6.89 -4.01
CA GLY A 257 26.39 -7.02 -2.62
C GLY A 257 25.33 -6.39 -1.73
N ILE A 258 24.91 -5.18 -2.09
CA ILE A 258 23.78 -4.53 -1.46
C ILE A 258 22.51 -5.39 -1.47
N ALA A 259 22.27 -6.14 -2.55
CA ALA A 259 21.04 -6.96 -2.57
C ALA A 259 21.08 -8.03 -1.49
N TRP A 260 22.26 -8.53 -1.15
CA TRP A 260 22.40 -9.48 -0.02
C TRP A 260 22.46 -8.79 1.35
N GLY A 261 23.26 -7.74 1.47
CA GLY A 261 23.37 -6.99 2.72
C GLY A 261 22.05 -6.49 3.28
N ALA A 262 21.22 -5.91 2.42
CA ALA A 262 19.94 -5.39 2.86
C ALA A 262 19.10 -6.46 3.58
N LEU A 263 19.21 -7.72 3.15
CA LEU A 263 18.43 -8.80 3.78
C LEU A 263 18.91 -9.16 5.18
N GLY A 264 20.20 -8.93 5.45
CA GLY A 264 20.76 -9.02 6.80
C GLY A 264 20.13 -7.98 7.71
N ALA A 265 20.13 -6.71 7.27
CA ALA A 265 19.43 -5.65 8.03
C ALA A 265 17.97 -5.99 8.26
N ALA A 266 17.32 -6.58 7.27
CA ALA A 266 15.92 -6.89 7.45
C ALA A 266 15.78 -8.03 8.45
N GLU A 267 16.70 -9.01 8.41
CA GLU A 267 16.68 -10.10 9.40
C GLU A 267 16.85 -9.58 10.83
N SER A 268 17.78 -8.64 11.05
CA SER A 268 17.91 -8.03 12.36
C SER A 268 16.60 -7.36 12.81
N CYS A 269 16.01 -6.49 12.01
CA CYS A 269 14.81 -5.81 12.45
C CYS A 269 13.72 -6.85 12.74
N TRP A 270 13.73 -7.95 12.00
CA TRP A 270 12.70 -8.95 12.19
C TRP A 270 12.94 -9.62 13.52
N HIS A 271 14.14 -10.20 13.66
CA HIS A 271 14.59 -10.80 14.91
C HIS A 271 14.37 -9.93 16.14
N ILE A 272 14.60 -8.63 16.03
CA ILE A 272 14.38 -7.70 17.13
C ILE A 272 12.89 -7.56 17.39
N ALA A 273 12.13 -7.34 16.32
CA ALA A 273 10.67 -7.22 16.43
C ALA A 273 10.05 -8.45 17.11
N ARG A 274 10.50 -9.63 16.71
CA ARG A 274 9.96 -10.85 17.25
C ARG A 274 10.24 -10.98 18.74
N GLN A 275 11.43 -10.57 19.15
CA GLN A 275 11.87 -10.76 20.53
C GLN A 275 11.07 -9.84 21.42
N TYR A 276 10.89 -8.62 20.93
CA TYR A 276 10.14 -7.59 21.60
C TYR A 276 8.69 -7.99 21.83
N VAL A 277 8.08 -8.67 20.88
CA VAL A 277 6.68 -9.04 21.09
C VAL A 277 6.54 -10.20 22.08
N LEU A 278 7.61 -10.98 22.23
CA LEU A 278 7.65 -12.08 23.17
C LEU A 278 7.81 -11.58 24.61
N ASP A 279 8.70 -10.62 24.78
CA ASP A 279 8.99 -10.07 26.10
C ASP A 279 7.96 -9.07 26.61
N ARG A 280 7.25 -8.39 25.72
CA ARG A 280 6.28 -7.42 26.15
C ARG A 280 4.96 -8.13 26.46
N LYS A 281 4.23 -7.55 27.41
CA LYS A 281 2.87 -7.98 27.76
C LYS A 281 1.88 -6.85 27.44
N GLN A 282 0.68 -7.23 27.00
CA GLN A 282 -0.43 -6.27 26.83
C GLN A 282 -1.79 -6.93 27.03
N PHE A 283 -2.58 -6.32 27.93
CA PHE A 283 -3.79 -6.93 28.52
C PHE A 283 -3.50 -8.30 29.20
N GLY A 284 -2.36 -8.42 29.87
CA GLY A 284 -1.96 -9.67 30.52
C GLY A 284 -1.25 -10.65 29.57
N ARG A 285 -1.90 -10.93 28.43
CA ARG A 285 -1.34 -11.73 27.33
C ARG A 285 -0.10 -11.06 26.75
N PRO A 286 0.90 -11.86 26.30
CA PRO A 286 2.03 -11.24 25.62
C PRO A 286 1.61 -10.61 24.30
N LEU A 287 2.44 -9.71 23.81
CA LEU A 287 2.14 -9.02 22.58
C LEU A 287 2.07 -10.02 21.43
N ALA A 288 2.88 -11.09 21.51
CA ALA A 288 2.90 -12.22 20.56
C ALA A 288 1.53 -12.89 20.31
N ALA A 289 0.61 -12.75 21.26
CA ALA A 289 -0.67 -13.41 21.07
C ALA A 289 -1.64 -12.61 20.18
N ASN A 290 -1.28 -11.39 19.85
CA ASN A 290 -2.15 -10.54 19.03
C ASN A 290 -2.11 -10.94 17.54
N GLN A 291 -3.28 -10.94 16.88
CA GLN A 291 -3.39 -11.39 15.48
C GLN A 291 -2.66 -10.50 14.50
N LEU A 292 -2.84 -9.20 14.66
CA LEU A 292 -2.14 -8.21 13.82
C LEU A 292 -0.62 -8.32 13.93
N ILE A 293 -0.15 -8.57 15.15
CA ILE A 293 1.28 -8.74 15.40
C ILE A 293 1.78 -9.96 14.64
N GLN A 294 0.96 -11.02 14.60
CA GLN A 294 1.34 -12.25 13.90
C GLN A 294 1.34 -12.10 12.38
N LYS A 295 0.40 -11.32 11.83
CA LYS A 295 0.43 -10.98 10.39
C LYS A 295 1.78 -10.36 10.06
N LYS A 296 2.15 -9.33 10.83
CA LYS A 296 3.35 -8.60 10.59
C LYS A 296 4.59 -9.50 10.65
N LEU A 297 4.66 -10.42 11.60
CA LEU A 297 5.81 -11.33 11.64
C LEU A 297 5.79 -12.30 10.50
N ALA A 298 4.59 -12.65 10.03
CA ALA A 298 4.46 -13.57 8.91
C ALA A 298 4.95 -12.89 7.64
N ASP A 299 4.48 -11.65 7.42
CA ASP A 299 4.90 -10.86 6.29
C ASP A 299 6.41 -10.71 6.28
N MET A 300 6.99 -10.49 7.47
CA MET A 300 8.43 -10.26 7.59
C MET A 300 9.18 -11.52 7.20
N GLN A 301 8.75 -12.64 7.74
CA GLN A 301 9.38 -13.91 7.43
C GLN A 301 9.26 -14.21 5.93
N THR A 302 8.06 -14.02 5.40
CA THR A 302 7.83 -14.32 4.00
C THR A 302 8.82 -13.58 3.11
N GLU A 303 8.81 -12.25 3.19
CA GLU A 303 9.60 -11.45 2.26
C GLU A 303 11.10 -11.72 2.36
N ILE A 304 11.57 -12.01 3.57
CA ILE A 304 12.97 -12.30 3.78
C ILE A 304 13.36 -13.62 3.15
N THR A 305 12.51 -14.63 3.35
CA THR A 305 12.77 -15.97 2.85
C THR A 305 12.90 -15.98 1.32
N LEU A 306 11.93 -15.36 0.68
CA LEU A 306 11.87 -15.25 -0.75
C LEU A 306 12.97 -14.39 -1.34
N GLY A 307 13.31 -13.29 -0.66
CA GLY A 307 14.37 -12.37 -1.13
C GLY A 307 15.70 -13.10 -1.14
N LEU A 308 15.92 -13.94 -0.12
CA LEU A 308 17.07 -14.83 -0.07
C LEU A 308 17.11 -15.85 -1.22
N GLN A 309 16.00 -16.52 -1.51
CA GLN A 309 16.03 -17.41 -2.67
C GLN A 309 16.40 -16.61 -3.90
N GLY A 310 15.88 -15.39 -4.00
CA GLY A 310 16.25 -14.50 -5.10
C GLY A 310 17.75 -14.25 -5.27
N VAL A 311 18.43 -13.88 -4.19
CA VAL A 311 19.86 -13.53 -4.27
C VAL A 311 20.75 -14.75 -4.33
N LEU A 312 20.33 -15.85 -3.73
CA LEU A 312 21.07 -17.09 -3.91
C LEU A 312 21.09 -17.49 -5.39
N ARG A 313 19.92 -17.55 -5.99
CA ARG A 313 19.82 -17.93 -7.39
C ARG A 313 20.67 -17.01 -8.27
N LEU A 314 20.51 -15.68 -8.13
CA LEU A 314 21.35 -14.75 -8.86
C LEU A 314 22.85 -15.05 -8.66
N GLY A 315 23.22 -15.44 -7.45
CA GLY A 315 24.62 -15.78 -7.16
C GLY A 315 25.10 -16.95 -7.99
N ARG A 316 24.30 -18.02 -8.00
CA ARG A 316 24.62 -19.20 -8.77
C ARG A 316 24.79 -18.80 -10.24
N MET A 317 23.94 -17.89 -10.70
CA MET A 317 23.91 -17.55 -12.11
C MET A 317 25.13 -16.74 -12.44
N LYS A 318 25.60 -15.92 -11.51
CA LYS A 318 26.78 -15.12 -11.80
C LYS A 318 28.04 -15.99 -11.86
N ASP A 319 28.15 -16.93 -10.92
CA ASP A 319 29.22 -17.93 -10.91
C ASP A 319 29.18 -18.78 -12.16
N GLU A 320 27.98 -19.02 -12.70
CA GLU A 320 27.85 -19.77 -13.95
C GLU A 320 28.05 -18.90 -15.19
N GLY A 321 28.09 -17.59 -15.02
CA GLY A 321 28.10 -16.65 -16.15
C GLY A 321 26.82 -16.66 -16.99
N THR A 322 25.71 -17.12 -16.41
CA THR A 322 24.40 -17.09 -17.08
C THR A 322 23.52 -15.90 -16.68
N ALA A 323 23.97 -15.10 -15.73
CA ALA A 323 23.22 -13.94 -15.23
C ALA A 323 23.39 -12.65 -16.06
N ALA A 324 22.30 -12.16 -16.63
CA ALA A 324 22.28 -10.83 -17.24
C ALA A 324 22.22 -9.70 -16.23
N VAL A 325 22.67 -8.51 -16.63
CA VAL A 325 22.77 -7.39 -15.70
C VAL A 325 21.42 -6.95 -15.10
N GLU A 326 20.34 -7.08 -15.88
CA GLU A 326 18.99 -6.70 -15.45
C GLU A 326 18.50 -7.44 -14.19
N ILE A 327 18.97 -8.67 -13.95
CA ILE A 327 18.50 -9.48 -12.84
C ILE A 327 18.88 -8.79 -11.56
N THR A 328 20.07 -8.19 -11.58
CA THR A 328 20.56 -7.43 -10.46
C THR A 328 19.57 -6.31 -10.09
N SER A 329 19.10 -5.57 -11.08
CA SER A 329 18.04 -4.60 -10.82
C SER A 329 16.86 -5.18 -10.05
N ILE A 330 16.33 -6.32 -10.47
CA ILE A 330 15.24 -6.85 -9.70
C ILE A 330 15.63 -7.14 -8.26
N MET A 331 16.75 -7.81 -8.03
CA MET A 331 17.13 -8.18 -6.67
C MET A 331 17.50 -7.01 -5.78
N LYS A 332 18.21 -6.02 -6.32
CA LYS A 332 18.57 -4.86 -5.53
C LYS A 332 17.33 -4.05 -5.13
N ARG A 333 16.47 -3.76 -6.10
CA ARG A 333 15.24 -3.07 -5.86
C ARG A 333 14.34 -3.84 -4.86
N ASN A 334 14.28 -5.16 -4.98
CA ASN A 334 13.45 -5.90 -4.07
C ASN A 334 14.02 -5.99 -2.65
N SER A 335 15.31 -6.34 -2.56
CA SER A 335 15.97 -6.37 -1.27
C SER A 335 15.88 -5.07 -0.52
N CYS A 336 16.24 -3.97 -1.18
CA CYS A 336 16.20 -2.69 -0.51
C CYS A 336 14.79 -2.27 -0.18
N GLY A 337 13.85 -2.42 -1.11
CA GLY A 337 12.48 -2.03 -0.85
C GLY A 337 11.81 -2.84 0.24
N LYS A 338 11.95 -4.15 0.18
CA LYS A 338 11.34 -5.00 1.19
C LYS A 338 12.01 -4.83 2.55
N ALA A 339 13.34 -4.64 2.57
CA ALA A 339 14.00 -4.45 3.85
C ALA A 339 13.59 -3.12 4.51
N LEU A 340 13.44 -2.07 3.69
CA LEU A 340 12.90 -0.78 4.18
C LEU A 340 11.44 -0.90 4.68
N ASP A 341 10.63 -1.76 4.06
CA ASP A 341 9.26 -1.98 4.56
C ASP A 341 9.28 -2.66 5.92
N ILE A 342 10.15 -3.65 6.06
CA ILE A 342 10.26 -4.42 7.29
C ILE A 342 10.78 -3.55 8.46
N ALA A 343 11.78 -2.72 8.15
CA ALA A 343 12.27 -1.82 9.15
C ALA A 343 11.14 -0.89 9.64
N ARG A 344 10.32 -0.35 8.71
CA ARG A 344 9.19 0.52 9.07
C ARG A 344 8.13 -0.26 9.85
N LEU A 345 7.95 -1.51 9.50
CA LEU A 345 6.98 -2.35 10.17
C LEU A 345 7.44 -2.60 11.61
N ALA A 346 8.73 -2.92 11.80
CA ALA A 346 9.26 -3.21 13.13
C ALA A 346 9.33 -1.96 14.00
N ARG A 347 9.65 -0.83 13.36
CA ARG A 347 9.69 0.43 14.02
C ARG A 347 8.31 0.85 14.53
N ASP A 348 7.28 0.62 13.73
CA ASP A 348 5.90 0.96 14.12
C ASP A 348 5.35 0.00 15.20
N MET A 349 5.99 -1.15 15.37
CA MET A 349 5.60 -2.07 16.44
C MET A 349 6.10 -1.65 17.81
N LEU A 350 7.17 -0.87 17.86
CA LEU A 350 7.64 -0.34 19.14
C LEU A 350 6.90 0.92 19.58
N GLY A 351 6.29 0.87 20.76
CA GLY A 351 5.91 2.10 21.49
C GLY A 351 7.19 2.66 22.13
N GLY A 352 7.07 3.82 22.78
CA GLY A 352 8.24 4.43 23.43
C GLY A 352 9.10 5.18 22.42
N ASN A 353 10.35 5.48 22.79
CA ASN A 353 11.09 6.53 22.09
C ASN A 353 12.62 6.46 22.10
N GLY A 354 13.17 5.28 21.86
CA GLY A 354 14.58 5.22 21.49
C GLY A 354 15.62 4.98 22.55
N ILE A 355 15.19 4.78 23.79
CA ILE A 355 16.15 4.43 24.84
C ILE A 355 16.65 2.99 24.63
N SER A 356 15.71 2.08 24.37
CA SER A 356 15.97 0.65 24.37
C SER A 356 16.85 0.19 23.20
N ASP A 357 17.56 -0.92 23.44
CA ASP A 357 18.44 -1.59 22.47
C ASP A 357 17.62 -1.89 21.21
N GLU A 358 16.38 -2.30 21.44
CA GLU A 358 15.46 -2.58 20.36
C GLU A 358 15.10 -1.33 19.54
N PHE A 359 15.79 -0.21 19.79
CA PHE A 359 15.78 0.90 18.84
C PHE A 359 17.06 0.88 18.00
N GLY A 360 17.72 -0.30 18.01
CA GLY A 360 18.66 -0.71 16.98
C GLY A 360 17.95 -0.59 15.64
N VAL A 361 16.67 -0.99 15.63
CA VAL A 361 15.74 -0.76 14.53
C VAL A 361 15.76 0.67 13.96
N ALA A 362 15.81 1.69 14.82
CA ALA A 362 15.76 3.06 14.31
C ALA A 362 17.00 3.38 13.48
N ARG A 363 18.14 2.83 13.89
CA ARG A 363 19.40 2.97 13.19
C ARG A 363 19.34 2.24 11.84
N HIS A 364 18.92 0.99 11.86
CA HIS A 364 18.77 0.22 10.63
C HIS A 364 17.83 0.94 9.68
N LEU A 365 16.76 1.50 10.24
CA LEU A 365 15.77 2.20 9.48
C LEU A 365 16.40 3.33 8.73
N VAL A 366 17.16 4.19 9.41
CA VAL A 366 17.67 5.36 8.72
C VAL A 366 18.76 4.97 7.72
N ASN A 367 19.50 3.89 8.02
CA ASN A 367 20.50 3.37 7.09
C ASN A 367 19.83 2.96 5.79
N LEU A 368 18.81 2.11 5.94
CA LEU A 368 18.03 1.61 4.84
C LEU A 368 17.35 2.74 4.05
N GLU A 369 17.03 3.86 4.66
CA GLU A 369 16.52 4.99 3.88
C GLU A 369 17.57 5.68 3.04
N VAL A 370 18.84 5.56 3.39
CA VAL A 370 19.90 6.05 2.53
C VAL A 370 20.17 5.02 1.43
N VAL A 371 20.29 3.75 1.82
CA VAL A 371 20.63 2.69 0.87
C VAL A 371 19.58 2.66 -0.24
N ASN A 372 18.31 2.81 0.14
CA ASN A 372 17.26 2.81 -0.85
C ASN A 372 17.36 3.97 -1.86
N THR A 373 18.17 4.99 -1.58
CA THR A 373 18.44 6.08 -2.56
C THR A 373 19.81 6.00 -3.27
N TYR A 374 20.59 4.95 -3.01
CA TYR A 374 21.94 4.81 -3.60
C TYR A 374 22.01 3.61 -4.58
N ASP A 379 13.02 2.64 -8.31
CA ASP A 379 12.46 3.54 -9.33
C ASP A 379 13.29 3.51 -10.64
N ILE A 380 14.58 3.83 -10.55
CA ILE A 380 15.47 3.67 -11.71
C ILE A 380 15.59 2.19 -12.15
N HIS A 381 15.56 1.26 -11.17
CA HIS A 381 15.61 -0.16 -11.49
C HIS A 381 14.30 -0.68 -12.07
N ALA A 382 13.19 -0.10 -11.63
CA ALA A 382 11.91 -0.35 -12.26
C ALA A 382 12.00 0.03 -13.75
N LEU A 383 12.60 1.18 -14.05
CA LEU A 383 12.75 1.62 -15.44
C LEU A 383 13.66 0.71 -16.26
N ILE A 384 14.79 0.29 -15.70
CA ILE A 384 15.61 -0.75 -16.34
C ILE A 384 14.76 -1.99 -16.66
N LEU A 385 13.88 -2.38 -15.74
CA LEU A 385 13.08 -3.59 -15.95
C LEU A 385 11.96 -3.40 -16.98
N GLY A 386 11.35 -2.21 -16.94
CA GLY A 386 10.23 -1.89 -17.81
C GLY A 386 10.76 -1.83 -19.23
N ARG A 387 11.93 -1.24 -19.38
CA ARG A 387 12.56 -1.15 -20.67
C ARG A 387 12.87 -2.55 -21.21
N ALA A 388 13.52 -3.36 -20.40
CA ALA A 388 13.86 -4.74 -20.77
C ALA A 388 12.62 -5.55 -21.16
N GLN A 389 11.50 -5.28 -20.49
CA GLN A 389 10.27 -6.00 -20.76
C GLN A 389 9.61 -5.53 -22.05
N THR A 390 9.83 -4.28 -22.43
CA THR A 390 9.05 -3.63 -23.50
C THR A 390 9.86 -3.16 -24.69
N GLY A 391 11.16 -2.93 -24.51
CA GLY A 391 11.95 -2.36 -25.60
C GLY A 391 11.85 -0.85 -25.75
N ILE A 392 11.00 -0.21 -24.95
CA ILE A 392 10.86 1.25 -24.94
C ILE A 392 11.46 1.88 -23.66
N GLN A 393 12.35 2.85 -23.86
CA GLN A 393 13.02 3.58 -22.79
C GLN A 393 12.01 4.59 -22.26
N ALA A 394 11.91 4.76 -20.94
CA ALA A 394 11.08 5.81 -20.30
C ALA A 394 11.81 6.71 -19.28
N PHE A 395 13.14 6.75 -19.35
CA PHE A 395 13.95 7.54 -18.41
C PHE A 395 13.82 9.06 -18.66
N ALA B 5 25.60 -14.22 -21.66
CA ALA B 5 24.74 -13.69 -20.57
C ALA B 5 23.58 -12.85 -21.15
N THR B 6 22.49 -13.55 -21.44
CA THR B 6 21.35 -12.96 -22.15
C THR B 6 20.09 -12.87 -21.24
N PHE B 7 19.34 -11.78 -21.32
CA PHE B 7 18.23 -11.54 -20.40
C PHE B 7 16.89 -12.08 -20.90
N HIS B 8 16.20 -12.85 -20.06
CA HIS B 8 14.86 -13.33 -20.36
C HIS B 8 13.80 -12.61 -19.49
N TRP B 9 13.18 -11.56 -20.03
CA TRP B 9 12.14 -10.84 -19.26
C TRP B 9 11.05 -11.74 -18.65
N ASP B 10 10.63 -12.74 -19.40
CA ASP B 10 9.59 -13.64 -18.94
C ASP B 10 10.05 -14.79 -18.04
N ASP B 11 11.37 -15.02 -17.95
CA ASP B 11 11.90 -16.03 -17.04
C ASP B 11 13.24 -15.56 -16.43
N PRO B 12 13.22 -14.49 -15.64
CA PRO B 12 14.49 -13.87 -15.29
C PRO B 12 15.50 -14.79 -14.64
N LEU B 13 15.02 -15.71 -13.81
CA LEU B 13 15.93 -16.60 -13.10
C LEU B 13 16.06 -17.98 -13.76
N LEU B 14 15.64 -18.06 -15.04
CA LEU B 14 15.83 -19.25 -15.88
C LEU B 14 15.42 -20.48 -15.13
N LEU B 15 14.15 -20.48 -14.71
CA LEU B 15 13.52 -21.61 -14.06
C LEU B 15 13.66 -22.87 -14.90
N ASP B 16 13.51 -22.73 -16.21
CA ASP B 16 13.70 -23.81 -17.18
C ASP B 16 14.96 -24.61 -16.85
N GLN B 17 16.06 -23.89 -16.62
CA GLN B 17 17.36 -24.46 -16.30
C GLN B 17 17.46 -25.10 -14.91
N GLN B 18 16.41 -24.99 -14.08
CA GLN B 18 16.44 -25.51 -12.69
C GLN B 18 15.55 -26.71 -12.54
N LEU B 19 14.84 -27.03 -13.61
CA LEU B 19 14.05 -28.23 -13.67
C LEU B 19 14.81 -29.40 -14.28
N ALA B 20 14.50 -30.60 -13.80
CA ALA B 20 15.03 -31.85 -14.38
C ALA B 20 14.38 -31.95 -15.74
N ASP B 21 14.90 -32.80 -16.60
CA ASP B 21 14.32 -32.94 -17.92
C ASP B 21 12.98 -33.64 -17.83
N ASP B 22 12.91 -34.63 -16.97
CA ASP B 22 11.69 -35.34 -16.63
C ASP B 22 10.61 -34.32 -16.26
N GLU B 23 10.97 -33.37 -15.41
CA GLU B 23 10.04 -32.36 -14.88
C GLU B 23 9.57 -31.43 -15.98
N ARG B 24 10.49 -31.08 -16.88
CA ARG B 24 10.19 -30.20 -18.01
C ARG B 24 9.25 -30.77 -19.04
N MET B 25 9.04 -32.08 -19.08
CA MET B 25 8.10 -32.57 -20.10
C MET B 25 6.68 -32.71 -19.54
N VAL B 26 6.60 -33.05 -18.26
CA VAL B 26 5.37 -32.93 -17.49
C VAL B 26 4.77 -31.54 -17.68
N ARG B 27 5.64 -30.54 -17.54
CA ARG B 27 5.23 -29.17 -17.68
C ARG B 27 4.70 -28.85 -19.06
N ASP B 28 5.42 -29.28 -20.08
CA ASP B 28 5.01 -29.03 -21.47
C ASP B 28 3.74 -29.82 -21.83
N ALA B 29 3.66 -31.06 -21.33
CA ALA B 29 2.42 -31.84 -21.41
C ALA B 29 1.20 -31.05 -20.92
N ALA B 30 1.23 -30.71 -19.63
CA ALA B 30 0.26 -29.81 -19.03
C ALA B 30 0.08 -28.50 -19.84
N HIS B 31 1.18 -27.98 -20.36
CA HIS B 31 1.05 -26.75 -21.13
C HIS B 31 0.25 -26.98 -22.43
N ALA B 32 0.63 -28.00 -23.20
CA ALA B 32 0.00 -28.26 -24.49
C ALA B 32 -1.45 -28.61 -24.25
N TYR B 33 -1.71 -29.37 -23.20
CA TYR B 33 -3.09 -29.68 -22.90
C TYR B 33 -3.90 -28.43 -22.58
N ALA B 34 -3.41 -27.62 -21.65
CA ALA B 34 -4.17 -26.47 -21.18
C ALA B 34 -4.46 -25.49 -22.33
N GLN B 35 -3.44 -25.18 -23.14
CA GLN B 35 -3.57 -24.29 -24.29
C GLN B 35 -4.36 -24.84 -25.46
N GLY B 36 -4.16 -26.12 -25.78
CA GLY B 36 -4.87 -26.78 -26.89
C GLY B 36 -6.33 -27.06 -26.57
N LYS B 37 -6.63 -27.45 -25.33
CA LYS B 37 -8.00 -27.89 -25.00
C LYS B 37 -8.82 -26.97 -24.10
N LEU B 38 -8.17 -26.40 -23.10
CA LEU B 38 -8.89 -25.58 -22.16
C LEU B 38 -9.06 -24.14 -22.61
N ALA B 39 -8.01 -23.53 -23.16
CA ALA B 39 -8.14 -22.13 -23.62
C ALA B 39 -9.34 -21.87 -24.59
N PRO B 40 -9.57 -22.75 -25.59
CA PRO B 40 -10.73 -22.44 -26.45
C PRO B 40 -12.09 -22.61 -25.76
N ARG B 41 -12.17 -23.47 -24.74
CA ARG B 41 -13.43 -23.67 -24.01
C ARG B 41 -13.74 -22.53 -23.05
N VAL B 42 -12.71 -21.99 -22.39
CA VAL B 42 -12.90 -21.28 -21.12
C VAL B 42 -13.84 -20.07 -21.09
N THR B 43 -13.79 -19.21 -22.09
CA THR B 43 -14.66 -18.01 -22.16
C THR B 43 -16.19 -18.28 -22.00
N GLU B 44 -16.77 -19.12 -22.88
CA GLU B 44 -18.20 -19.42 -22.84
C GLU B 44 -18.54 -20.25 -21.61
N ALA B 45 -17.64 -21.17 -21.27
CA ALA B 45 -17.76 -21.98 -20.07
C ALA B 45 -17.83 -21.14 -18.79
N PHE B 46 -16.95 -20.16 -18.67
CA PHE B 46 -17.01 -19.28 -17.52
C PHE B 46 -18.34 -18.54 -17.55
N ARG B 47 -18.55 -17.79 -18.63
CA ARG B 47 -19.74 -16.96 -18.86
C ARG B 47 -21.07 -17.67 -18.61
N HIS B 48 -21.22 -18.93 -19.01
CA HIS B 48 -22.49 -19.62 -18.81
C HIS B 48 -22.51 -20.67 -17.71
N GLU B 49 -21.39 -20.82 -16.99
CA GLU B 49 -21.30 -21.77 -15.86
C GLU B 49 -21.65 -23.20 -16.31
N THR B 50 -20.98 -23.61 -17.39
CA THR B 50 -21.33 -24.84 -18.05
C THR B 50 -20.51 -26.02 -17.53
N THR B 51 -21.26 -27.05 -17.19
CA THR B 51 -20.68 -28.31 -16.73
C THR B 51 -20.02 -29.07 -17.89
N ASP B 52 -18.71 -29.25 -17.79
CA ASP B 52 -18.00 -30.09 -18.74
C ASP B 52 -17.11 -31.04 -17.93
N ALA B 53 -17.41 -32.33 -17.97
CA ALA B 53 -16.59 -33.31 -17.26
C ALA B 53 -15.52 -33.92 -18.18
N ALA B 54 -15.34 -33.32 -19.35
CA ALA B 54 -14.41 -33.83 -20.35
C ALA B 54 -12.98 -33.68 -19.88
N ILE B 55 -12.74 -32.63 -19.11
CA ILE B 55 -11.43 -32.40 -18.53
C ILE B 55 -10.88 -33.62 -17.78
N PHE B 56 -11.75 -34.43 -17.20
CA PHE B 56 -11.26 -35.53 -16.36
C PHE B 56 -10.74 -36.62 -17.27
N ARG B 57 -11.58 -36.98 -18.24
CA ARG B 57 -11.25 -38.02 -19.21
C ARG B 57 -9.95 -37.65 -19.91
N GLU B 58 -9.84 -36.37 -20.27
CA GLU B 58 -8.74 -35.88 -21.09
C GLU B 58 -7.43 -35.83 -20.31
N MET B 59 -7.49 -35.25 -19.13
CA MET B 59 -6.34 -35.14 -18.28
C MET B 59 -5.90 -36.49 -17.79
N GLY B 60 -6.86 -37.35 -17.55
CA GLY B 60 -6.56 -38.73 -17.13
C GLY B 60 -5.85 -39.52 -18.22
N GLU B 61 -6.28 -39.34 -19.45
CA GLU B 61 -5.63 -39.92 -20.62
C GLU B 61 -4.14 -39.56 -20.75
N ILE B 62 -3.78 -38.31 -20.45
CA ILE B 62 -2.37 -37.90 -20.57
C ILE B 62 -1.54 -38.00 -19.27
N GLY B 63 -2.10 -38.58 -18.22
CA GLY B 63 -1.37 -38.83 -16.98
C GLY B 63 -1.22 -37.67 -15.99
N LEU B 64 -2.16 -36.72 -15.99
CA LEU B 64 -2.06 -35.52 -15.13
C LEU B 64 -2.98 -35.51 -13.90
N LEU B 65 -3.64 -36.62 -13.63
CA LEU B 65 -4.42 -36.71 -12.40
C LEU B 65 -3.65 -37.57 -11.41
N GLY B 66 -3.68 -37.17 -10.14
CA GLY B 66 -2.95 -37.86 -9.08
C GLY B 66 -1.47 -38.01 -9.37
N PRO B 67 -0.82 -36.90 -9.74
CA PRO B 67 0.59 -36.93 -10.15
C PRO B 67 1.54 -37.67 -9.20
N THR B 68 1.30 -37.62 -7.89
CA THR B 68 2.25 -38.19 -6.93
C THR B 68 1.91 -39.63 -6.58
N ILE B 69 0.89 -40.17 -7.26
CA ILE B 69 0.46 -41.54 -7.02
C ILE B 69 1.34 -42.53 -7.83
N PRO B 70 1.85 -43.58 -7.15
CA PRO B 70 2.71 -44.57 -7.79
C PRO B 70 2.04 -45.29 -8.96
N GLU B 71 2.88 -45.75 -9.90
CA GLU B 71 2.43 -46.48 -11.07
C GLU B 71 1.66 -47.74 -10.70
N GLN B 72 2.07 -48.40 -9.61
CA GLN B 72 1.37 -49.55 -9.08
C GLN B 72 -0.15 -49.35 -9.07
N TYR B 73 -0.60 -48.12 -8.77
CA TYR B 73 -2.04 -47.83 -8.74
C TYR B 73 -2.59 -47.04 -9.92
N GLY B 74 -1.83 -46.91 -11.00
CA GLY B 74 -2.36 -46.29 -12.22
C GLY B 74 -1.96 -44.83 -12.33
N GLY B 75 -1.31 -44.32 -11.29
CA GLY B 75 -0.72 -43.00 -11.31
C GLY B 75 0.55 -42.95 -12.14
N PRO B 76 1.05 -41.73 -12.44
CA PRO B 76 2.26 -41.53 -13.23
C PRO B 76 3.55 -41.46 -12.40
N GLY B 77 3.45 -41.65 -11.08
CA GLY B 77 4.63 -41.72 -10.20
C GLY B 77 5.61 -40.56 -10.32
N LEU B 78 5.07 -39.34 -10.30
CA LEU B 78 5.87 -38.14 -10.48
C LEU B 78 6.19 -37.51 -9.14
N ASP B 79 7.08 -36.54 -9.13
CA ASP B 79 7.40 -35.86 -7.89
C ASP B 79 6.53 -34.58 -7.64
N TYR B 80 6.78 -33.92 -6.53
CA TYR B 80 5.98 -32.76 -6.17
C TYR B 80 6.19 -31.56 -7.08
N VAL B 81 7.42 -31.35 -7.52
CA VAL B 81 7.69 -30.24 -8.40
C VAL B 81 6.84 -30.39 -9.67
N SER B 82 6.70 -31.61 -10.15
CA SER B 82 5.89 -31.90 -11.33
C SER B 82 4.42 -31.59 -11.04
N TYR B 83 3.94 -31.96 -9.86
CA TYR B 83 2.60 -31.62 -9.48
C TYR B 83 2.40 -30.11 -9.58
N GLY B 84 3.34 -29.36 -9.03
CA GLY B 84 3.29 -27.93 -9.04
C GLY B 84 3.26 -27.36 -10.44
N LEU B 85 4.13 -27.88 -11.31
CA LEU B 85 4.20 -27.37 -12.66
C LEU B 85 2.89 -27.65 -13.38
N ILE B 86 2.28 -28.80 -13.08
CA ILE B 86 1.03 -29.15 -13.72
C ILE B 86 -0.03 -28.12 -13.37
N ALA B 87 -0.26 -27.89 -12.06
CA ALA B 87 -1.22 -26.88 -11.58
C ALA B 87 -0.93 -25.47 -12.11
N ARG B 88 0.31 -25.02 -12.06
CA ARG B 88 0.66 -23.76 -12.69
C ARG B 88 0.09 -23.62 -14.10
N GLU B 89 0.33 -24.63 -14.93
CA GLU B 89 -0.09 -24.59 -16.34
C GLU B 89 -1.57 -24.59 -16.54
N VAL B 90 -2.30 -25.31 -15.70
CA VAL B 90 -3.77 -25.37 -15.82
C VAL B 90 -4.48 -24.07 -15.34
N GLU B 91 -3.97 -23.50 -14.24
CA GLU B 91 -4.45 -22.24 -13.71
C GLU B 91 -4.07 -21.09 -14.66
N ARG B 92 -3.01 -21.27 -15.42
CA ARG B 92 -2.66 -20.30 -16.45
C ARG B 92 -3.85 -20.08 -17.38
N VAL B 93 -4.66 -21.14 -17.58
CA VAL B 93 -5.95 -20.95 -18.25
C VAL B 93 -7.04 -20.45 -17.31
N ASP B 94 -7.35 -21.24 -16.26
CA ASP B 94 -8.42 -20.88 -15.32
C ASP B 94 -8.29 -21.56 -13.98
N SER B 95 -8.55 -20.79 -12.93
CA SER B 95 -8.55 -21.30 -11.57
C SER B 95 -9.57 -22.46 -11.37
N GLY B 96 -10.74 -22.35 -12.02
CA GLY B 96 -11.77 -23.37 -11.94
C GLY B 96 -11.35 -24.74 -12.47
N TYR B 97 -10.64 -24.74 -13.58
CA TYR B 97 -10.06 -25.97 -14.05
C TYR B 97 -9.03 -26.49 -13.03
N ARG B 98 -8.16 -25.63 -12.54
CA ARG B 98 -7.14 -26.14 -11.64
C ARG B 98 -7.82 -26.80 -10.43
N SER B 99 -8.91 -26.17 -10.02
CA SER B 99 -9.65 -26.55 -8.83
C SER B 99 -10.19 -27.98 -8.93
N MET B 100 -10.59 -28.35 -10.14
CA MET B 100 -11.22 -29.62 -10.40
C MET B 100 -10.19 -30.70 -10.23
N MET B 101 -8.99 -30.34 -10.66
CA MET B 101 -7.87 -31.21 -10.76
C MET B 101 -7.25 -31.40 -9.38
N SER B 102 -7.12 -30.31 -8.61
CA SER B 102 -6.59 -30.49 -7.25
C SER B 102 -7.55 -31.27 -6.34
N VAL B 103 -8.86 -31.17 -6.60
CA VAL B 103 -9.83 -32.08 -5.96
C VAL B 103 -9.50 -33.59 -6.25
N GLN B 104 -9.29 -33.95 -7.52
CA GLN B 104 -8.96 -35.32 -7.88
C GLN B 104 -7.67 -35.74 -7.21
N SER B 105 -6.66 -34.87 -7.32
CA SER B 105 -5.35 -35.26 -6.94
C SER B 105 -5.20 -35.24 -5.45
N SER B 106 -5.31 -34.06 -4.86
CA SER B 106 -5.00 -33.85 -3.45
C SER B 106 -6.12 -34.20 -2.47
N LEU B 107 -7.36 -34.11 -2.92
CA LEU B 107 -8.48 -34.20 -2.00
C LEU B 107 -9.16 -35.56 -2.05
N VAL B 108 -8.95 -36.31 -3.13
CA VAL B 108 -9.59 -37.61 -3.23
C VAL B 108 -8.53 -38.73 -3.30
N MET B 109 -7.72 -38.68 -4.35
CA MET B 109 -6.69 -39.68 -4.55
C MET B 109 -5.70 -39.80 -3.40
N VAL B 110 -5.18 -38.67 -2.91
CA VAL B 110 -4.18 -38.69 -1.85
C VAL B 110 -4.71 -39.36 -0.55
N PRO B 111 -5.90 -38.94 -0.05
CA PRO B 111 -6.39 -39.64 1.14
C PRO B 111 -6.62 -41.14 0.94
N ILE B 112 -7.12 -41.55 -0.23
CA ILE B 112 -7.25 -43.01 -0.46
C ILE B 112 -5.88 -43.72 -0.46
N PHE B 113 -4.89 -43.14 -1.13
CA PHE B 113 -3.56 -43.73 -1.20
C PHE B 113 -2.91 -43.79 0.17
N GLU B 114 -3.06 -42.71 0.92
CA GLU B 114 -2.35 -42.58 2.18
C GLU B 114 -3.04 -43.27 3.33
N PHE B 115 -4.36 -43.28 3.32
CA PHE B 115 -5.11 -43.67 4.52
C PHE B 115 -5.94 -44.93 4.32
N GLY B 116 -6.07 -45.32 3.05
CA GLY B 116 -6.91 -46.44 2.66
C GLY B 116 -6.29 -47.80 2.80
N SER B 117 -7.16 -48.81 2.70
CA SER B 117 -6.79 -50.21 2.70
C SER B 117 -6.31 -50.64 1.32
N ASP B 118 -5.51 -51.70 1.29
CA ASP B 118 -5.12 -52.32 0.02
C ASP B 118 -6.30 -52.37 -0.95
N ALA B 119 -7.40 -52.98 -0.53
CA ALA B 119 -8.57 -53.17 -1.38
C ALA B 119 -9.16 -51.83 -1.88
N GLN B 120 -9.18 -50.82 -1.02
CA GLN B 120 -9.66 -49.50 -1.43
C GLN B 120 -8.72 -48.84 -2.46
N LYS B 121 -7.42 -48.89 -2.19
CA LYS B 121 -6.43 -48.40 -3.14
C LYS B 121 -6.57 -49.03 -4.54
N GLU B 122 -6.92 -50.31 -4.60
CA GLU B 122 -7.02 -51.04 -5.87
C GLU B 122 -8.31 -50.74 -6.60
N LYS B 123 -9.38 -50.57 -5.84
CA LYS B 123 -10.68 -50.29 -6.42
C LYS B 123 -10.84 -48.84 -6.95
N TYR B 124 -10.30 -47.87 -6.22
CA TYR B 124 -10.59 -46.47 -6.55
C TYR B 124 -9.48 -45.75 -7.33
N LEU B 125 -8.23 -45.93 -6.91
CA LEU B 125 -7.12 -45.20 -7.52
C LEU B 125 -7.00 -45.33 -9.04
N PRO B 126 -6.89 -46.57 -9.54
CA PRO B 126 -6.72 -46.73 -10.97
C PRO B 126 -7.74 -45.98 -11.81
N LYS B 127 -9.02 -46.09 -11.45
CA LYS B 127 -10.09 -45.42 -12.24
C LYS B 127 -10.13 -43.89 -12.03
N LEU B 128 -9.79 -43.46 -10.82
CA LEU B 128 -9.56 -42.06 -10.54
C LEU B 128 -8.38 -41.51 -11.36
N ALA B 129 -7.30 -42.29 -11.42
CA ALA B 129 -6.08 -41.87 -12.11
C ALA B 129 -6.34 -41.55 -13.59
N THR B 130 -7.14 -42.39 -14.24
CA THR B 130 -7.53 -42.21 -15.64
C THR B 130 -8.68 -41.23 -15.80
N GLY B 131 -9.31 -40.83 -14.70
CA GLY B 131 -10.41 -39.90 -14.79
C GLY B 131 -11.69 -40.51 -15.29
N GLU B 132 -11.75 -41.84 -15.36
CA GLU B 132 -13.00 -42.57 -15.56
C GLU B 132 -13.98 -42.30 -14.40
N TRP B 133 -13.46 -42.32 -13.18
CA TRP B 133 -14.23 -41.89 -12.03
C TRP B 133 -13.77 -40.54 -11.54
N ILE B 134 -14.74 -39.69 -11.26
CA ILE B 134 -14.53 -38.34 -10.76
C ILE B 134 -14.80 -38.34 -9.26
N GLY B 135 -13.99 -37.60 -8.51
CA GLY B 135 -14.11 -37.58 -7.07
C GLY B 135 -14.39 -36.21 -6.48
N CYS B 136 -14.95 -36.21 -5.28
CA CYS B 136 -15.13 -35.00 -4.52
C CYS B 136 -14.83 -35.20 -3.05
N PHE B 137 -14.63 -34.06 -2.37
CA PHE B 137 -14.14 -33.94 -1.00
C PHE B 137 -15.15 -33.18 -0.14
N GLY B 138 -15.73 -33.85 0.86
CA GLY B 138 -16.67 -33.19 1.75
C GLY B 138 -16.15 -32.99 3.16
N LEU B 139 -15.63 -31.80 3.43
CA LEU B 139 -15.17 -31.44 4.77
C LEU B 139 -15.93 -30.20 5.29
N THR B 140 -15.80 -29.09 4.54
CA THR B 140 -16.51 -27.82 4.76
C THR B 140 -17.98 -27.95 5.08
N GLU B 141 -18.40 -27.38 6.19
CA GLU B 141 -19.84 -27.25 6.42
C GLU B 141 -20.35 -25.80 6.27
N PRO B 142 -21.69 -25.61 6.20
CA PRO B 142 -22.29 -24.26 6.37
C PRO B 142 -21.90 -23.58 7.71
N ASN B 143 -21.48 -22.32 7.64
CA ASN B 143 -20.95 -21.53 8.79
C ASN B 143 -21.02 -22.23 10.17
N GLY B 149 -12.88 -26.69 11.59
CA GLY B 149 -12.56 -28.11 11.50
C GLY B 149 -13.30 -28.96 12.54
N SER B 150 -14.27 -28.34 13.24
CA SER B 150 -15.12 -29.06 14.20
C SER B 150 -16.58 -29.21 13.68
N MET B 151 -16.75 -30.24 12.87
CA MET B 151 -17.98 -30.54 12.12
C MET B 151 -19.12 -31.14 12.98
N VAL B 152 -20.34 -31.03 12.48
CA VAL B 152 -21.46 -31.68 13.11
C VAL B 152 -21.88 -32.95 12.36
N THR B 153 -21.51 -33.06 11.09
CA THR B 153 -21.73 -34.28 10.32
C THR B 153 -21.18 -35.49 11.07
N ARG B 154 -22.04 -36.48 11.27
CA ARG B 154 -21.73 -37.58 12.16
C ARG B 154 -22.07 -38.92 11.55
N ALA B 155 -21.18 -39.87 11.82
CA ALA B 155 -21.36 -41.26 11.52
C ALA B 155 -21.71 -42.01 12.80
N ARG B 156 -22.75 -42.86 12.75
CA ARG B 156 -22.99 -43.81 13.86
C ARG B 156 -22.96 -45.25 13.36
N LYS B 157 -22.53 -46.16 14.25
CA LYS B 157 -22.41 -47.59 13.91
C LYS B 157 -23.77 -48.25 13.67
N VAL B 158 -23.84 -49.08 12.64
CA VAL B 158 -25.07 -49.81 12.31
C VAL B 158 -24.66 -51.17 11.70
N PRO B 159 -25.61 -52.11 11.56
CA PRO B 159 -25.32 -53.38 10.85
C PRO B 159 -24.44 -53.25 9.58
N GLY B 160 -23.13 -53.44 9.77
CA GLY B 160 -22.12 -53.56 8.70
C GLY B 160 -21.82 -52.44 7.69
N GLY B 161 -21.63 -51.19 8.12
CA GLY B 161 -21.61 -50.77 9.51
C GLY B 161 -21.58 -49.29 9.85
N TYR B 162 -21.90 -48.37 8.93
CA TYR B 162 -22.04 -46.92 9.29
C TYR B 162 -23.21 -46.15 8.62
N SER B 163 -23.77 -45.19 9.37
CA SER B 163 -24.87 -44.36 8.89
C SER B 163 -24.52 -42.88 9.05
N LEU B 164 -24.57 -42.15 7.94
CA LEU B 164 -24.09 -40.77 7.92
C LEU B 164 -25.21 -39.77 7.74
N SER B 165 -25.25 -38.79 8.63
CA SER B 165 -26.16 -37.68 8.48
C SER B 165 -25.39 -36.37 8.63
N GLY B 166 -25.65 -35.45 7.70
CA GLY B 166 -24.97 -34.16 7.68
C GLY B 166 -25.04 -33.45 6.34
N SER B 167 -24.34 -32.32 6.26
CA SER B 167 -24.30 -31.45 5.08
C SER B 167 -22.90 -30.88 4.90
N LYS B 168 -22.49 -30.85 3.65
CA LYS B 168 -21.19 -30.33 3.30
C LYS B 168 -21.48 -29.34 2.20
N MET B 169 -20.94 -28.12 2.34
CA MET B 169 -21.30 -27.05 1.43
C MET B 169 -20.08 -26.72 0.58
N TRP B 170 -20.32 -26.17 -0.62
CA TRP B 170 -19.26 -25.74 -1.55
C TRP B 170 -18.33 -26.88 -1.90
N ILE B 171 -18.90 -27.95 -2.45
CA ILE B 171 -18.09 -29.09 -2.80
C ILE B 171 -17.93 -29.10 -4.31
N THR B 172 -16.68 -28.92 -4.73
CA THR B 172 -16.39 -28.88 -6.14
C THR B 172 -16.35 -30.31 -6.72
N ASN B 173 -16.93 -30.45 -7.90
CA ASN B 173 -17.22 -31.75 -8.57
C ASN B 173 -18.43 -32.52 -8.06
N SER B 174 -18.89 -32.25 -6.84
CA SER B 174 -19.89 -33.13 -6.22
C SER B 174 -21.04 -33.59 -7.16
N PRO B 175 -21.72 -32.65 -7.87
CA PRO B 175 -22.84 -33.02 -8.76
C PRO B 175 -22.54 -33.97 -9.91
N ILE B 176 -21.27 -34.28 -10.15
CA ILE B 176 -20.92 -35.21 -11.21
C ILE B 176 -19.98 -36.34 -10.74
N ALA B 177 -19.65 -36.34 -9.45
CA ALA B 177 -18.73 -37.27 -8.81
C ALA B 177 -19.28 -38.68 -8.72
N ASP B 178 -18.43 -39.63 -9.06
CA ASP B 178 -18.68 -41.05 -8.83
C ASP B 178 -18.29 -41.48 -7.43
N VAL B 179 -17.27 -40.84 -6.84
CA VAL B 179 -16.68 -41.21 -5.54
C VAL B 179 -16.65 -40.00 -4.62
N PHE B 180 -16.89 -40.22 -3.33
CA PHE B 180 -17.02 -39.15 -2.35
C PHE B 180 -16.14 -39.43 -1.14
N VAL B 181 -15.14 -38.59 -0.90
CA VAL B 181 -14.41 -38.71 0.33
C VAL B 181 -15.01 -37.73 1.33
N VAL B 182 -15.66 -38.29 2.34
CA VAL B 182 -16.41 -37.50 3.30
C VAL B 182 -15.85 -37.67 4.72
N TRP B 183 -15.83 -36.57 5.46
CA TRP B 183 -15.30 -36.55 6.80
C TRP B 183 -16.42 -36.31 7.81
N ALA B 184 -16.44 -37.16 8.83
CA ALA B 184 -17.47 -37.13 9.85
C ALA B 184 -16.90 -37.61 11.17
N LYS B 185 -17.60 -37.25 12.25
CA LYS B 185 -17.23 -37.69 13.58
C LYS B 185 -17.89 -39.04 13.93
N LEU B 186 -17.15 -39.86 14.69
CA LEU B 186 -17.57 -41.18 15.19
C LEU B 186 -16.73 -41.55 16.42
N ASP B 187 -17.27 -42.31 17.38
CA ASP B 187 -16.49 -42.67 18.59
C ASP B 187 -16.38 -44.16 18.97
N GLU B 188 -15.43 -44.42 19.89
CA GLU B 188 -15.35 -45.66 20.69
C GLU B 188 -14.30 -45.55 21.82
N ASP B 192 -15.17 -39.49 20.40
CA ASP B 192 -15.42 -38.71 19.17
C ASP B 192 -14.14 -38.46 18.33
N GLU B 193 -13.97 -39.25 17.26
CA GLU B 193 -12.85 -39.06 16.33
C GLU B 193 -13.34 -38.71 14.92
N ILE B 194 -12.75 -37.68 14.30
CA ILE B 194 -13.01 -37.38 12.87
C ILE B 194 -12.49 -38.54 12.03
N ARG B 195 -13.34 -39.04 11.13
CA ARG B 195 -13.00 -40.17 10.25
C ARG B 195 -13.37 -39.89 8.78
N GLY B 196 -12.67 -40.56 7.87
CA GLY B 196 -12.97 -40.49 6.44
C GLY B 196 -13.68 -41.70 5.87
N PHE B 197 -14.75 -41.43 5.13
CA PHE B 197 -15.66 -42.45 4.59
C PHE B 197 -15.71 -42.34 3.07
N ILE B 198 -15.84 -43.49 2.39
CA ILE B 198 -15.92 -43.52 0.95
C ILE B 198 -17.32 -43.88 0.53
N LEU B 199 -18.00 -42.94 -0.11
CA LEU B 199 -19.35 -43.18 -0.61
C LEU B 199 -19.29 -43.19 -2.12
N GLU B 200 -20.23 -43.89 -2.76
CA GLU B 200 -20.33 -43.91 -4.23
C GLU B 200 -21.64 -43.31 -4.74
N LYS B 201 -21.62 -42.79 -5.97
CA LYS B 201 -22.80 -42.18 -6.60
C LYS B 201 -23.97 -43.15 -6.62
N GLY B 202 -25.18 -42.60 -6.64
CA GLY B 202 -26.42 -43.39 -6.64
C GLY B 202 -26.65 -44.20 -5.36
N CYS B 203 -26.01 -43.81 -4.28
CA CYS B 203 -26.18 -44.51 -3.02
C CYS B 203 -27.31 -43.90 -2.16
N LYS B 204 -28.10 -44.76 -1.52
CA LYS B 204 -29.23 -44.37 -0.68
C LYS B 204 -28.93 -43.27 0.34
N GLY B 205 -29.74 -42.23 0.31
CA GLY B 205 -29.62 -41.10 1.23
C GLY B 205 -28.55 -40.08 0.86
N LEU B 206 -27.87 -40.33 -0.25
CA LEU B 206 -26.83 -39.42 -0.76
C LEU B 206 -27.35 -38.67 -1.97
N SER B 207 -27.32 -37.34 -1.89
CA SER B 207 -27.57 -36.49 -3.06
C SER B 207 -26.53 -35.38 -3.09
N ALA B 208 -26.45 -34.72 -4.24
CA ALA B 208 -25.44 -33.70 -4.47
C ALA B 208 -25.98 -32.62 -5.40
N PRO B 209 -26.92 -31.77 -4.91
CA PRO B 209 -27.47 -30.75 -5.81
C PRO B 209 -26.43 -29.69 -6.16
N ALA B 210 -26.41 -29.29 -7.44
CA ALA B 210 -25.47 -28.29 -7.94
C ALA B 210 -25.73 -26.87 -7.38
N ILE B 211 -24.73 -26.01 -7.45
CA ILE B 211 -24.88 -24.59 -7.11
C ILE B 211 -24.61 -23.71 -8.32
N HIS B 212 -25.55 -22.81 -8.60
CA HIS B 212 -25.43 -21.88 -9.73
C HIS B 212 -25.42 -20.44 -9.24
N GLY B 213 -25.02 -19.50 -10.09
CA GLY B 213 -24.94 -18.07 -9.71
C GLY B 213 -23.67 -17.66 -8.95
N LYS B 214 -22.60 -18.41 -9.17
CA LYS B 214 -21.31 -18.07 -8.58
C LYS B 214 -20.72 -16.82 -9.24
N VAL B 215 -19.99 -16.04 -8.44
CA VAL B 215 -19.21 -14.92 -8.98
C VAL B 215 -17.85 -15.36 -9.58
N GLY B 216 -17.10 -16.19 -8.88
CA GLY B 216 -15.87 -16.74 -9.41
C GLY B 216 -15.94 -18.26 -9.50
N LEU B 217 -14.86 -18.86 -10.03
CA LEU B 217 -14.77 -20.30 -10.29
C LEU B 217 -15.99 -20.85 -11.07
N ARG B 218 -16.53 -20.02 -11.98
CA ARG B 218 -17.73 -20.40 -12.73
C ARG B 218 -17.46 -21.50 -13.74
N ALA B 219 -16.21 -21.75 -14.05
CA ALA B 219 -15.87 -22.83 -14.97
C ALA B 219 -15.81 -24.18 -14.25
N SER B 220 -15.81 -24.19 -12.92
CA SER B 220 -15.98 -25.47 -12.21
C SER B 220 -17.40 -25.67 -11.69
N ILE B 221 -17.84 -26.93 -11.65
CA ILE B 221 -19.14 -27.19 -11.06
C ILE B 221 -19.03 -27.49 -9.57
N THR B 222 -19.91 -26.88 -8.82
CA THR B 222 -19.87 -26.97 -7.37
C THR B 222 -21.24 -27.35 -6.83
N GLY B 223 -21.26 -28.12 -5.76
CA GLY B 223 -22.51 -28.48 -5.17
C GLY B 223 -22.35 -28.67 -3.70
N GLU B 224 -23.38 -29.25 -3.09
CA GLU B 224 -23.25 -29.73 -1.73
C GLU B 224 -23.22 -31.27 -1.72
N ILE B 225 -23.03 -31.86 -0.56
CA ILE B 225 -23.27 -33.28 -0.41
C ILE B 225 -24.27 -33.31 0.72
N VAL B 226 -25.47 -33.83 0.44
CA VAL B 226 -26.50 -33.96 1.49
C VAL B 226 -26.70 -35.44 1.85
N LEU B 227 -26.36 -35.74 3.10
CA LEU B 227 -26.30 -37.09 3.63
C LEU B 227 -27.45 -37.30 4.59
N ASP B 228 -28.47 -38.01 4.13
CA ASP B 228 -29.58 -38.29 5.00
C ASP B 228 -29.69 -39.78 5.32
N GLU B 229 -28.98 -40.19 6.38
CA GLU B 229 -28.95 -41.58 6.84
C GLU B 229 -28.29 -42.41 5.73
N ALA B 230 -27.25 -41.85 5.14
CA ALA B 230 -26.52 -42.49 4.06
C ALA B 230 -25.73 -43.69 4.61
N PHE B 231 -25.89 -44.84 3.97
CA PHE B 231 -25.26 -46.06 4.46
C PHE B 231 -23.91 -46.32 3.83
N VAL B 232 -22.88 -46.36 4.67
CA VAL B 232 -21.53 -46.75 4.25
C VAL B 232 -21.17 -48.13 4.83
N PRO B 233 -20.81 -49.07 3.96
CA PRO B 233 -20.36 -50.35 4.51
C PRO B 233 -19.03 -50.24 5.29
N GLU B 234 -18.77 -51.18 6.22
CA GLU B 234 -17.49 -51.30 6.94
C GLU B 234 -16.27 -51.16 6.04
N GLU B 235 -16.28 -51.88 4.93
CA GLU B 235 -15.19 -51.87 3.96
C GLU B 235 -14.97 -50.50 3.27
N ASN B 236 -15.74 -49.50 3.65
CA ASN B 236 -15.61 -48.19 3.04
C ASN B 236 -15.05 -47.04 3.92
N ILE B 237 -14.75 -47.35 5.17
CA ILE B 237 -14.13 -46.37 6.02
C ILE B 237 -12.62 -46.50 5.89
N LEU B 238 -11.96 -45.36 5.83
CA LEU B 238 -10.51 -45.29 5.84
C LEU B 238 -9.98 -45.82 7.17
N PRO B 239 -9.22 -46.91 7.12
CA PRO B 239 -8.73 -47.59 8.32
C PRO B 239 -7.62 -46.84 9.04
N HIS B 240 -6.72 -46.20 8.30
CA HIS B 240 -5.43 -45.77 8.89
C HIS B 240 -5.29 -44.28 9.20
N VAL B 241 -6.41 -43.64 9.54
CA VAL B 241 -6.39 -42.25 9.99
C VAL B 241 -7.55 -41.91 10.90
N LYS B 242 -7.25 -41.22 11.99
CA LYS B 242 -8.27 -40.59 12.82
C LYS B 242 -7.88 -39.15 13.20
N GLY B 243 -8.88 -38.27 13.24
CA GLY B 243 -8.66 -36.92 13.68
C GLY B 243 -8.16 -35.97 12.59
N LEU B 244 -7.94 -34.73 13.02
CA LEU B 244 -7.46 -33.62 12.18
C LEU B 244 -6.45 -34.03 11.10
N ARG B 245 -5.58 -34.99 11.41
CA ARG B 245 -4.49 -35.39 10.53
C ARG B 245 -4.94 -35.77 9.11
N GLY B 246 -6.14 -36.36 9.02
CA GLY B 246 -6.74 -36.80 7.78
C GLY B 246 -7.09 -35.67 6.83
N PRO B 247 -8.06 -34.82 7.22
CA PRO B 247 -8.38 -33.62 6.47
C PRO B 247 -7.15 -32.76 6.20
N PHE B 248 -6.29 -32.62 7.22
CA PHE B 248 -5.13 -31.74 7.12
C PHE B 248 -4.11 -32.22 6.08
N THR B 249 -3.84 -33.53 6.02
CA THR B 249 -2.94 -34.08 5.01
C THR B 249 -3.48 -33.71 3.64
N CYS B 250 -4.80 -33.77 3.48
CA CYS B 250 -5.45 -33.43 2.22
C CYS B 250 -5.32 -31.94 1.86
N LEU B 251 -5.56 -31.06 2.82
CA LEU B 251 -5.54 -29.63 2.54
C LEU B 251 -4.09 -29.17 2.31
N ASN B 252 -3.18 -29.71 3.09
CA ASN B 252 -1.77 -29.39 2.95
C ASN B 252 -1.27 -29.66 1.53
N SER B 253 -1.55 -30.87 1.04
CA SER B 253 -1.30 -31.25 -0.33
C SER B 253 -1.97 -30.32 -1.37
N ALA B 254 -3.20 -29.89 -1.10
CA ALA B 254 -3.90 -29.04 -2.07
C ALA B 254 -3.39 -27.63 -2.05
N ARG B 255 -3.01 -27.13 -0.87
CA ARG B 255 -2.49 -25.75 -0.74
C ARG B 255 -1.15 -25.65 -1.40
N TYR B 256 -0.38 -26.74 -1.38
CA TYR B 256 0.85 -26.79 -2.15
C TYR B 256 0.56 -26.59 -3.63
N GLY B 257 -0.47 -27.26 -4.12
CA GLY B 257 -0.79 -27.23 -5.53
C GLY B 257 -1.34 -25.89 -5.91
N ILE B 258 -2.17 -25.28 -5.05
CA ILE B 258 -2.71 -23.93 -5.29
C ILE B 258 -1.62 -22.82 -5.30
N ALA B 259 -0.51 -23.06 -4.61
CA ALA B 259 0.60 -22.12 -4.55
C ALA B 259 1.33 -22.04 -5.87
N TRP B 260 1.43 -23.15 -6.58
CA TRP B 260 1.99 -23.10 -7.93
C TRP B 260 0.92 -22.52 -8.85
N GLY B 261 -0.31 -22.97 -8.67
CA GLY B 261 -1.37 -22.58 -9.58
C GLY B 261 -1.59 -21.08 -9.60
N ALA B 262 -1.70 -20.47 -8.43
CA ALA B 262 -1.98 -19.02 -8.35
C ALA B 262 -0.96 -18.22 -9.14
N LEU B 263 0.27 -18.70 -9.13
CA LEU B 263 1.32 -18.05 -9.92
C LEU B 263 1.04 -18.12 -11.43
N GLY B 264 0.49 -19.24 -11.91
CA GLY B 264 0.07 -19.34 -13.30
C GLY B 264 -0.97 -18.31 -13.68
N ALA B 265 -1.99 -18.17 -12.85
CA ALA B 265 -3.00 -17.13 -13.09
C ALA B 265 -2.31 -15.76 -13.17
N ALA B 266 -1.38 -15.52 -12.26
CA ALA B 266 -0.69 -14.24 -12.21
C ALA B 266 0.15 -13.97 -13.44
N GLU B 267 0.82 -15.00 -13.95
CA GLU B 267 1.62 -14.87 -15.16
C GLU B 267 0.74 -14.46 -16.32
N SER B 268 -0.44 -15.08 -16.41
CA SER B 268 -1.36 -14.74 -17.44
C SER B 268 -1.66 -13.28 -17.37
N CYS B 269 -1.99 -12.82 -16.18
CA CYS B 269 -2.36 -11.42 -15.98
C CYS B 269 -1.25 -10.49 -16.41
N TRP B 270 -0.03 -10.85 -16.07
CA TRP B 270 1.15 -10.07 -16.41
C TRP B 270 1.35 -9.98 -17.90
N HIS B 271 1.21 -11.11 -18.60
CA HIS B 271 1.45 -11.17 -20.04
C HIS B 271 0.41 -10.41 -20.77
N ILE B 272 -0.86 -10.55 -20.36
CA ILE B 272 -1.97 -9.90 -21.03
C ILE B 272 -1.77 -8.41 -20.89
N ALA B 273 -1.43 -7.97 -19.66
CA ALA B 273 -1.28 -6.57 -19.38
C ALA B 273 -0.10 -6.03 -20.15
N ARG B 274 1.00 -6.78 -20.14
CA ARG B 274 2.18 -6.35 -20.89
C ARG B 274 1.83 -6.20 -22.36
N GLN B 275 1.27 -7.23 -22.96
CA GLN B 275 0.92 -7.14 -24.36
C GLN B 275 -0.06 -5.97 -24.64
N TYR B 276 -1.06 -5.77 -23.77
CA TYR B 276 -2.05 -4.70 -23.97
C TYR B 276 -1.39 -3.35 -24.14
N VAL B 277 -0.44 -3.07 -23.23
CA VAL B 277 0.26 -1.80 -23.21
C VAL B 277 1.23 -1.58 -24.38
N LEU B 278 1.78 -2.66 -24.91
CA LEU B 278 2.61 -2.60 -26.12
C LEU B 278 1.82 -2.16 -27.34
N ASP B 279 0.58 -2.66 -27.42
CA ASP B 279 -0.27 -2.51 -28.60
C ASP B 279 -1.18 -1.29 -28.69
N ARG B 280 -1.57 -0.75 -27.54
CA ARG B 280 -2.45 0.42 -27.49
C ARG B 280 -1.59 1.67 -27.29
N LYS B 281 -2.13 2.81 -27.72
CA LYS B 281 -1.45 4.10 -27.75
C LYS B 281 -2.17 5.17 -26.93
N GLN B 282 -1.42 6.12 -26.39
CA GLN B 282 -1.98 7.35 -25.82
C GLN B 282 -1.06 8.44 -26.28
N PHE B 283 -1.66 9.54 -26.73
CA PHE B 283 -0.95 10.75 -27.19
C PHE B 283 0.21 10.44 -28.15
N GLY B 284 -0.04 9.58 -29.14
CA GLY B 284 0.94 9.21 -30.17
C GLY B 284 2.15 8.54 -29.55
N ARG B 285 1.94 7.33 -29.03
CA ARG B 285 2.92 6.58 -28.23
C ARG B 285 2.24 5.39 -27.55
N PRO B 286 2.95 4.24 -27.40
CA PRO B 286 2.31 3.15 -26.65
C PRO B 286 2.29 3.45 -25.15
N LEU B 287 1.33 2.89 -24.43
CA LEU B 287 1.29 3.02 -22.96
C LEU B 287 2.62 2.64 -22.31
N ALA B 288 3.34 1.71 -22.94
CA ALA B 288 4.60 1.18 -22.41
C ALA B 288 5.65 2.26 -22.20
N ALA B 289 5.49 3.37 -22.91
CA ALA B 289 6.37 4.52 -22.79
C ALA B 289 6.23 5.23 -21.42
N ASN B 290 5.10 4.99 -20.77
CA ASN B 290 4.73 5.50 -19.46
C ASN B 290 5.49 4.85 -18.27
N GLN B 291 6.15 5.66 -17.47
CA GLN B 291 6.88 5.24 -16.27
C GLN B 291 6.03 4.49 -15.23
N LEU B 292 4.86 5.04 -14.91
CA LEU B 292 3.92 4.41 -14.00
C LEU B 292 3.60 2.98 -14.46
N ILE B 293 3.47 2.79 -15.78
CA ILE B 293 3.15 1.49 -16.36
C ILE B 293 4.38 0.58 -16.26
N GLN B 294 5.56 1.17 -16.42
CA GLN B 294 6.77 0.41 -16.28
C GLN B 294 7.00 -0.04 -14.84
N LYS B 295 6.68 0.82 -13.87
CA LYS B 295 6.81 0.42 -12.48
C LYS B 295 5.95 -0.80 -12.15
N LYS B 296 4.66 -0.70 -12.48
CA LYS B 296 3.71 -1.78 -12.28
C LYS B 296 4.22 -3.09 -12.87
N LEU B 297 4.72 -3.04 -14.11
CA LEU B 297 5.23 -4.23 -14.78
C LEU B 297 6.44 -4.82 -14.05
N ALA B 298 7.28 -3.92 -13.55
CA ALA B 298 8.43 -4.31 -12.78
C ALA B 298 8.03 -5.09 -11.52
N ASP B 299 6.94 -4.69 -10.88
CA ASP B 299 6.47 -5.37 -9.65
C ASP B 299 5.87 -6.74 -9.94
N MET B 300 5.18 -6.89 -11.08
CA MET B 300 4.55 -8.15 -11.44
C MET B 300 5.66 -9.16 -11.64
N GLN B 301 6.64 -8.73 -12.44
CA GLN B 301 7.78 -9.56 -12.79
C GLN B 301 8.45 -10.02 -11.52
N THR B 302 8.71 -9.08 -10.63
CA THR B 302 9.44 -9.36 -9.40
C THR B 302 8.66 -10.33 -8.53
N GLU B 303 7.42 -10.01 -8.19
CA GLU B 303 6.69 -10.91 -7.30
C GLU B 303 6.55 -12.34 -7.84
N ILE B 304 6.21 -12.46 -9.12
CA ILE B 304 6.10 -13.75 -9.76
C ILE B 304 7.44 -14.49 -9.72
N THR B 305 8.53 -13.79 -10.02
CA THR B 305 9.85 -14.41 -10.11
C THR B 305 10.24 -14.99 -8.74
N LEU B 306 10.00 -14.24 -7.68
CA LEU B 306 10.32 -14.69 -6.36
C LEU B 306 9.46 -15.84 -5.89
N GLY B 307 8.15 -15.71 -6.13
CA GLY B 307 7.19 -16.74 -5.79
C GLY B 307 7.58 -18.08 -6.40
N LEU B 308 7.93 -18.05 -7.69
CA LEU B 308 8.34 -19.28 -8.36
C LEU B 308 9.49 -19.89 -7.61
N GLN B 309 10.46 -19.08 -7.18
CA GLN B 309 11.59 -19.65 -6.45
C GLN B 309 11.15 -20.29 -5.15
N GLY B 310 10.16 -19.70 -4.49
CA GLY B 310 9.72 -20.24 -3.22
C GLY B 310 9.06 -21.59 -3.43
N VAL B 311 8.12 -21.66 -4.38
CA VAL B 311 7.44 -22.94 -4.64
C VAL B 311 8.39 -24.00 -5.18
N LEU B 312 9.32 -23.62 -6.05
CA LEU B 312 10.31 -24.59 -6.54
C LEU B 312 11.06 -25.22 -5.37
N ARG B 313 11.48 -24.37 -4.43
CA ARG B 313 12.26 -24.85 -3.33
C ARG B 313 11.44 -25.75 -2.39
N LEU B 314 10.21 -25.35 -2.09
CA LEU B 314 9.30 -26.16 -1.30
C LEU B 314 9.11 -27.53 -1.93
N GLY B 315 8.86 -27.57 -3.25
CA GLY B 315 8.70 -28.84 -3.99
C GLY B 315 9.91 -29.78 -3.85
N ARG B 316 11.13 -29.24 -3.97
CA ARG B 316 12.34 -30.02 -3.75
C ARG B 316 12.43 -30.52 -2.32
N MET B 317 11.98 -29.70 -1.39
CA MET B 317 12.05 -30.07 0.00
C MET B 317 11.06 -31.17 0.29
N LYS B 318 9.89 -31.11 -0.33
CA LYS B 318 8.90 -32.16 -0.10
C LYS B 318 9.48 -33.46 -0.62
N ASP B 319 9.99 -33.44 -1.85
CA ASP B 319 10.53 -34.66 -2.49
C ASP B 319 11.64 -35.35 -1.69
N GLU B 320 12.48 -34.57 -1.01
CA GLU B 320 13.56 -35.15 -0.24
C GLU B 320 13.18 -35.31 1.23
N GLY B 321 11.94 -34.97 1.57
CA GLY B 321 11.41 -35.13 2.93
C GLY B 321 11.98 -34.19 3.98
N THR B 322 12.43 -33.01 3.55
CA THR B 322 12.95 -32.03 4.48
C THR B 322 12.02 -30.84 4.76
N ALA B 323 10.73 -30.95 4.38
CA ALA B 323 9.82 -29.81 4.46
C ALA B 323 8.72 -29.96 5.51
N ALA B 324 8.72 -29.09 6.52
CA ALA B 324 7.66 -29.13 7.52
C ALA B 324 6.43 -28.48 6.92
N VAL B 325 5.26 -28.90 7.39
CA VAL B 325 4.01 -28.39 6.85
C VAL B 325 3.90 -26.86 6.88
N GLU B 326 4.64 -26.22 7.77
CA GLU B 326 4.53 -24.76 7.94
C GLU B 326 5.05 -23.97 6.73
N ILE B 327 6.00 -24.55 5.99
CA ILE B 327 6.47 -23.93 4.77
C ILE B 327 5.31 -23.73 3.78
N THR B 328 4.44 -24.73 3.69
CA THR B 328 3.30 -24.65 2.77
C THR B 328 2.44 -23.42 3.06
N SER B 329 2.27 -23.10 4.34
CA SER B 329 1.63 -21.85 4.73
C SER B 329 2.32 -20.56 4.19
N ILE B 330 3.65 -20.50 4.22
CA ILE B 330 4.32 -19.36 3.62
C ILE B 330 3.93 -19.26 2.15
N MET B 331 4.16 -20.34 1.39
CA MET B 331 3.98 -20.29 -0.07
C MET B 331 2.55 -20.09 -0.51
N LYS B 332 1.59 -20.66 0.22
CA LYS B 332 0.20 -20.51 -0.15
C LYS B 332 -0.34 -19.10 0.13
N ARG B 333 -0.05 -18.58 1.32
CA ARG B 333 -0.39 -17.20 1.64
C ARG B 333 0.22 -16.27 0.57
N ASN B 334 1.53 -16.38 0.37
CA ASN B 334 2.21 -15.51 -0.57
C ASN B 334 1.67 -15.62 -1.99
N SER B 335 1.58 -16.84 -2.49
CA SER B 335 1.20 -17.08 -3.86
C SER B 335 -0.17 -16.46 -4.16
N CYS B 336 -1.16 -16.71 -3.30
CA CYS B 336 -2.48 -16.17 -3.50
C CYS B 336 -2.55 -14.68 -3.33
N GLY B 337 -1.92 -14.16 -2.27
CA GLY B 337 -1.94 -12.74 -2.00
C GLY B 337 -1.36 -11.97 -3.17
N LYS B 338 -0.19 -12.36 -3.66
CA LYS B 338 0.49 -11.60 -4.71
C LYS B 338 -0.17 -11.78 -6.05
N ALA B 339 -0.76 -12.95 -6.27
CA ALA B 339 -1.47 -13.22 -7.51
C ALA B 339 -2.71 -12.30 -7.58
N LEU B 340 -3.38 -12.16 -6.44
CA LEU B 340 -4.51 -11.25 -6.33
C LEU B 340 -4.08 -9.84 -6.61
N ASP B 341 -3.04 -9.35 -5.91
CA ASP B 341 -2.48 -7.99 -6.17
C ASP B 341 -2.17 -7.79 -7.65
N ILE B 342 -1.55 -8.78 -8.27
CA ILE B 342 -1.12 -8.65 -9.64
C ILE B 342 -2.34 -8.56 -10.55
N ALA B 343 -3.37 -9.36 -10.26
CA ALA B 343 -4.54 -9.33 -11.10
C ALA B 343 -5.21 -7.95 -11.06
N ARG B 344 -5.18 -7.32 -9.88
CA ARG B 344 -5.83 -6.04 -9.68
C ARG B 344 -5.04 -4.92 -10.34
N LEU B 345 -3.73 -5.06 -10.29
CA LEU B 345 -2.82 -4.18 -10.96
C LEU B 345 -3.06 -4.26 -12.46
N ALA B 346 -3.15 -5.49 -12.98
CA ALA B 346 -3.36 -5.71 -14.43
C ALA B 346 -4.70 -5.14 -14.87
N ARG B 347 -5.73 -5.37 -14.03
CA ARG B 347 -7.07 -4.90 -14.31
C ARG B 347 -7.15 -3.39 -14.44
N ASP B 348 -6.42 -2.68 -13.59
CA ASP B 348 -6.55 -1.23 -13.53
C ASP B 348 -5.73 -0.56 -14.63
N MET B 349 -5.08 -1.39 -15.44
CA MET B 349 -4.32 -0.93 -16.58
C MET B 349 -5.17 -1.03 -17.86
N LEU B 350 -6.10 -1.97 -17.94
CA LEU B 350 -6.89 -2.17 -19.16
C LEU B 350 -7.95 -1.10 -19.33
N GLY B 351 -8.38 -0.84 -20.55
CA GLY B 351 -9.32 0.27 -20.84
C GLY B 351 -10.72 -0.13 -21.30
N PHE B 359 -9.31 -8.78 -20.92
CA PHE B 359 -10.49 -9.00 -20.07
C PHE B 359 -10.68 -10.46 -19.67
N GLY B 360 -9.92 -11.34 -20.32
CA GLY B 360 -9.53 -12.60 -19.67
C GLY B 360 -8.98 -12.29 -18.27
N VAL B 361 -8.35 -11.12 -18.12
CA VAL B 361 -7.92 -10.65 -16.80
C VAL B 361 -9.04 -10.54 -15.75
N ALA B 362 -10.22 -10.09 -16.16
CA ALA B 362 -11.34 -9.91 -15.21
C ALA B 362 -11.77 -11.25 -14.67
N ARG B 363 -11.70 -12.26 -15.53
CA ARG B 363 -12.01 -13.63 -15.16
C ARG B 363 -11.02 -14.15 -14.12
N HIS B 364 -9.74 -13.95 -14.40
CA HIS B 364 -8.69 -14.37 -13.50
C HIS B 364 -8.84 -13.66 -12.20
N LEU B 365 -9.32 -12.43 -12.26
CA LEU B 365 -9.49 -11.61 -11.08
C LEU B 365 -10.61 -12.14 -10.15
N VAL B 366 -11.82 -12.38 -10.66
CA VAL B 366 -12.86 -12.86 -9.75
C VAL B 366 -12.49 -14.24 -9.25
N ASN B 367 -11.92 -15.07 -10.11
CA ASN B 367 -11.41 -16.37 -9.63
C ASN B 367 -10.51 -16.21 -8.39
N LEU B 368 -9.46 -15.41 -8.53
CA LEU B 368 -8.51 -15.22 -7.45
C LEU B 368 -9.17 -14.55 -6.23
N GLU B 369 -10.16 -13.70 -6.44
CA GLU B 369 -10.93 -13.17 -5.32
C GLU B 369 -11.58 -14.27 -4.50
N VAL B 370 -12.20 -15.25 -5.17
CA VAL B 370 -12.70 -16.45 -4.47
C VAL B 370 -11.56 -17.27 -3.87
N VAL B 371 -10.49 -17.51 -4.63
CA VAL B 371 -9.41 -18.41 -4.18
C VAL B 371 -8.74 -17.86 -2.93
N ASN B 372 -8.50 -16.55 -2.94
CA ASN B 372 -7.83 -15.91 -1.81
C ASN B 372 -8.61 -15.99 -0.49
N THR B 373 -9.93 -16.02 -0.53
CA THR B 373 -10.70 -16.04 0.73
C THR B 373 -11.32 -17.40 1.04
N TYR B 374 -10.97 -18.39 0.25
CA TYR B 374 -11.54 -19.71 0.38
C TYR B 374 -11.36 -20.28 1.79
N GLU B 375 -10.17 -20.08 2.36
CA GLU B 375 -9.86 -20.67 3.67
C GLU B 375 -10.19 -19.71 4.78
N GLY B 376 -11.27 -18.95 4.59
CA GLY B 376 -11.75 -17.99 5.57
C GLY B 376 -11.19 -16.59 5.39
N THR B 377 -11.59 -15.69 6.29
CA THR B 377 -11.20 -14.30 6.21
C THR B 377 -10.34 -13.82 7.35
N HIS B 378 -9.77 -14.72 8.14
CA HIS B 378 -8.95 -14.29 9.26
C HIS B 378 -7.51 -14.71 9.05
N ASP B 379 -7.14 -14.99 7.80
CA ASP B 379 -5.75 -15.21 7.47
C ASP B 379 -5.18 -16.33 8.31
N ILE B 380 -5.78 -17.50 8.15
CA ILE B 380 -5.39 -18.68 8.91
C ILE B 380 -3.89 -18.97 8.86
N HIS B 381 -3.25 -18.74 7.70
CA HIS B 381 -1.81 -19.04 7.54
C HIS B 381 -0.87 -18.04 8.23
N ALA B 382 -1.23 -16.75 8.23
CA ALA B 382 -0.43 -15.79 8.95
C ALA B 382 -0.29 -16.29 10.39
N LEU B 383 -1.35 -16.90 10.92
CA LEU B 383 -1.36 -17.39 12.32
C LEU B 383 -0.57 -18.69 12.57
N ILE B 384 -0.75 -19.69 11.70
CA ILE B 384 0.08 -20.90 11.78
C ILE B 384 1.52 -20.43 11.88
N LEU B 385 1.84 -19.40 11.09
CA LEU B 385 3.20 -18.88 11.03
C LEU B 385 3.58 -18.04 12.26
N GLY B 386 2.63 -17.26 12.76
CA GLY B 386 2.88 -16.51 13.97
C GLY B 386 3.17 -17.45 15.12
N ARG B 387 2.35 -18.47 15.23
CA ARG B 387 2.49 -19.43 16.30
C ARG B 387 3.81 -20.17 16.21
N ALA B 388 4.24 -20.47 14.98
CA ALA B 388 5.47 -21.25 14.79
C ALA B 388 6.73 -20.48 15.11
N GLN B 389 6.69 -19.16 14.88
CA GLN B 389 7.79 -18.24 15.23
C GLN B 389 7.84 -17.99 16.75
N THR B 390 6.66 -17.89 17.38
CA THR B 390 6.55 -17.41 18.78
C THR B 390 6.27 -18.45 19.85
N GLY B 391 5.69 -19.58 19.48
CA GLY B 391 5.24 -20.57 20.45
C GLY B 391 3.83 -20.29 20.96
N ILE B 392 3.30 -19.10 20.65
CA ILE B 392 2.06 -18.63 21.27
C ILE B 392 0.89 -18.52 20.31
N GLN B 393 -0.21 -19.18 20.65
CA GLN B 393 -1.42 -19.17 19.83
C GLN B 393 -2.04 -17.79 19.87
N ALA B 394 -2.64 -17.39 18.76
CA ALA B 394 -3.46 -16.18 18.74
C ALA B 394 -4.86 -16.48 19.26
N ALA C 5 -11.24 31.84 -13.15
CA ALA C 5 -10.99 31.35 -11.74
C ALA C 5 -9.67 30.58 -11.72
N THR C 6 -8.74 31.00 -10.88
CA THR C 6 -7.41 30.42 -10.92
C THR C 6 -7.22 29.25 -9.93
N PHE C 7 -6.19 28.46 -10.16
CA PHE C 7 -5.92 27.32 -9.30
C PHE C 7 -4.74 27.58 -8.40
N HIS C 8 -4.96 27.48 -7.09
CA HIS C 8 -3.86 27.56 -6.12
C HIS C 8 -3.39 26.16 -5.74
N TRP C 9 -2.38 25.65 -6.44
CA TRP C 9 -1.87 24.31 -6.16
C TRP C 9 -1.56 24.08 -4.67
N ASP C 10 -1.12 25.13 -3.97
CA ASP C 10 -0.78 25.07 -2.53
C ASP C 10 -2.01 25.17 -1.59
N ASP C 11 -3.18 25.51 -2.13
CA ASP C 11 -4.42 25.61 -1.35
C ASP C 11 -5.60 25.41 -2.29
N PRO C 12 -5.72 24.19 -2.86
CA PRO C 12 -6.71 23.86 -3.88
C PRO C 12 -8.15 24.22 -3.53
N LEU C 13 -8.55 23.99 -2.29
CA LEU C 13 -9.93 24.25 -1.89
C LEU C 13 -10.12 25.63 -1.26
N LEU C 14 -9.12 26.49 -1.43
CA LEU C 14 -9.04 27.80 -0.78
C LEU C 14 -9.47 27.82 0.69
N LEU C 15 -8.79 27.04 1.53
CA LEU C 15 -9.00 27.12 2.98
C LEU C 15 -8.78 28.53 3.45
N ASP C 16 -7.90 29.26 2.78
CA ASP C 16 -7.56 30.60 3.21
C ASP C 16 -8.83 31.43 3.22
N GLN C 17 -9.73 31.11 2.32
CA GLN C 17 -10.97 31.85 2.16
C GLN C 17 -12.17 31.22 2.87
N GLN C 18 -11.93 30.16 3.64
CA GLN C 18 -12.98 29.58 4.46
C GLN C 18 -12.79 30.05 5.91
N LEU C 19 -11.63 30.63 6.16
CA LEU C 19 -11.33 31.26 7.45
C LEU C 19 -11.94 32.66 7.51
N ALA C 20 -12.34 33.06 8.72
CA ALA C 20 -12.65 34.48 9.03
C ALA C 20 -11.33 35.26 9.17
N ASP C 21 -11.32 36.53 8.71
CA ASP C 21 -10.09 37.38 8.76
C ASP C 21 -9.35 37.44 10.12
N ASP C 22 -10.09 37.43 11.22
CA ASP C 22 -9.45 37.36 12.54
C ASP C 22 -8.64 36.05 12.70
N GLU C 23 -9.24 34.95 12.25
CA GLU C 23 -8.60 33.63 12.15
C GLU C 23 -7.33 33.62 11.28
N ARG C 24 -7.33 34.34 10.16
CA ARG C 24 -6.13 34.42 9.31
C ARG C 24 -4.99 35.17 9.99
N MET C 25 -5.35 36.22 10.72
CA MET C 25 -4.36 37.04 11.41
C MET C 25 -3.77 36.27 12.59
N VAL C 26 -4.62 35.50 13.27
CA VAL C 26 -4.12 34.51 14.23
C VAL C 26 -3.11 33.55 13.55
N ARG C 27 -3.48 33.03 12.38
CA ARG C 27 -2.59 32.13 11.63
C ARG C 27 -1.28 32.80 11.26
N ASP C 28 -1.34 34.05 10.80
CA ASP C 28 -0.12 34.71 10.33
C ASP C 28 0.80 35.11 11.47
N ALA C 29 0.19 35.33 12.64
CA ALA C 29 0.94 35.66 13.86
C ALA C 29 1.74 34.45 14.30
N ALA C 30 1.11 33.27 14.27
CA ALA C 30 1.81 32.04 14.60
C ALA C 30 2.88 31.70 13.55
N HIS C 31 2.56 31.91 12.28
CA HIS C 31 3.49 31.70 11.19
C HIS C 31 4.69 32.65 11.31
N ALA C 32 4.43 33.93 11.59
CA ALA C 32 5.52 34.91 11.81
C ALA C 32 6.36 34.48 13.00
N TYR C 33 5.71 34.10 14.09
CA TYR C 33 6.45 33.68 15.25
C TYR C 33 7.28 32.44 14.95
N ALA C 34 6.68 31.43 14.33
CA ALA C 34 7.36 30.13 14.14
C ALA C 34 8.49 30.20 13.14
N GLN C 35 8.21 30.80 11.97
CA GLN C 35 9.23 31.08 10.94
C GLN C 35 10.32 32.03 11.42
N GLY C 36 9.94 33.03 12.23
CA GLY C 36 10.87 33.96 12.85
C GLY C 36 11.74 33.32 13.92
N LYS C 37 11.13 32.77 14.98
CA LYS C 37 11.91 32.41 16.18
C LYS C 37 12.31 30.95 16.33
N LEU C 38 11.48 30.05 15.79
CA LEU C 38 11.71 28.61 15.92
C LEU C 38 12.47 28.04 14.75
N ALA C 39 12.13 28.48 13.53
CA ALA C 39 12.82 27.97 12.34
C ALA C 39 14.34 27.99 12.49
N PRO C 40 14.93 29.16 12.83
CA PRO C 40 16.39 29.20 13.06
C PRO C 40 16.91 28.27 14.15
N ARG C 41 16.12 27.96 15.17
CA ARG C 41 16.65 27.14 16.26
C ARG C 41 16.64 25.65 15.96
N VAL C 42 15.78 25.22 15.04
CA VAL C 42 15.26 23.85 15.10
C VAL C 42 16.25 22.73 14.83
N THR C 43 17.08 22.89 13.79
CA THR C 43 18.01 21.81 13.43
C THR C 43 18.93 21.40 14.57
N GLU C 44 19.53 22.41 15.20
CA GLU C 44 20.49 22.22 16.27
C GLU C 44 19.84 21.67 17.51
N ALA C 45 18.72 22.29 17.91
CA ALA C 45 17.89 21.83 19.02
C ALA C 45 17.57 20.34 18.88
N PHE C 46 17.14 19.94 17.69
CA PHE C 46 16.84 18.55 17.38
C PHE C 46 18.14 17.75 17.40
N ARG C 47 19.11 18.20 16.62
CA ARG C 47 20.41 17.56 16.48
C ARG C 47 21.00 17.28 17.85
N HIS C 48 20.88 18.24 18.77
CA HIS C 48 21.49 18.07 20.08
C HIS C 48 20.57 18.00 21.30
N GLU C 49 19.29 17.77 21.05
CA GLU C 49 18.35 17.49 22.13
C GLU C 49 18.48 18.54 23.23
N THR C 50 18.43 19.82 22.86
CA THR C 50 18.63 20.91 23.83
C THR C 50 17.39 21.08 24.73
N THR C 51 17.54 21.80 25.83
CA THR C 51 16.38 22.35 26.54
C THR C 51 16.23 23.80 26.14
N ASP C 52 15.04 24.19 25.71
CA ASP C 52 14.79 25.59 25.46
C ASP C 52 13.49 25.97 26.13
N ALA C 53 13.57 26.56 27.32
CA ALA C 53 12.37 26.96 28.05
C ALA C 53 11.80 28.29 27.55
N ALA C 54 12.63 29.12 26.93
CA ALA C 54 12.28 30.50 26.55
C ALA C 54 11.06 30.62 25.63
N ILE C 55 10.72 29.50 24.99
CA ILE C 55 9.63 29.44 24.02
C ILE C 55 8.25 29.72 24.64
N PHE C 56 8.10 29.38 25.91
CA PHE C 56 6.84 29.56 26.59
C PHE C 56 6.46 31.04 26.79
N ARG C 57 7.40 31.88 27.23
CA ARG C 57 7.18 33.33 27.37
C ARG C 57 6.92 33.89 26.00
N GLU C 58 7.71 33.43 25.03
CA GLU C 58 7.57 33.90 23.68
C GLU C 58 6.16 33.70 23.14
N MET C 59 5.62 32.50 23.33
CA MET C 59 4.27 32.21 22.85
C MET C 59 3.18 32.87 23.66
N GLY C 60 3.41 32.96 24.98
CA GLY C 60 2.49 33.65 25.90
C GLY C 60 2.43 35.12 25.60
N GLU C 61 3.57 35.73 25.32
CA GLU C 61 3.72 37.15 25.00
C GLU C 61 2.66 37.58 23.98
N ILE C 62 2.62 36.87 22.86
CA ILE C 62 1.68 37.12 21.75
C ILE C 62 0.41 36.23 21.85
N GLY C 63 0.15 35.70 23.04
CA GLY C 63 -1.08 34.97 23.35
C GLY C 63 -1.38 33.79 22.46
N LEU C 64 -0.55 32.74 22.53
CA LEU C 64 -0.79 31.48 21.79
C LEU C 64 -0.85 30.29 22.74
N LEU C 65 -0.69 30.56 24.03
CA LEU C 65 -0.80 29.51 25.01
C LEU C 65 -2.20 29.49 25.55
N GLY C 66 -2.83 28.32 25.49
CA GLY C 66 -4.24 28.13 25.84
C GLY C 66 -5.18 29.05 25.07
N PRO C 67 -5.30 28.88 23.74
CA PRO C 67 -6.07 29.77 22.90
C PRO C 67 -7.54 29.93 23.29
N THR C 68 -8.15 28.86 23.78
CA THR C 68 -9.59 28.86 24.00
C THR C 68 -9.94 29.29 25.42
N ILE C 69 -8.92 29.46 26.24
CA ILE C 69 -9.05 29.98 27.57
C ILE C 69 -9.47 31.44 27.48
N PRO C 70 -10.55 31.82 28.18
CA PRO C 70 -11.10 33.20 28.18
C PRO C 70 -10.14 34.28 28.73
N GLU C 71 -10.37 35.52 28.29
CA GLU C 71 -9.53 36.67 28.64
C GLU C 71 -9.56 36.94 30.13
N GLN C 72 -10.70 36.60 30.71
CA GLN C 72 -10.91 36.67 32.14
C GLN C 72 -9.82 35.93 32.93
N TYR C 73 -9.09 35.00 32.31
CA TYR C 73 -7.99 34.31 32.99
C TYR C 73 -6.66 34.47 32.25
N GLY C 74 -6.58 35.50 31.42
CA GLY C 74 -5.36 35.79 30.70
C GLY C 74 -5.27 35.12 29.33
N GLY C 75 -6.25 34.30 28.96
CA GLY C 75 -6.26 33.65 27.65
C GLY C 75 -6.64 34.64 26.54
N PRO C 76 -6.39 34.27 25.28
CA PRO C 76 -6.86 35.21 24.25
C PRO C 76 -8.35 35.03 23.86
N GLY C 77 -9.05 34.07 24.47
CA GLY C 77 -10.48 33.85 24.20
C GLY C 77 -10.79 33.52 22.75
N LEU C 78 -10.04 32.60 22.15
CA LEU C 78 -10.26 32.27 20.76
C LEU C 78 -11.18 31.05 20.65
N ASP C 79 -11.45 30.62 19.41
CA ASP C 79 -12.19 29.40 19.18
C ASP C 79 -11.28 28.22 18.75
N TYR C 80 -11.89 27.08 18.49
CA TYR C 80 -11.13 25.87 18.19
C TYR C 80 -10.44 25.89 16.84
N VAL C 81 -11.02 26.62 15.91
CA VAL C 81 -10.42 26.78 14.58
C VAL C 81 -9.05 27.48 14.66
N SER C 82 -8.96 28.52 15.51
CA SER C 82 -7.69 29.24 15.74
C SER C 82 -6.67 28.42 16.51
N TYR C 83 -7.16 27.60 17.45
CA TYR C 83 -6.30 26.65 18.15
C TYR C 83 -5.55 25.83 17.09
N GLY C 84 -6.33 25.29 16.15
CA GLY C 84 -5.81 24.44 15.09
C GLY C 84 -4.78 25.12 14.22
N LEU C 85 -5.12 26.34 13.79
CA LEU C 85 -4.30 27.11 12.87
C LEU C 85 -2.95 27.40 13.47
N ILE C 86 -2.94 27.73 14.76
CA ILE C 86 -1.74 27.88 15.54
C ILE C 86 -0.97 26.58 15.59
N ALA C 87 -1.65 25.46 15.93
CA ALA C 87 -0.90 24.21 16.13
C ALA C 87 -0.26 23.81 14.81
N ARG C 88 -1.01 24.04 13.74
CA ARG C 88 -0.53 23.81 12.38
C ARG C 88 0.72 24.62 12.09
N GLU C 89 0.70 25.90 12.41
CA GLU C 89 1.87 26.78 12.17
C GLU C 89 3.12 26.42 12.96
N VAL C 90 2.97 26.11 14.23
CA VAL C 90 4.11 25.61 14.99
C VAL C 90 4.63 24.27 14.47
N GLU C 91 3.73 23.31 14.16
CA GLU C 91 4.24 21.98 13.79
C GLU C 91 4.87 22.07 12.42
N ARG C 92 4.32 22.94 11.58
CA ARG C 92 4.99 23.26 10.31
C ARG C 92 6.49 23.39 10.54
N VAL C 93 6.92 24.02 11.64
CA VAL C 93 8.36 24.00 11.94
C VAL C 93 8.79 22.67 12.56
N ASP C 94 8.21 22.29 13.70
CA ASP C 94 8.59 21.04 14.36
C ASP C 94 7.49 20.53 15.29
N SER C 95 7.32 19.20 15.31
CA SER C 95 6.32 18.51 16.16
C SER C 95 6.64 18.67 17.63
N GLY C 96 7.92 18.49 17.97
CA GLY C 96 8.46 18.80 19.32
C GLY C 96 7.97 20.10 19.94
N TYR C 97 8.04 21.18 19.17
CA TYR C 97 7.58 22.46 19.64
C TYR C 97 6.06 22.50 19.74
N ARG C 98 5.36 21.87 18.79
CA ARG C 98 3.90 21.94 18.85
C ARG C 98 3.47 21.24 20.11
N SER C 99 4.17 20.17 20.39
CA SER C 99 3.91 19.41 21.57
C SER C 99 4.03 20.24 22.85
N MET C 100 5.08 21.04 22.99
CA MET C 100 5.24 21.87 24.19
C MET C 100 4.00 22.69 24.48
N MET C 101 3.54 23.33 23.42
CA MET C 101 2.39 24.20 23.40
C MET C 101 1.09 23.42 23.54
N SER C 102 1.05 22.18 23.04
CA SER C 102 -0.11 21.28 23.20
C SER C 102 -0.33 20.92 24.68
N VAL C 103 0.78 20.58 25.33
CA VAL C 103 0.72 20.23 26.74
C VAL C 103 0.23 21.40 27.57
N GLN C 104 0.78 22.58 27.33
CA GLN C 104 0.37 23.77 28.07
C GLN C 104 -1.11 24.10 27.86
N SER C 105 -1.61 23.98 26.65
CA SER C 105 -2.95 24.43 26.37
C SER C 105 -4.04 23.41 26.67
N SER C 106 -3.85 22.17 26.23
CA SER C 106 -4.87 21.16 26.37
C SER C 106 -4.74 20.33 27.62
N LEU C 107 -3.53 20.19 28.15
CA LEU C 107 -3.32 19.21 29.20
C LEU C 107 -3.08 19.82 30.58
N VAL C 108 -2.96 21.14 30.64
CA VAL C 108 -2.81 21.87 31.89
C VAL C 108 -3.87 22.98 32.00
N MET C 109 -3.86 23.93 31.08
CA MET C 109 -4.83 25.01 31.15
C MET C 109 -6.32 24.55 31.08
N VAL C 110 -6.65 23.67 30.12
CA VAL C 110 -8.01 23.13 30.00
C VAL C 110 -8.53 22.43 31.28
N PRO C 111 -7.81 21.42 31.82
CA PRO C 111 -8.32 20.83 33.08
C PRO C 111 -8.55 21.85 34.21
N ILE C 112 -7.57 22.71 34.45
CA ILE C 112 -7.70 23.74 35.47
C ILE C 112 -8.94 24.58 35.19
N PHE C 113 -9.12 25.01 33.93
CA PHE C 113 -10.28 25.79 33.52
C PHE C 113 -11.64 25.11 33.68
N GLU C 114 -11.73 23.84 33.33
CA GLU C 114 -13.05 23.18 33.40
C GLU C 114 -13.32 22.52 34.72
N PHE C 115 -12.27 22.11 35.42
CA PHE C 115 -12.39 21.25 36.60
C PHE C 115 -11.94 21.88 37.94
N GLY C 116 -11.37 23.08 37.89
CA GLY C 116 -10.80 23.68 39.08
C GLY C 116 -11.73 24.65 39.80
N SER C 117 -11.44 24.86 41.07
CA SER C 117 -12.10 25.86 41.91
C SER C 117 -11.76 27.23 41.35
N ASP C 118 -12.56 28.25 41.69
CA ASP C 118 -12.21 29.63 41.30
C ASP C 118 -10.81 30.00 41.78
N ALA C 119 -10.46 29.61 42.99
CA ALA C 119 -9.13 29.91 43.52
C ALA C 119 -8.05 29.33 42.60
N GLN C 120 -8.11 28.02 42.37
CA GLN C 120 -7.22 27.33 41.43
C GLN C 120 -7.15 28.07 40.10
N LYS C 121 -8.30 28.49 39.58
CA LYS C 121 -8.29 29.20 38.31
C LYS C 121 -7.49 30.49 38.35
N GLU C 122 -7.66 31.31 39.40
CA GLU C 122 -6.98 32.61 39.44
C GLU C 122 -5.52 32.47 39.83
N LYS C 123 -5.19 31.43 40.58
CA LYS C 123 -3.79 31.22 40.90
C LYS C 123 -2.96 30.77 39.69
N TYR C 124 -3.52 29.88 38.86
CA TYR C 124 -2.71 29.17 37.83
C TYR C 124 -2.79 29.67 36.38
N LEU C 125 -3.98 29.98 35.90
CA LEU C 125 -4.16 30.27 34.47
C LEU C 125 -3.38 31.50 33.97
N PRO C 126 -3.44 32.65 34.67
CA PRO C 126 -2.70 33.83 34.19
C PRO C 126 -1.22 33.58 33.95
N LYS C 127 -0.56 32.91 34.89
CA LYS C 127 0.87 32.57 34.75
C LYS C 127 1.14 31.55 33.63
N LEU C 128 0.24 30.59 33.47
CA LEU C 128 0.33 29.64 32.38
C LEU C 128 0.10 30.40 31.06
N ALA C 129 -0.89 31.28 31.04
CA ALA C 129 -1.18 32.07 29.86
C ALA C 129 -0.01 32.93 29.37
N THR C 130 0.81 33.46 30.27
CA THR C 130 1.98 34.28 29.85
C THR C 130 3.21 33.44 29.56
N GLY C 131 3.25 32.26 30.16
CA GLY C 131 4.38 31.38 30.01
C GLY C 131 5.33 31.54 31.16
N GLU C 132 5.02 32.46 32.08
CA GLU C 132 5.80 32.56 33.30
C GLU C 132 5.95 31.19 33.93
N TRP C 133 4.81 30.51 34.06
CA TRP C 133 4.76 29.16 34.60
C TRP C 133 4.56 28.16 33.47
N ILE C 134 5.32 27.08 33.55
CA ILE C 134 5.32 26.06 32.53
C ILE C 134 4.64 24.82 33.08
N GLY C 135 3.89 24.11 32.25
CA GLY C 135 3.08 23.02 32.78
C GLY C 135 3.29 21.66 32.18
N CYS C 136 2.94 20.63 32.92
CA CYS C 136 2.87 19.29 32.34
C CYS C 136 1.75 18.47 32.96
N PHE C 137 1.72 17.19 32.60
CA PHE C 137 0.52 16.39 32.73
C PHE C 137 0.92 14.93 32.89
N GLY C 138 0.54 14.32 34.00
CA GLY C 138 0.86 12.93 34.23
C GLY C 138 -0.37 12.04 34.21
N LEU C 139 -0.56 11.30 33.12
CA LEU C 139 -1.63 10.29 33.05
C LEU C 139 -1.12 8.87 32.77
N THR C 140 -0.14 8.75 31.88
CA THR C 140 0.30 7.43 31.36
C THR C 140 1.50 6.90 32.12
N GLU C 141 1.43 5.62 32.47
CA GLU C 141 2.45 4.98 33.31
C GLU C 141 3.24 3.92 32.54
N PRO C 142 4.51 3.69 32.95
CA PRO C 142 5.38 2.56 32.49
C PRO C 142 4.63 1.27 32.13
N GLY C 149 -7.93 3.99 33.96
CA GLY C 149 -8.80 2.87 34.32
C GLY C 149 -8.09 1.81 35.17
N SER C 150 -7.00 1.28 34.65
CA SER C 150 -6.19 0.32 35.35
C SER C 150 -4.87 0.98 35.76
N MET C 151 -4.94 2.28 36.09
CA MET C 151 -3.75 3.01 36.50
C MET C 151 -3.46 2.72 37.96
N VAL C 152 -2.19 2.83 38.33
CA VAL C 152 -1.69 2.37 39.62
C VAL C 152 -1.18 3.48 40.54
N THR C 153 -0.97 4.67 39.95
CA THR C 153 -0.57 5.86 40.72
C THR C 153 -1.68 6.20 41.69
N ARG C 154 -1.29 6.52 42.92
CA ARG C 154 -2.24 6.50 44.03
C ARG C 154 -2.15 7.70 45.00
N ALA C 155 -3.33 8.20 45.38
CA ALA C 155 -3.46 9.22 46.40
C ALA C 155 -4.04 8.65 47.70
N ARG C 156 -3.23 8.70 48.77
CA ARG C 156 -3.72 8.38 50.11
C ARG C 156 -4.28 9.68 50.67
N LYS C 157 -5.44 9.59 51.30
CA LYS C 157 -6.00 10.71 52.05
C LYS C 157 -5.25 10.79 53.38
N VAL C 158 -4.63 11.93 53.66
CA VAL C 158 -3.91 12.12 54.91
C VAL C 158 -4.27 13.49 55.53
N PRO C 159 -3.71 13.83 56.73
CA PRO C 159 -3.85 15.15 57.37
C PRO C 159 -3.65 16.36 56.45
N GLY C 160 -4.72 17.09 56.18
CA GLY C 160 -4.66 18.31 55.38
C GLY C 160 -4.80 18.18 53.86
N GLY C 161 -4.82 16.93 53.37
CA GLY C 161 -4.89 16.65 51.95
C GLY C 161 -4.51 15.24 51.59
N TYR C 162 -3.54 15.10 50.69
CA TYR C 162 -3.27 13.82 50.04
C TYR C 162 -1.79 13.50 49.96
N SER C 163 -1.50 12.21 49.89
CA SER C 163 -0.14 11.77 49.63
C SER C 163 -0.13 10.95 48.33
N LEU C 164 0.64 11.40 47.37
CA LEU C 164 0.61 10.79 46.05
C LEU C 164 1.88 10.04 45.77
N SER C 165 1.70 8.83 45.24
CA SER C 165 2.78 7.88 45.09
C SER C 165 2.60 7.06 43.81
N GLY C 166 3.66 7.05 43.00
CA GLY C 166 3.61 6.38 41.71
C GLY C 166 4.48 7.13 40.73
N SER C 167 4.48 6.64 39.50
CA SER C 167 5.36 7.19 38.51
C SER C 167 4.65 7.30 37.15
N LYS C 168 4.75 8.47 36.53
CA LYS C 168 4.20 8.70 35.20
C LYS C 168 5.40 8.87 34.32
N MET C 169 5.32 8.36 33.09
CA MET C 169 6.46 8.36 32.17
C MET C 169 6.10 9.14 30.89
N TRP C 170 7.13 9.61 30.17
CA TRP C 170 6.98 10.33 28.90
C TRP C 170 6.15 11.61 28.98
N ILE C 171 6.51 12.47 29.92
CA ILE C 171 5.74 13.68 30.19
C ILE C 171 6.47 14.91 29.64
N THR C 172 6.16 15.29 28.41
CA THR C 172 6.84 16.44 27.79
C THR C 172 6.68 17.75 28.63
N ASN C 173 7.79 18.47 28.80
CA ASN C 173 7.87 19.66 29.68
C ASN C 173 8.21 19.31 31.12
N SER C 174 8.07 18.06 31.54
CA SER C 174 8.18 17.73 32.96
C SER C 174 9.47 18.23 33.64
N PRO C 175 10.65 18.05 33.01
CA PRO C 175 11.89 18.48 33.66
C PRO C 175 12.06 20.01 33.89
N ILE C 176 11.16 20.81 33.34
CA ILE C 176 11.23 22.26 33.48
C ILE C 176 9.88 22.83 33.85
N ALA C 177 8.99 21.98 34.34
CA ALA C 177 7.64 22.44 34.66
C ALA C 177 7.55 23.04 36.04
N ASP C 178 6.75 24.10 36.13
CA ASP C 178 6.43 24.76 37.38
C ASP C 178 5.13 24.22 38.03
N VAL C 179 4.22 23.69 37.20
CA VAL C 179 2.87 23.30 37.57
C VAL C 179 2.62 21.89 37.00
N PHE C 180 2.12 20.97 37.82
CA PHE C 180 1.94 19.59 37.40
C PHE C 180 0.51 19.18 37.63
N VAL C 181 -0.12 18.58 36.62
CA VAL C 181 -1.48 18.06 36.77
C VAL C 181 -1.45 16.53 36.74
N VAL C 182 -1.63 15.91 37.89
CA VAL C 182 -1.45 14.46 38.00
C VAL C 182 -2.80 13.81 38.19
N TRP C 183 -3.00 12.68 37.54
CA TRP C 183 -4.20 11.87 37.77
C TRP C 183 -3.85 10.61 38.52
N ALA C 184 -4.39 10.48 39.72
CA ALA C 184 -4.16 9.31 40.55
C ALA C 184 -5.49 8.80 41.03
N LYS C 185 -5.51 7.52 41.42
CA LYS C 185 -6.70 6.91 41.99
C LYS C 185 -6.80 7.16 43.49
N LEU C 186 -8.02 7.43 43.95
CA LEU C 186 -8.31 7.67 45.38
C LEU C 186 -9.43 6.76 45.92
N ASP C 187 -9.16 6.13 47.07
CA ASP C 187 -10.17 5.33 47.78
C ASP C 187 -11.20 6.19 48.51
N GLU C 188 -12.46 5.82 48.29
CA GLU C 188 -13.61 6.49 48.84
C GLU C 188 -14.55 5.38 49.34
N ASP C 189 -14.50 5.12 50.65
CA ASP C 189 -15.39 4.17 51.30
C ASP C 189 -15.49 2.88 50.46
N GLY C 190 -14.35 2.24 50.18
CA GLY C 190 -14.33 1.07 49.28
C GLY C 190 -14.12 1.37 47.80
N ARG C 191 -14.86 2.35 47.28
CA ARG C 191 -14.80 2.77 45.85
C ARG C 191 -13.52 3.54 45.41
N ASP C 192 -12.93 3.10 44.32
CA ASP C 192 -11.70 3.67 43.78
C ASP C 192 -11.98 4.55 42.54
N GLU C 193 -11.65 5.84 42.63
CA GLU C 193 -11.83 6.71 41.45
C GLU C 193 -10.68 7.64 41.10
N ILE C 194 -10.58 7.93 39.80
CA ILE C 194 -9.55 8.79 39.24
C ILE C 194 -9.84 10.25 39.57
N ARG C 195 -8.92 10.89 40.27
CA ARG C 195 -9.02 12.34 40.58
C ARG C 195 -7.80 13.06 40.05
N GLY C 196 -7.96 14.36 39.79
CA GLY C 196 -6.84 15.15 39.29
C GLY C 196 -6.31 16.00 40.41
N PHE C 197 -4.99 16.15 40.45
CA PHE C 197 -4.31 16.97 41.46
C PHE C 197 -3.37 17.99 40.82
N ILE C 198 -3.37 19.22 41.31
CA ILE C 198 -2.34 20.20 40.92
C ILE C 198 -1.16 20.08 41.89
N LEU C 199 0.07 20.09 41.36
CA LEU C 199 1.27 20.13 42.19
C LEU C 199 2.20 21.19 41.68
N GLU C 200 3.05 21.68 42.57
CA GLU C 200 4.04 22.68 42.21
C GLU C 200 5.46 22.17 42.24
N LYS C 201 6.36 22.88 41.55
CA LYS C 201 7.75 22.48 41.43
C LYS C 201 8.45 22.50 42.79
N GLY C 202 9.23 21.46 43.06
CA GLY C 202 10.23 21.48 44.14
C GLY C 202 9.76 21.12 45.53
N CYS C 203 8.46 21.24 45.78
CA CYS C 203 7.89 20.70 47.00
C CYS C 203 8.24 19.20 47.13
N LYS C 204 8.67 18.82 48.33
CA LYS C 204 9.30 17.50 48.59
C LYS C 204 8.46 16.30 48.19
N GLY C 205 9.08 15.37 47.45
CA GLY C 205 8.44 14.12 47.02
C GLY C 205 8.27 13.96 45.52
N LEU C 206 8.44 15.08 44.83
CA LEU C 206 8.24 15.16 43.39
C LEU C 206 9.59 15.22 42.68
N SER C 207 9.73 14.45 41.59
CA SER C 207 10.93 14.47 40.77
C SER C 207 10.58 14.58 39.29
N ALA C 208 11.47 15.22 38.54
CA ALA C 208 11.25 15.51 37.12
C ALA C 208 12.36 15.03 36.15
N PRO C 209 13.07 13.92 36.46
CA PRO C 209 14.29 13.61 35.72
C PRO C 209 14.09 13.44 34.22
N ALA C 210 14.84 14.21 33.43
CA ALA C 210 14.73 14.20 31.98
C ALA C 210 14.98 12.83 31.35
N ILE C 211 14.53 12.64 30.12
CA ILE C 211 14.86 11.46 29.35
C ILE C 211 15.78 11.88 28.21
N HIS C 212 16.85 11.10 28.01
CA HIS C 212 17.82 11.46 26.98
C HIS C 212 18.00 10.43 25.88
N GLY C 213 18.50 10.88 24.74
CA GLY C 213 18.74 10.00 23.60
C GLY C 213 17.47 9.54 22.89
N LYS C 214 16.47 10.43 22.81
CA LYS C 214 15.19 10.12 22.20
C LYS C 214 15.43 9.98 20.71
N VAL C 215 14.63 9.15 20.03
CA VAL C 215 14.78 8.99 18.58
C VAL C 215 14.08 10.12 17.86
N GLY C 216 12.95 10.55 18.39
CA GLY C 216 12.24 11.69 17.83
C GLY C 216 11.66 12.59 18.91
N LEU C 217 11.07 13.71 18.49
CA LEU C 217 10.69 14.81 19.38
C LEU C 217 11.89 15.26 20.24
N ARG C 218 13.07 15.26 19.64
CA ARG C 218 14.30 15.59 20.32
C ARG C 218 14.40 17.07 20.70
N ALA C 219 13.67 17.93 19.98
CA ALA C 219 13.71 19.38 20.19
C ALA C 219 12.82 19.81 21.34
N SER C 220 12.20 18.83 21.99
CA SER C 220 11.30 19.08 23.12
C SER C 220 11.76 18.29 24.33
N ILE C 221 11.94 18.99 25.45
CA ILE C 221 12.44 18.36 26.68
C ILE C 221 11.37 17.49 27.34
N THR C 222 11.73 16.25 27.62
CA THR C 222 10.79 15.23 28.05
C THR C 222 11.33 14.52 29.29
N GLY C 223 10.43 14.20 30.23
CA GLY C 223 10.84 13.46 31.39
C GLY C 223 9.78 12.56 31.96
N GLU C 224 10.09 12.01 33.13
CA GLU C 224 9.13 11.27 33.95
C GLU C 224 8.49 12.25 34.95
N ILE C 225 7.57 11.75 35.77
CA ILE C 225 7.18 12.41 37.01
C ILE C 225 7.29 11.33 38.05
N VAL C 226 7.95 11.63 39.16
CA VAL C 226 8.18 10.65 40.21
C VAL C 226 7.59 11.13 41.51
N LEU C 227 6.53 10.46 41.91
CA LEU C 227 5.88 10.76 43.17
C LEU C 227 6.27 9.71 44.20
N ASP C 228 7.06 10.14 45.18
CA ASP C 228 7.29 9.36 46.38
C ASP C 228 6.69 10.12 47.55
N GLU C 229 5.47 9.72 47.91
CA GLU C 229 4.76 10.27 49.08
C GLU C 229 4.69 11.80 48.99
N ALA C 230 4.59 12.31 47.77
CA ALA C 230 4.48 13.76 47.56
C ALA C 230 3.18 14.29 48.14
N PHE C 231 3.29 15.37 48.90
CA PHE C 231 2.15 15.95 49.61
C PHE C 231 1.40 16.96 48.76
N VAL C 232 0.10 16.73 48.60
CA VAL C 232 -0.78 17.72 47.97
C VAL C 232 -1.77 18.17 49.04
N PRO C 233 -1.88 19.50 49.28
CA PRO C 233 -2.95 20.06 50.12
C PRO C 233 -4.37 19.85 49.56
N GLU C 234 -5.38 19.90 50.44
CA GLU C 234 -6.81 19.83 50.04
C GLU C 234 -7.19 20.81 48.92
N GLU C 235 -6.74 22.05 49.03
CA GLU C 235 -7.06 23.10 48.05
C GLU C 235 -6.45 22.86 46.66
N ASN C 236 -5.67 21.79 46.52
CA ASN C 236 -5.03 21.42 45.26
C ASN C 236 -5.61 20.20 44.55
N ILE C 237 -6.67 19.60 45.11
CA ILE C 237 -7.38 18.58 44.37
C ILE C 237 -8.41 19.29 43.46
N LEU C 238 -8.50 18.84 42.21
CA LEU C 238 -9.47 19.38 41.29
C LEU C 238 -10.85 18.93 41.74
N PRO C 239 -11.72 19.89 42.14
CA PRO C 239 -12.97 19.45 42.74
C PRO C 239 -14.12 19.04 41.79
N HIS C 240 -14.17 19.57 40.57
CA HIS C 240 -15.39 19.41 39.75
C HIS C 240 -15.37 18.34 38.67
N VAL C 241 -14.69 17.24 38.94
CA VAL C 241 -14.62 16.09 38.05
C VAL C 241 -14.12 14.89 38.83
N LYS C 242 -14.60 13.70 38.46
CA LYS C 242 -13.93 12.48 38.87
C LYS C 242 -14.15 11.39 37.82
N GLY C 243 -13.29 10.38 37.84
CA GLY C 243 -13.39 9.31 36.85
C GLY C 243 -12.85 9.69 35.49
N LEU C 244 -13.53 9.24 34.43
CA LEU C 244 -12.99 9.35 33.08
C LEU C 244 -13.01 10.78 32.50
N ARG C 245 -14.08 11.54 32.75
CA ARG C 245 -14.26 12.92 32.23
C ARG C 245 -12.99 13.79 32.30
N GLY C 246 -12.29 13.74 33.43
CA GLY C 246 -11.07 14.54 33.62
C GLY C 246 -9.98 14.31 32.58
N PRO C 247 -9.36 13.11 32.59
CA PRO C 247 -8.30 12.76 31.66
C PRO C 247 -8.72 12.88 30.19
N PHE C 248 -9.89 12.34 29.88
CA PHE C 248 -10.42 12.27 28.53
C PHE C 248 -10.69 13.66 27.91
N THR C 249 -11.32 14.57 28.69
CA THR C 249 -11.54 15.95 28.27
C THR C 249 -10.19 16.55 27.87
N CYS C 250 -9.12 16.19 28.58
CA CYS C 250 -7.79 16.72 28.27
C CYS C 250 -7.25 16.15 26.96
N LEU C 251 -7.16 14.83 26.91
CA LEU C 251 -6.69 14.13 25.72
C LEU C 251 -7.50 14.51 24.49
N ASN C 252 -8.81 14.56 24.63
CA ASN C 252 -9.64 14.88 23.48
C ASN C 252 -9.37 16.31 22.94
N SER C 253 -8.96 17.21 23.83
CA SER C 253 -8.46 18.49 23.39
C SER C 253 -7.02 18.45 22.77
N ALA C 254 -6.10 17.68 23.33
CA ALA C 254 -4.76 17.64 22.72
C ALA C 254 -4.83 17.00 21.33
N ARG C 255 -5.57 15.90 21.23
CA ARG C 255 -5.77 15.23 19.95
C ARG C 255 -6.27 16.15 18.82
N TYR C 256 -7.12 17.11 19.17
CA TYR C 256 -7.68 18.02 18.20
C TYR C 256 -6.58 18.89 17.65
N GLY C 257 -5.67 19.33 18.51
CA GLY C 257 -4.54 20.13 18.10
C GLY C 257 -3.50 19.32 17.35
N ILE C 258 -3.20 18.13 17.83
CA ILE C 258 -2.36 17.22 17.06
C ILE C 258 -2.89 16.97 15.62
N ALA C 259 -4.21 16.81 15.46
CA ALA C 259 -4.80 16.64 14.13
C ALA C 259 -4.49 17.80 13.17
N TRP C 260 -4.52 19.04 13.66
CA TRP C 260 -4.16 20.20 12.84
C TRP C 260 -2.63 20.25 12.63
N GLY C 261 -1.90 20.05 13.72
CA GLY C 261 -0.46 20.07 13.69
C GLY C 261 0.12 19.12 12.68
N ALA C 262 -0.26 17.84 12.72
CA ALA C 262 0.35 16.85 11.85
C ALA C 262 0.30 17.31 10.39
N LEU C 263 -0.80 18.00 10.06
CA LEU C 263 -1.04 18.44 8.70
C LEU C 263 -0.08 19.56 8.32
N GLY C 264 0.31 20.38 9.30
CA GLY C 264 1.43 21.30 9.14
C GLY C 264 2.75 20.61 8.84
N ALA C 265 3.15 19.61 9.64
CA ALA C 265 4.35 18.82 9.31
C ALA C 265 4.30 18.25 7.88
N ALA C 266 3.15 17.70 7.51
CA ALA C 266 3.01 17.10 6.21
C ALA C 266 3.16 18.15 5.11
N GLU C 267 2.52 19.31 5.25
CA GLU C 267 2.80 20.40 4.30
C GLU C 267 4.32 20.69 4.13
N SER C 268 5.07 20.90 5.21
CA SER C 268 6.53 21.00 5.05
C SER C 268 7.14 19.93 4.16
N CYS C 269 6.89 18.66 4.47
CA CYS C 269 7.48 17.61 3.67
C CYS C 269 7.13 17.75 2.20
N TRP C 270 5.85 17.99 1.93
CA TRP C 270 5.33 18.19 0.60
C TRP C 270 6.09 19.32 -0.12
N HIS C 271 5.98 20.54 0.42
CA HIS C 271 6.71 21.69 -0.13
C HIS C 271 8.18 21.43 -0.36
N ILE C 272 8.84 20.80 0.59
CA ILE C 272 10.27 20.61 0.45
C ILE C 272 10.50 19.64 -0.72
N ALA C 273 9.72 18.56 -0.76
CA ALA C 273 9.80 17.57 -1.84
C ALA C 273 9.55 18.17 -3.21
N ARG C 274 8.58 19.06 -3.30
CA ARG C 274 8.25 19.69 -4.56
C ARG C 274 9.41 20.57 -5.02
N GLN C 275 10.03 21.29 -4.09
CA GLN C 275 11.08 22.23 -4.47
C GLN C 275 12.33 21.47 -4.79
N TYR C 276 12.51 20.34 -4.13
CA TYR C 276 13.65 19.48 -4.40
C TYR C 276 13.60 18.84 -5.78
N VAL C 277 12.43 18.37 -6.21
CA VAL C 277 12.39 17.79 -7.55
C VAL C 277 12.37 18.83 -8.71
N LEU C 278 11.96 20.06 -8.43
CA LEU C 278 12.06 21.16 -9.42
C LEU C 278 13.51 21.56 -9.62
N ASP C 279 14.33 21.37 -8.60
CA ASP C 279 15.68 21.87 -8.58
C ASP C 279 16.70 20.89 -9.08
N ARG C 280 16.47 19.62 -8.79
CA ARG C 280 17.37 18.58 -9.23
C ARG C 280 17.07 18.13 -10.65
N LYS C 281 18.14 17.85 -11.38
CA LYS C 281 18.11 17.44 -12.77
C LYS C 281 18.62 16.01 -12.91
N GLN C 282 17.97 15.24 -13.78
CA GLN C 282 18.52 13.94 -14.17
C GLN C 282 18.19 13.67 -15.62
N PHE C 283 19.22 13.30 -16.37
CA PHE C 283 19.14 13.14 -17.84
C PHE C 283 18.76 14.47 -18.48
N GLY C 284 19.31 15.54 -17.89
CA GLY C 284 19.13 16.90 -18.43
C GLY C 284 17.71 17.39 -18.38
N ARG C 285 16.97 16.93 -17.37
CA ARG C 285 15.59 17.36 -17.10
C ARG C 285 15.33 17.31 -15.59
N PRO C 286 14.50 18.23 -15.08
CA PRO C 286 14.21 18.18 -13.66
C PRO C 286 13.52 16.85 -13.23
N LEU C 287 13.68 16.47 -11.96
CA LEU C 287 13.07 15.24 -11.46
C LEU C 287 11.55 15.38 -11.52
N ALA C 288 11.11 16.63 -11.42
CA ALA C 288 9.68 16.97 -11.51
C ALA C 288 9.03 16.56 -12.82
N ALA C 289 9.84 16.33 -13.84
CA ALA C 289 9.36 15.85 -15.13
C ALA C 289 8.89 14.37 -15.16
N ASN C 290 9.37 13.54 -14.22
CA ASN C 290 9.01 12.12 -14.20
C ASN C 290 7.59 11.86 -13.70
N GLN C 291 6.94 10.87 -14.29
CA GLN C 291 5.56 10.56 -13.95
C GLN C 291 5.42 9.94 -12.55
N LEU C 292 6.40 9.13 -12.14
CA LEU C 292 6.39 8.54 -10.81
C LEU C 292 6.49 9.63 -9.75
N ILE C 293 7.29 10.66 -10.03
CA ILE C 293 7.42 11.78 -9.11
C ILE C 293 6.11 12.55 -9.02
N GLN C 294 5.44 12.75 -10.16
CA GLN C 294 4.24 13.57 -10.16
C GLN C 294 3.07 12.93 -9.46
N LYS C 295 2.96 11.60 -9.51
CA LYS C 295 1.89 10.86 -8.79
C LYS C 295 2.04 11.04 -7.26
N LYS C 296 3.27 10.89 -6.79
CA LYS C 296 3.60 11.12 -5.38
C LYS C 296 3.20 12.52 -4.97
N LEU C 297 3.53 13.52 -5.79
CA LEU C 297 3.13 14.89 -5.45
C LEU C 297 1.63 15.05 -5.47
N ALA C 298 0.94 14.32 -6.33
CA ALA C 298 -0.51 14.46 -6.41
C ALA C 298 -1.16 13.82 -5.18
N ASP C 299 -0.62 12.68 -4.76
CA ASP C 299 -1.09 12.02 -3.56
C ASP C 299 -0.88 12.91 -2.35
N MET C 300 0.27 13.58 -2.26
CA MET C 300 0.50 14.46 -1.12
C MET C 300 -0.51 15.59 -1.11
N GLN C 301 -0.70 16.24 -2.26
CA GLN C 301 -1.63 17.38 -2.37
C GLN C 301 -3.04 16.98 -1.95
N THR C 302 -3.49 15.87 -2.52
CA THR C 302 -4.80 15.29 -2.17
C THR C 302 -4.98 15.01 -0.69
N GLU C 303 -4.02 14.32 -0.09
CA GLU C 303 -4.29 13.83 1.26
C GLU C 303 -4.30 15.00 2.21
N ILE C 304 -3.44 15.98 1.97
CA ILE C 304 -3.38 17.13 2.83
C ILE C 304 -4.65 17.98 2.65
N THR C 305 -5.10 18.16 1.40
CA THR C 305 -6.25 19.01 1.11
C THR C 305 -7.50 18.48 1.78
N LEU C 306 -7.68 17.17 1.67
CA LEU C 306 -8.79 16.52 2.30
C LEU C 306 -8.62 16.50 3.83
N GLY C 307 -7.42 16.24 4.31
CA GLY C 307 -7.22 16.23 5.73
C GLY C 307 -7.55 17.59 6.31
N LEU C 308 -7.23 18.66 5.57
CA LEU C 308 -7.55 19.99 6.06
C LEU C 308 -9.03 20.27 6.10
N GLN C 309 -9.79 19.79 5.12
CA GLN C 309 -11.25 20.08 5.12
C GLN C 309 -11.90 19.45 6.33
N GLY C 310 -11.36 18.29 6.72
CA GLY C 310 -11.84 17.55 7.88
C GLY C 310 -11.62 18.21 9.22
N VAL C 311 -10.43 18.78 9.46
CA VAL C 311 -10.18 19.45 10.75
C VAL C 311 -10.91 20.81 10.81
N LEU C 312 -11.01 21.48 9.67
CA LEU C 312 -11.83 22.69 9.64
C LEU C 312 -13.28 22.40 10.08
N ARG C 313 -13.91 21.40 9.46
CA ARG C 313 -15.27 21.06 9.80
C ARG C 313 -15.39 20.66 11.27
N LEU C 314 -14.38 19.91 11.77
CA LEU C 314 -14.31 19.52 13.17
C LEU C 314 -14.25 20.73 14.05
N GLY C 315 -13.34 21.66 13.74
CA GLY C 315 -13.23 22.89 14.52
C GLY C 315 -14.56 23.61 14.61
N ARG C 316 -15.25 23.79 13.47
CA ARG C 316 -16.51 24.55 13.42
C ARG C 316 -17.61 23.85 14.19
N MET C 317 -17.59 22.53 14.19
CA MET C 317 -18.55 21.74 14.93
C MET C 317 -18.30 21.85 16.43
N LYS C 318 -17.03 21.91 16.79
CA LYS C 318 -16.63 22.15 18.16
C LYS C 318 -17.01 23.55 18.70
N ASP C 319 -16.85 24.59 17.87
CA ASP C 319 -17.32 25.92 18.23
C ASP C 319 -18.85 25.97 18.36
N GLU C 320 -19.56 25.08 17.70
CA GLU C 320 -21.02 25.07 17.74
C GLU C 320 -21.55 24.09 18.78
N GLY C 321 -20.65 23.32 19.40
CA GLY C 321 -21.05 22.33 20.40
C GLY C 321 -21.78 21.15 19.78
N THR C 322 -21.57 20.93 18.47
CA THR C 322 -22.17 19.82 17.72
C THR C 322 -21.25 18.61 17.46
N ALA C 323 -19.98 18.74 17.82
CA ALA C 323 -18.98 17.71 17.55
C ALA C 323 -18.96 16.62 18.61
N ALA C 324 -19.33 15.41 18.21
CA ALA C 324 -19.12 14.26 19.07
C ALA C 324 -17.64 13.91 19.19
N VAL C 325 -17.30 13.31 20.31
CA VAL C 325 -15.95 13.01 20.70
C VAL C 325 -15.30 12.02 19.71
N GLU C 326 -16.10 11.16 19.12
CA GLU C 326 -15.55 10.19 18.20
C GLU C 326 -14.97 10.82 16.93
N ILE C 327 -15.52 11.96 16.52
CA ILE C 327 -15.00 12.67 15.34
C ILE C 327 -13.53 12.96 15.52
N THR C 328 -13.13 13.38 16.71
CA THR C 328 -11.71 13.62 16.96
C THR C 328 -10.84 12.40 16.62
N SER C 329 -11.35 11.20 16.88
CA SER C 329 -10.60 10.00 16.58
C SER C 329 -10.41 9.86 15.08
N ILE C 330 -11.38 10.32 14.29
CA ILE C 330 -11.24 10.26 12.85
C ILE C 330 -10.08 11.19 12.42
N MET C 331 -10.13 12.42 12.89
CA MET C 331 -9.17 13.37 12.44
C MET C 331 -7.78 13.10 12.97
N LYS C 332 -7.68 12.64 14.20
CA LYS C 332 -6.34 12.39 14.75
C LYS C 332 -5.67 11.29 13.97
N ARG C 333 -6.36 10.17 13.84
CA ARG C 333 -5.83 9.02 13.14
C ARG C 333 -5.44 9.38 11.71
N ASN C 334 -6.35 10.02 11.01
CA ASN C 334 -6.12 10.39 9.63
C ASN C 334 -4.95 11.40 9.49
N SER C 335 -4.97 12.47 10.27
CA SER C 335 -3.91 13.49 10.15
C SER C 335 -2.54 12.91 10.37
N CYS C 336 -2.37 12.20 11.48
CA CYS C 336 -1.11 11.57 11.79
C CYS C 336 -0.73 10.49 10.80
N GLY C 337 -1.59 9.49 10.63
CA GLY C 337 -1.33 8.41 9.69
C GLY C 337 -0.92 8.93 8.32
N LYS C 338 -1.63 9.92 7.79
CA LYS C 338 -1.32 10.48 6.45
C LYS C 338 -0.11 11.40 6.44
N ALA C 339 0.15 12.12 7.52
CA ALA C 339 1.45 12.82 7.63
C ALA C 339 2.63 11.84 7.62
N LEU C 340 2.53 10.73 8.33
CA LEU C 340 3.60 9.74 8.30
C LEU C 340 3.85 9.25 6.85
N ASP C 341 2.79 8.85 6.12
CA ASP C 341 2.95 8.39 4.74
C ASP C 341 3.64 9.42 3.89
N ILE C 342 3.21 10.67 4.02
CA ILE C 342 3.72 11.74 3.22
C ILE C 342 5.17 11.99 3.57
N ALA C 343 5.53 11.98 4.84
CA ALA C 343 6.94 12.16 5.19
C ALA C 343 7.77 11.01 4.60
N ARG C 344 7.23 9.78 4.60
CA ARG C 344 7.94 8.65 4.03
C ARG C 344 8.08 8.77 2.52
N LEU C 345 7.03 9.28 1.87
CA LEU C 345 7.01 9.42 0.45
C LEU C 345 8.02 10.48 0.04
N ALA C 346 8.05 11.60 0.80
CA ALA C 346 9.03 12.67 0.67
C ALA C 346 10.49 12.28 1.00
N ARG C 347 10.71 11.58 2.11
CA ARG C 347 12.05 11.07 2.39
C ARG C 347 12.59 10.22 1.24
N ASP C 348 11.70 9.42 0.61
CA ASP C 348 12.08 8.48 -0.46
C ASP C 348 12.33 9.12 -1.81
N MET C 349 11.95 10.38 -1.96
CA MET C 349 12.18 11.17 -3.18
C MET C 349 13.49 11.91 -3.13
N LEU C 350 14.05 12.10 -1.93
CA LEU C 350 15.30 12.82 -1.74
C LEU C 350 16.54 11.94 -1.77
N GLY C 351 17.56 12.39 -2.50
CA GLY C 351 18.94 11.89 -2.36
C GLY C 351 19.78 12.80 -1.48
N GLY C 352 21.09 12.55 -1.41
CA GLY C 352 21.91 13.24 -0.40
C GLY C 352 21.67 12.64 0.98
N ASN C 353 22.47 13.03 1.97
CA ASN C 353 22.37 12.38 3.27
C ASN C 353 22.42 13.36 4.47
N GLY C 354 21.56 14.38 4.42
CA GLY C 354 21.53 15.40 5.47
C GLY C 354 22.49 16.54 5.18
N ASP C 357 19.28 20.04 4.71
CA ASP C 357 18.37 21.21 4.81
C ASP C 357 16.99 20.91 4.19
N GLU C 358 16.99 20.33 2.99
CA GLU C 358 15.83 19.57 2.56
C GLU C 358 15.60 18.45 3.58
N PHE C 359 16.60 18.19 4.42
CA PHE C 359 16.51 17.15 5.44
C PHE C 359 15.84 17.60 6.74
N GLY C 360 15.01 18.64 6.64
CA GLY C 360 13.95 18.87 7.62
C GLY C 360 13.03 17.65 7.58
N VAL C 361 12.93 17.07 6.39
CA VAL C 361 12.11 15.91 6.15
C VAL C 361 12.48 14.74 7.03
N ALA C 362 13.76 14.43 7.14
CA ALA C 362 14.17 13.35 8.06
C ALA C 362 13.66 13.61 9.47
N ARG C 363 13.65 14.88 9.86
CA ARG C 363 13.31 15.32 11.20
C ARG C 363 11.81 15.14 11.45
N HIS C 364 11.01 15.73 10.56
CA HIS C 364 9.58 15.50 10.56
C HIS C 364 9.26 14.01 10.57
N LEU C 365 10.01 13.26 9.78
CA LEU C 365 9.74 11.85 9.65
C LEU C 365 9.89 11.20 10.99
N VAL C 366 11.00 11.41 11.68
CA VAL C 366 11.21 10.74 12.96
C VAL C 366 10.25 11.24 14.03
N ASN C 367 9.89 12.52 13.96
CA ASN C 367 8.86 13.09 14.84
C ASN C 367 7.54 12.38 14.64
N LEU C 368 7.13 12.24 13.38
CA LEU C 368 5.83 11.68 13.10
C LEU C 368 5.78 10.18 13.43
N GLU C 369 6.93 9.52 13.50
CA GLU C 369 6.95 8.14 13.90
C GLU C 369 6.67 8.01 15.37
N VAL C 370 7.23 8.87 16.20
CA VAL C 370 6.85 8.90 17.62
C VAL C 370 5.37 9.30 17.83
N VAL C 371 4.93 10.38 17.18
CA VAL C 371 3.57 10.92 17.33
C VAL C 371 2.51 9.89 16.99
N ASN C 372 2.80 9.10 15.96
CA ASN C 372 1.87 8.10 15.48
C ASN C 372 1.83 6.86 16.36
N THR C 373 2.86 6.67 17.19
CA THR C 373 2.92 5.51 18.07
C THR C 373 2.74 5.91 19.54
N TYR C 374 2.53 7.19 19.80
CA TYR C 374 2.49 7.67 21.17
C TYR C 374 1.38 7.09 21.99
N GLU C 375 0.22 6.92 21.39
CA GLU C 375 -0.95 6.46 22.11
C GLU C 375 -1.08 4.95 22.05
N GLY C 376 0.02 4.26 21.72
CA GLY C 376 0.01 2.80 21.60
C GLY C 376 0.16 2.31 20.16
N THR C 377 0.38 1.02 19.99
CA THR C 377 0.53 0.44 18.64
C THR C 377 -0.65 -0.42 18.26
N HIS C 378 -1.71 -0.35 19.05
CA HIS C 378 -2.93 -1.07 18.74
C HIS C 378 -4.01 -0.28 17.95
N ASP C 379 -3.69 0.96 17.57
CA ASP C 379 -4.61 1.78 16.76
C ASP C 379 -5.88 2.04 17.57
N ILE C 380 -5.70 2.71 18.72
CA ILE C 380 -6.78 3.00 19.63
C ILE C 380 -7.93 3.75 18.97
N HIS C 381 -7.62 4.54 17.95
CA HIS C 381 -8.68 5.30 17.27
C HIS C 381 -9.55 4.51 16.32
N ALA C 382 -8.98 3.48 15.68
CA ALA C 382 -9.77 2.58 14.86
C ALA C 382 -10.75 1.84 15.78
N LEU C 383 -10.28 1.50 16.97
CA LEU C 383 -11.13 0.74 17.88
C LEU C 383 -12.25 1.62 18.39
N ILE C 384 -11.93 2.84 18.79
CA ILE C 384 -12.96 3.77 19.18
C ILE C 384 -13.95 3.86 18.03
N LEU C 385 -13.44 3.96 16.81
CA LEU C 385 -14.33 4.12 15.66
C LEU C 385 -15.10 2.84 15.31
N GLY C 386 -14.45 1.69 15.41
CA GLY C 386 -15.10 0.43 15.17
C GLY C 386 -16.17 0.15 16.23
N ARG C 387 -15.85 0.44 17.50
CA ARG C 387 -16.84 0.28 18.54
C ARG C 387 -18.04 1.20 18.29
N ALA C 388 -17.79 2.41 17.81
CA ALA C 388 -18.88 3.36 17.55
C ALA C 388 -19.72 2.97 16.32
N GLN C 389 -19.14 2.18 15.43
CA GLN C 389 -19.84 1.82 14.21
C GLN C 389 -20.70 0.60 14.46
N THR C 390 -20.14 -0.35 15.21
CA THR C 390 -20.72 -1.68 15.40
C THR C 390 -21.34 -1.87 16.77
N GLY C 391 -20.89 -1.08 17.74
CA GLY C 391 -21.37 -1.22 19.08
C GLY C 391 -20.39 -2.07 19.85
N ILE C 392 -19.51 -2.77 19.15
CA ILE C 392 -18.67 -3.80 19.81
C ILE C 392 -17.21 -3.41 20.15
N GLN C 393 -16.89 -3.41 21.43
CA GLN C 393 -15.50 -3.36 21.89
C GLN C 393 -14.73 -4.56 21.30
N ALA C 394 -13.61 -4.29 20.63
CA ALA C 394 -12.81 -5.36 20.03
C ALA C 394 -12.11 -6.13 21.13
N ALA D 4 -22.38 16.26 26.12
CA ALA D 4 -21.67 15.72 24.94
C ALA D 4 -22.69 15.44 23.83
N ALA D 5 -22.40 15.95 22.62
CA ALA D 5 -23.28 15.77 21.44
C ALA D 5 -23.22 14.33 20.88
N THR D 6 -24.21 13.98 20.05
CA THR D 6 -24.45 12.61 19.58
C THR D 6 -23.59 12.31 18.35
N PHE D 7 -22.99 11.12 18.32
CA PHE D 7 -22.21 10.68 17.14
C PHE D 7 -23.04 9.91 16.14
N HIS D 8 -22.99 10.33 14.88
CA HIS D 8 -23.62 9.56 13.83
C HIS D 8 -22.56 8.77 13.06
N TRP D 9 -22.40 7.49 13.35
CA TRP D 9 -21.36 6.71 12.67
C TRP D 9 -21.51 6.83 11.16
N ASP D 10 -22.75 6.91 10.71
CA ASP D 10 -23.02 6.95 9.29
C ASP D 10 -22.92 8.34 8.63
N ASP D 11 -22.85 9.39 9.44
CA ASP D 11 -22.63 10.75 8.91
C ASP D 11 -21.79 11.58 9.88
N PRO D 12 -20.52 11.16 10.10
CA PRO D 12 -19.75 11.70 11.23
C PRO D 12 -19.71 13.21 11.28
N LEU D 13 -19.61 13.85 10.13
CA LEU D 13 -19.46 15.30 10.08
C LEU D 13 -20.80 16.03 9.86
N LEU D 14 -21.89 15.26 9.95
CA LEU D 14 -23.23 15.78 9.77
C LEU D 14 -23.37 16.58 8.46
N LEU D 15 -23.01 15.91 7.36
CA LEU D 15 -23.15 16.46 6.01
C LEU D 15 -24.57 16.99 5.82
N ASP D 16 -25.52 16.23 6.33
CA ASP D 16 -26.93 16.55 6.26
C ASP D 16 -27.21 17.96 6.77
N GLN D 17 -26.51 18.34 7.82
CA GLN D 17 -26.68 19.66 8.41
C GLN D 17 -26.09 20.76 7.55
N GLN D 18 -25.04 20.46 6.79
CA GLN D 18 -24.38 21.45 5.94
C GLN D 18 -25.19 21.81 4.69
N LEU D 19 -26.34 21.16 4.52
CA LEU D 19 -27.10 21.29 3.31
C LEU D 19 -28.23 22.29 3.43
N ALA D 20 -28.45 23.08 2.38
CA ALA D 20 -29.64 23.93 2.30
C ALA D 20 -30.93 23.09 2.19
N ASP D 21 -32.04 23.72 2.58
CA ASP D 21 -33.39 23.11 2.57
C ASP D 21 -33.66 22.37 1.25
N ASP D 22 -33.67 23.11 0.15
CA ASP D 22 -33.99 22.48 -1.14
C ASP D 22 -33.03 21.31 -1.49
N GLU D 23 -31.73 21.51 -1.23
CA GLU D 23 -30.73 20.45 -1.40
C GLU D 23 -31.11 19.14 -0.71
N ARG D 24 -31.52 19.23 0.54
CA ARG D 24 -31.93 18.04 1.28
C ARG D 24 -33.16 17.38 0.64
N MET D 25 -34.06 18.20 0.09
CA MET D 25 -35.32 17.69 -0.50
C MET D 25 -35.04 16.88 -1.77
N VAL D 26 -34.21 17.44 -2.66
CA VAL D 26 -33.73 16.72 -3.82
C VAL D 26 -33.06 15.38 -3.45
N ARG D 27 -32.22 15.38 -2.43
CA ARG D 27 -31.56 14.15 -1.96
C ARG D 27 -32.58 13.05 -1.67
N ASP D 28 -33.57 13.37 -0.85
CA ASP D 28 -34.65 12.45 -0.52
C ASP D 28 -35.47 12.02 -1.75
N ALA D 29 -35.71 12.94 -2.67
CA ALA D 29 -36.42 12.61 -3.91
C ALA D 29 -35.67 11.50 -4.68
N ALA D 30 -34.41 11.75 -5.01
CA ALA D 30 -33.58 10.76 -5.69
C ALA D 30 -33.40 9.47 -4.90
N HIS D 31 -33.29 9.57 -3.59
CA HIS D 31 -33.26 8.37 -2.74
C HIS D 31 -34.55 7.54 -2.85
N ALA D 32 -35.72 8.19 -2.83
CA ALA D 32 -36.99 7.47 -2.84
C ALA D 32 -37.15 6.79 -4.19
N TYR D 33 -36.67 7.50 -5.22
CA TYR D 33 -36.71 6.97 -6.56
C TYR D 33 -35.77 5.77 -6.72
N ALA D 34 -34.50 5.97 -6.40
CA ALA D 34 -33.50 4.91 -6.52
C ALA D 34 -33.84 3.63 -5.73
N GLN D 35 -34.17 3.80 -4.45
CA GLN D 35 -34.59 2.66 -3.59
C GLN D 35 -35.92 2.01 -4.03
N GLY D 36 -36.81 2.86 -4.55
CA GLY D 36 -38.16 2.46 -4.93
C GLY D 36 -38.22 1.79 -6.28
N LYS D 37 -37.53 2.38 -7.26
CA LYS D 37 -37.59 1.95 -8.66
C LYS D 37 -36.37 1.24 -9.22
N LEU D 38 -35.17 1.56 -8.73
CA LEU D 38 -33.95 1.00 -9.31
C LEU D 38 -33.47 -0.22 -8.56
N ALA D 39 -33.48 -0.15 -7.23
CA ALA D 39 -33.04 -1.29 -6.41
C ALA D 39 -33.72 -2.58 -6.86
N PRO D 40 -35.08 -2.59 -7.02
CA PRO D 40 -35.72 -3.87 -7.36
C PRO D 40 -35.29 -4.47 -8.70
N ARG D 41 -34.79 -3.64 -9.61
CA ARG D 41 -34.37 -4.08 -10.97
C ARG D 41 -32.94 -4.49 -11.11
N VAL D 42 -32.08 -3.99 -10.22
CA VAL D 42 -30.63 -4.07 -10.47
C VAL D 42 -30.00 -5.49 -10.62
N THR D 43 -30.44 -6.44 -9.79
CA THR D 43 -29.82 -7.77 -9.86
C THR D 43 -30.04 -8.51 -11.20
N GLU D 44 -31.27 -8.53 -11.71
CA GLU D 44 -31.53 -9.11 -13.02
C GLU D 44 -31.00 -8.24 -14.17
N ALA D 45 -31.13 -6.93 -14.03
CA ALA D 45 -30.66 -6.03 -15.07
C ALA D 45 -29.17 -6.24 -15.30
N PHE D 46 -28.40 -6.22 -14.22
CA PHE D 46 -26.98 -6.47 -14.29
C PHE D 46 -26.65 -7.88 -14.77
N ARG D 47 -27.29 -8.89 -14.18
CA ARG D 47 -27.04 -10.30 -14.55
C ARG D 47 -27.18 -10.57 -16.05
N HIS D 48 -28.30 -10.23 -16.65
CA HIS D 48 -28.47 -10.51 -18.06
C HIS D 48 -28.19 -9.28 -18.92
N GLU D 49 -27.47 -8.30 -18.38
CA GLU D 49 -27.16 -7.09 -19.12
C GLU D 49 -28.46 -6.64 -19.80
N THR D 50 -29.47 -6.40 -18.97
CA THR D 50 -30.83 -6.16 -19.47
C THR D 50 -31.11 -4.68 -19.52
N THR D 51 -30.90 -4.13 -20.72
CA THR D 51 -31.27 -2.78 -21.08
C THR D 51 -32.64 -2.41 -20.48
N ASP D 52 -32.74 -1.29 -19.78
CA ASP D 52 -34.03 -0.64 -19.57
C ASP D 52 -33.78 0.85 -19.68
N ALA D 53 -34.78 1.56 -20.19
CA ALA D 53 -34.66 2.98 -20.55
C ALA D 53 -35.83 3.81 -20.05
N ALA D 54 -36.73 3.17 -19.32
CA ALA D 54 -37.88 3.86 -18.74
C ALA D 54 -37.39 4.78 -17.63
N ILE D 55 -36.14 4.58 -17.22
CA ILE D 55 -35.44 5.35 -16.20
C ILE D 55 -35.32 6.85 -16.53
N PHE D 56 -35.02 7.15 -17.79
CA PHE D 56 -34.85 8.53 -18.24
C PHE D 56 -36.13 9.29 -18.00
N ARG D 57 -37.21 8.69 -18.45
CA ARG D 57 -38.54 9.24 -18.36
C ARG D 57 -38.99 9.27 -16.91
N GLU D 58 -38.62 8.23 -16.15
CA GLU D 58 -38.82 8.22 -14.70
C GLU D 58 -38.11 9.37 -13.98
N MET D 59 -36.81 9.55 -14.25
CA MET D 59 -36.03 10.61 -13.61
C MET D 59 -36.41 11.99 -14.10
N GLY D 60 -36.71 12.10 -15.40
CA GLY D 60 -37.33 13.30 -15.95
C GLY D 60 -38.57 13.78 -15.20
N GLU D 61 -39.51 12.86 -14.94
CA GLU D 61 -40.76 13.19 -14.26
C GLU D 61 -40.64 13.75 -12.85
N ILE D 62 -39.57 13.37 -12.13
CA ILE D 62 -39.33 13.95 -10.79
C ILE D 62 -38.28 15.05 -10.81
N GLY D 63 -37.90 15.44 -12.03
CA GLY D 63 -36.97 16.53 -12.26
C GLY D 63 -35.61 16.23 -11.71
N LEU D 64 -34.97 15.19 -12.21
CA LEU D 64 -33.64 14.81 -11.75
C LEU D 64 -32.63 14.77 -12.89
N LEU D 65 -33.11 15.04 -14.10
CA LEU D 65 -32.23 15.13 -15.25
C LEU D 65 -31.79 16.58 -15.49
N GLY D 66 -30.55 16.77 -15.87
CA GLY D 66 -30.04 18.12 -16.15
C GLY D 66 -30.32 19.10 -15.02
N PRO D 67 -29.90 18.75 -13.78
CA PRO D 67 -30.25 19.51 -12.60
C PRO D 67 -29.89 21.01 -12.66
N THR D 68 -28.76 21.37 -13.26
CA THR D 68 -28.36 22.79 -13.27
C THR D 68 -29.01 23.61 -14.40
N ILE D 69 -29.76 22.98 -15.28
CA ILE D 69 -30.43 23.72 -16.34
C ILE D 69 -31.62 24.49 -15.73
N PRO D 70 -31.68 25.82 -15.96
CA PRO D 70 -32.79 26.68 -15.45
C PRO D 70 -34.21 26.16 -15.77
N GLU D 71 -35.15 26.43 -14.86
CA GLU D 71 -36.57 26.19 -15.12
C GLU D 71 -36.96 26.74 -16.49
N GLN D 72 -36.42 27.89 -16.87
CA GLN D 72 -36.75 28.43 -18.16
C GLN D 72 -36.87 27.33 -19.21
N TYR D 73 -35.85 26.47 -19.31
CA TYR D 73 -35.80 25.50 -20.39
C TYR D 73 -36.26 24.09 -19.98
N GLY D 74 -37.10 24.06 -18.95
CA GLY D 74 -37.70 22.84 -18.48
C GLY D 74 -36.87 22.09 -17.45
N GLY D 75 -35.68 22.63 -17.17
CA GLY D 75 -34.82 22.04 -16.16
C GLY D 75 -35.40 22.40 -14.81
N PRO D 76 -34.85 21.82 -13.74
CA PRO D 76 -35.38 22.07 -12.41
C PRO D 76 -34.68 23.22 -11.70
N GLY D 77 -33.76 23.89 -12.41
CA GLY D 77 -33.00 25.05 -11.90
C GLY D 77 -32.33 24.88 -10.55
N LEU D 78 -31.36 23.98 -10.46
CA LEU D 78 -30.74 23.63 -9.16
C LEU D 78 -29.24 23.86 -9.18
N ASP D 79 -28.62 23.91 -7.99
CA ASP D 79 -27.17 24.11 -7.87
C ASP D 79 -26.33 22.80 -8.05
N TYR D 80 -25.01 22.95 -8.11
CA TYR D 80 -24.08 21.81 -8.23
C TYR D 80 -24.14 20.81 -7.07
N VAL D 81 -24.32 21.27 -5.84
CA VAL D 81 -24.40 20.34 -4.70
C VAL D 81 -25.52 19.32 -4.91
N SER D 82 -26.68 19.84 -5.31
CA SER D 82 -27.85 19.02 -5.65
C SER D 82 -27.59 18.02 -6.76
N TYR D 83 -26.86 18.45 -7.79
CA TYR D 83 -26.43 17.53 -8.85
C TYR D 83 -25.68 16.38 -8.21
N GLY D 84 -24.65 16.70 -7.42
CA GLY D 84 -23.88 15.68 -6.76
C GLY D 84 -24.68 14.70 -5.93
N LEU D 85 -25.59 15.23 -5.12
CA LEU D 85 -26.37 14.39 -4.21
C LEU D 85 -27.20 13.38 -5.00
N ILE D 86 -27.71 13.81 -6.15
CA ILE D 86 -28.52 12.98 -7.01
C ILE D 86 -27.64 11.84 -7.48
N ALA D 87 -26.56 12.20 -8.19
CA ALA D 87 -25.55 11.23 -8.66
C ALA D 87 -25.22 10.20 -7.58
N ARG D 88 -25.01 10.67 -6.35
CA ARG D 88 -24.71 9.81 -5.22
C ARG D 88 -25.86 8.84 -4.82
N GLU D 89 -27.11 9.31 -4.88
CA GLU D 89 -28.25 8.44 -4.56
C GLU D 89 -28.48 7.37 -5.63
N VAL D 90 -28.32 7.75 -6.90
CA VAL D 90 -28.42 6.78 -7.98
C VAL D 90 -27.27 5.75 -7.92
N GLU D 91 -26.01 6.23 -7.95
CA GLU D 91 -24.86 5.34 -7.82
C GLU D 91 -24.88 4.46 -6.56
N ARG D 92 -25.55 4.91 -5.50
CA ARG D 92 -25.72 4.10 -4.32
C ARG D 92 -26.36 2.79 -4.75
N VAL D 93 -27.19 2.85 -5.79
CA VAL D 93 -27.80 1.63 -6.24
C VAL D 93 -26.93 0.92 -7.25
N ASP D 94 -26.57 1.60 -8.36
CA ASP D 94 -25.72 1.06 -9.44
C ASP D 94 -25.09 2.14 -10.34
N SER D 95 -23.77 2.02 -10.54
CA SER D 95 -23.00 2.93 -11.41
C SER D 95 -23.50 3.01 -12.86
N GLY D 96 -24.06 1.91 -13.37
CA GLY D 96 -24.68 1.95 -14.69
C GLY D 96 -25.78 2.99 -14.80
N TYR D 97 -26.60 3.11 -13.76
CA TYR D 97 -27.73 4.02 -13.76
C TYR D 97 -27.24 5.46 -13.67
N ARG D 98 -26.24 5.70 -12.84
CA ARG D 98 -25.67 7.03 -12.70
C ARG D 98 -25.05 7.42 -14.01
N SER D 99 -24.39 6.47 -14.65
CA SER D 99 -23.75 6.68 -15.95
C SER D 99 -24.73 7.13 -17.02
N MET D 100 -25.90 6.50 -17.07
CA MET D 100 -26.95 6.88 -18.01
C MET D 100 -27.39 8.31 -17.74
N MET D 101 -27.47 8.64 -16.47
CA MET D 101 -27.89 9.95 -16.01
C MET D 101 -26.78 11.03 -16.15
N SER D 102 -25.53 10.61 -16.01
CA SER D 102 -24.41 11.52 -16.22
C SER D 102 -24.34 11.97 -17.68
N VAL D 103 -24.55 11.03 -18.60
CA VAL D 103 -24.60 11.37 -20.04
C VAL D 103 -25.67 12.43 -20.38
N GLN D 104 -26.91 12.26 -19.91
CA GLN D 104 -27.99 13.23 -20.15
C GLN D 104 -27.67 14.59 -19.63
N SER D 105 -27.40 14.65 -18.34
CA SER D 105 -27.19 15.92 -17.67
C SER D 105 -25.94 16.60 -18.18
N SER D 106 -24.81 15.92 -18.06
CA SER D 106 -23.52 16.58 -18.24
C SER D 106 -23.01 16.54 -19.67
N LEU D 107 -23.28 15.44 -20.38
CA LEU D 107 -22.67 15.27 -21.68
C LEU D 107 -23.66 15.62 -22.80
N VAL D 108 -24.90 15.92 -22.43
CA VAL D 108 -25.86 16.32 -23.45
C VAL D 108 -26.50 17.69 -23.20
N MET D 109 -27.11 17.86 -22.04
CA MET D 109 -27.91 19.05 -21.78
C MET D 109 -27.02 20.24 -21.44
N VAL D 110 -25.92 19.96 -20.74
CA VAL D 110 -24.92 21.01 -20.45
C VAL D 110 -24.37 21.72 -21.73
N PRO D 111 -23.84 20.96 -22.73
CA PRO D 111 -23.37 21.61 -23.96
C PRO D 111 -24.47 22.25 -24.81
N ILE D 112 -25.72 21.83 -24.65
CA ILE D 112 -26.76 22.48 -25.40
C ILE D 112 -27.04 23.80 -24.75
N PHE D 113 -26.98 23.83 -23.42
CA PHE D 113 -27.21 25.05 -22.69
C PHE D 113 -26.05 26.03 -22.83
N GLU D 114 -24.84 25.53 -22.66
CA GLU D 114 -23.66 26.40 -22.71
C GLU D 114 -23.44 26.94 -24.11
N PHE D 115 -23.35 26.03 -25.08
CA PHE D 115 -22.87 26.39 -26.39
C PHE D 115 -23.91 26.48 -27.51
N GLY D 116 -25.18 26.26 -27.17
CA GLY D 116 -26.23 26.24 -28.17
C GLY D 116 -26.99 27.53 -28.36
N SER D 117 -27.68 27.64 -29.49
CA SER D 117 -28.49 28.82 -29.79
C SER D 117 -29.81 28.81 -29.03
N ASP D 118 -30.49 29.95 -28.98
CA ASP D 118 -31.84 29.96 -28.41
C ASP D 118 -32.75 28.88 -29.02
N ALA D 119 -32.74 28.77 -30.35
CA ALA D 119 -33.51 27.73 -31.03
C ALA D 119 -33.24 26.31 -30.45
N GLN D 120 -31.96 25.90 -30.44
CA GLN D 120 -31.55 24.58 -29.91
C GLN D 120 -31.92 24.39 -28.44
N LYS D 121 -31.63 25.39 -27.62
CA LYS D 121 -32.07 25.43 -26.23
C LYS D 121 -33.57 25.22 -26.06
N GLU D 122 -34.39 25.83 -26.92
CA GLU D 122 -35.86 25.74 -26.81
C GLU D 122 -36.39 24.39 -27.27
N LYS D 123 -35.70 23.81 -28.24
CA LYS D 123 -36.13 22.59 -28.89
C LYS D 123 -35.71 21.30 -28.15
N TYR D 124 -34.47 21.24 -27.63
CA TYR D 124 -33.91 19.98 -27.08
C TYR D 124 -34.00 19.84 -25.55
N LEU D 125 -33.73 20.91 -24.83
CA LEU D 125 -33.70 20.81 -23.39
C LEU D 125 -35.03 20.42 -22.72
N PRO D 126 -36.17 21.05 -23.08
CA PRO D 126 -37.39 20.65 -22.34
C PRO D 126 -37.70 19.15 -22.43
N LYS D 127 -37.49 18.56 -23.61
CA LYS D 127 -37.71 17.14 -23.81
C LYS D 127 -36.59 16.25 -23.29
N LEU D 128 -35.38 16.81 -23.16
CA LEU D 128 -34.28 16.12 -22.48
C LEU D 128 -34.48 16.10 -20.96
N ALA D 129 -35.08 17.15 -20.45
CA ALA D 129 -35.24 17.31 -19.03
C ALA D 129 -36.25 16.32 -18.45
N THR D 130 -37.29 15.99 -19.24
CA THR D 130 -38.39 15.07 -18.84
C THR D 130 -38.05 13.62 -19.20
N GLY D 131 -37.03 13.47 -20.03
CA GLY D 131 -36.54 12.14 -20.33
C GLY D 131 -37.27 11.55 -21.49
N GLU D 132 -38.04 12.40 -22.18
CA GLU D 132 -38.78 12.04 -23.37
C GLU D 132 -37.83 11.80 -24.53
N TRP D 133 -36.87 12.70 -24.73
CA TRP D 133 -35.76 12.40 -25.63
C TRP D 133 -34.55 11.94 -24.83
N ILE D 134 -33.84 10.96 -25.37
CA ILE D 134 -32.66 10.44 -24.69
C ILE D 134 -31.45 10.89 -25.47
N GLY D 135 -30.42 11.32 -24.74
CA GLY D 135 -29.21 11.88 -25.32
C GLY D 135 -28.02 10.94 -25.26
N CYS D 136 -27.07 11.18 -26.17
CA CYS D 136 -25.73 10.60 -26.10
C CYS D 136 -24.66 11.59 -26.58
N PHE D 137 -23.40 11.22 -26.32
CA PHE D 137 -22.19 12.06 -26.46
C PHE D 137 -21.12 11.29 -27.25
N GLY D 138 -20.85 11.73 -28.48
CA GLY D 138 -19.87 11.06 -29.32
C GLY D 138 -18.58 11.83 -29.42
N LEU D 139 -17.60 11.41 -28.61
CA LEU D 139 -16.27 12.04 -28.59
C LEU D 139 -15.14 11.03 -28.81
N THR D 140 -15.15 9.94 -28.06
CA THR D 140 -14.13 8.89 -28.20
C THR D 140 -14.17 8.29 -29.60
N GLU D 141 -12.99 8.03 -30.16
CA GLU D 141 -12.91 7.33 -31.44
C GLU D 141 -12.16 6.00 -31.27
N PRO D 142 -12.41 5.04 -32.16
CA PRO D 142 -11.72 3.75 -32.08
C PRO D 142 -10.22 3.86 -32.36
N PRO D 148 -8.72 15.34 -27.43
CA PRO D 148 -9.19 14.19 -28.16
C PRO D 148 -8.04 13.23 -28.47
N GLY D 149 -7.83 12.96 -29.76
CA GLY D 149 -6.79 12.04 -30.26
C GLY D 149 -5.53 12.65 -30.88
N SER D 150 -5.64 13.63 -31.79
CA SER D 150 -6.89 14.28 -32.20
C SER D 150 -7.88 13.38 -32.96
N MET D 151 -9.17 13.74 -32.90
CA MET D 151 -10.23 12.96 -33.53
C MET D 151 -10.21 13.08 -35.07
N VAL D 152 -10.64 12.00 -35.71
CA VAL D 152 -10.67 11.89 -37.17
C VAL D 152 -12.00 12.35 -37.79
N THR D 153 -13.12 11.90 -37.22
CA THR D 153 -14.47 12.33 -37.65
C THR D 153 -14.56 13.81 -38.10
N ARG D 154 -14.95 14.00 -39.36
CA ARG D 154 -14.93 15.32 -40.01
C ARG D 154 -16.29 15.79 -40.50
N ALA D 155 -16.54 17.09 -40.36
CA ALA D 155 -17.73 17.72 -40.91
C ALA D 155 -17.42 18.56 -42.17
N ARG D 156 -18.33 18.55 -43.14
CA ARG D 156 -18.15 19.29 -44.38
C ARG D 156 -19.38 20.08 -44.78
N LYS D 157 -19.18 21.33 -45.18
CA LYS D 157 -20.25 22.19 -45.72
C LYS D 157 -20.87 21.61 -46.99
N VAL D 158 -22.19 21.65 -47.00
CA VAL D 158 -23.02 21.24 -48.12
C VAL D 158 -24.28 22.13 -48.04
N PRO D 159 -24.96 22.38 -49.19
CA PRO D 159 -26.20 23.18 -49.23
C PRO D 159 -27.07 23.10 -47.95
N GLY D 160 -27.16 24.21 -47.22
CA GLY D 160 -28.01 24.30 -46.02
C GLY D 160 -27.59 23.52 -44.78
N GLY D 161 -26.35 23.04 -44.74
CA GLY D 161 -25.83 22.38 -43.54
C GLY D 161 -24.46 21.75 -43.64
N TYR D 162 -24.34 20.56 -43.04
CA TYR D 162 -23.09 19.80 -43.01
C TYR D 162 -23.29 18.31 -43.22
N SER D 163 -22.33 17.70 -43.91
CA SER D 163 -22.26 16.28 -44.08
C SER D 163 -21.12 15.78 -43.16
N LEU D 164 -21.44 14.85 -42.26
CA LEU D 164 -20.45 14.32 -41.31
C LEU D 164 -20.05 12.88 -41.61
N SER D 165 -18.75 12.58 -41.50
CA SER D 165 -18.27 11.20 -41.68
C SER D 165 -17.27 10.77 -40.63
N GLY D 166 -17.50 9.58 -40.06
CA GLY D 166 -16.60 8.98 -39.08
C GLY D 166 -17.26 8.04 -38.08
N SER D 167 -16.54 7.78 -36.98
CA SER D 167 -16.92 6.76 -35.99
C SER D 167 -16.57 7.10 -34.54
N LYS D 168 -17.53 6.83 -33.65
CA LYS D 168 -17.31 6.96 -32.21
C LYS D 168 -17.59 5.61 -31.61
N MET D 169 -16.72 5.19 -30.68
CA MET D 169 -16.85 3.91 -29.99
C MET D 169 -17.08 4.13 -28.50
N TRP D 170 -17.69 3.13 -27.85
CA TRP D 170 -18.03 3.15 -26.42
C TRP D 170 -18.90 4.32 -25.99
N ILE D 171 -19.88 4.63 -26.83
CA ILE D 171 -20.83 5.67 -26.52
C ILE D 171 -22.00 5.05 -25.75
N THR D 172 -22.11 5.42 -24.48
CA THR D 172 -23.24 4.97 -23.68
C THR D 172 -24.53 5.73 -24.03
N ASN D 173 -25.65 5.02 -23.94
CA ASN D 173 -26.92 5.50 -24.45
C ASN D 173 -27.08 5.44 -25.99
N SER D 174 -26.02 5.22 -26.76
CA SER D 174 -26.17 5.49 -28.21
C SER D 174 -27.24 4.67 -28.91
N PRO D 175 -27.37 3.35 -28.62
CA PRO D 175 -28.30 2.59 -29.44
C PRO D 175 -29.76 2.88 -29.12
N ILE D 176 -30.01 3.69 -28.10
CA ILE D 176 -31.38 4.00 -27.71
C ILE D 176 -31.70 5.50 -27.76
N ALA D 177 -30.76 6.30 -28.23
CA ALA D 177 -30.82 7.73 -28.04
C ALA D 177 -31.54 8.45 -29.16
N ASP D 178 -32.36 9.41 -28.78
CA ASP D 178 -33.12 10.22 -29.68
C ASP D 178 -32.27 11.38 -30.20
N VAL D 179 -31.37 11.90 -29.36
CA VAL D 179 -30.52 13.07 -29.65
C VAL D 179 -29.00 12.79 -29.55
N PHE D 180 -28.24 13.22 -30.55
CA PHE D 180 -26.80 12.97 -30.54
C PHE D 180 -26.01 14.26 -30.53
N VAL D 181 -25.16 14.42 -29.52
CA VAL D 181 -24.20 15.52 -29.49
C VAL D 181 -22.85 14.91 -29.89
N VAL D 182 -22.38 15.28 -31.08
CA VAL D 182 -21.21 14.69 -31.71
C VAL D 182 -20.16 15.77 -31.97
N TRP D 183 -18.90 15.39 -31.84
CA TRP D 183 -17.81 16.33 -31.98
C TRP D 183 -17.03 15.97 -33.23
N ALA D 184 -16.85 16.97 -34.10
CA ALA D 184 -16.15 16.78 -35.35
C ALA D 184 -15.26 17.97 -35.63
N LYS D 185 -14.24 17.74 -36.47
CA LYS D 185 -13.38 18.81 -37.00
C LYS D 185 -14.08 19.49 -38.18
N LEU D 186 -14.07 20.82 -38.17
CA LEU D 186 -14.61 21.58 -39.29
C LEU D 186 -13.59 22.57 -39.81
N ASP D 187 -13.32 22.43 -41.11
CA ASP D 187 -12.44 23.33 -41.88
C ASP D 187 -13.23 24.44 -42.60
N ASP D 192 -9.62 25.09 -39.05
CA ASP D 192 -9.88 23.68 -38.73
C ASP D 192 -10.03 23.35 -37.22
N GLU D 193 -11.21 23.65 -36.68
CA GLU D 193 -11.46 23.43 -35.26
C GLU D 193 -12.54 22.35 -35.00
N ILE D 194 -12.47 21.73 -33.82
CA ILE D 194 -13.53 20.86 -33.31
C ILE D 194 -14.83 21.63 -33.00
N ARG D 195 -15.94 21.09 -33.49
CA ARG D 195 -17.27 21.64 -33.22
C ARG D 195 -18.21 20.52 -32.80
N GLY D 196 -19.33 20.92 -32.21
CA GLY D 196 -20.38 20.00 -31.83
C GLY D 196 -21.64 20.19 -32.65
N PHE D 197 -22.30 19.07 -32.91
CA PHE D 197 -23.50 19.04 -33.74
C PHE D 197 -24.59 18.26 -33.04
N ILE D 198 -25.82 18.69 -33.26
CA ILE D 198 -26.97 17.99 -32.76
C ILE D 198 -27.58 17.17 -33.89
N LEU D 199 -27.40 15.86 -33.79
CA LEU D 199 -28.09 14.95 -34.68
C LEU D 199 -29.33 14.39 -34.01
N GLU D 200 -30.34 14.11 -34.82
CA GLU D 200 -31.56 13.46 -34.37
C GLU D 200 -31.63 12.03 -34.90
N LYS D 201 -32.21 11.12 -34.11
CA LYS D 201 -32.43 9.75 -34.59
C LYS D 201 -33.27 9.84 -35.87
N GLY D 202 -32.97 8.96 -36.82
CA GLY D 202 -33.71 8.96 -38.08
C GLY D 202 -33.07 9.85 -39.13
N CYS D 203 -32.03 10.56 -38.73
CA CYS D 203 -31.19 11.22 -39.68
C CYS D 203 -30.53 10.16 -40.54
N LYS D 204 -30.47 10.44 -41.85
CA LYS D 204 -29.88 9.53 -42.81
C LYS D 204 -28.37 9.59 -42.66
N GLY D 205 -27.72 8.44 -42.59
CA GLY D 205 -26.26 8.38 -42.47
C GLY D 205 -25.80 8.09 -41.05
N LEU D 206 -26.72 8.30 -40.11
CA LEU D 206 -26.47 7.98 -38.73
C LEU D 206 -26.96 6.57 -38.39
N SER D 207 -25.99 5.68 -38.18
CA SER D 207 -26.19 4.36 -37.60
C SER D 207 -25.69 4.32 -36.12
N ALA D 208 -26.42 3.66 -35.20
CA ALA D 208 -25.95 3.49 -33.80
C ALA D 208 -25.89 2.02 -33.28
N PRO D 209 -25.00 1.19 -33.85
CA PRO D 209 -24.96 -0.25 -33.47
C PRO D 209 -24.69 -0.50 -31.97
N ALA D 210 -25.45 -1.40 -31.35
CA ALA D 210 -25.23 -1.76 -29.93
C ALA D 210 -23.99 -2.66 -29.70
N ILE D 211 -23.45 -2.61 -28.47
CA ILE D 211 -22.32 -3.46 -28.05
C ILE D 211 -22.73 -4.29 -26.82
N HIS D 212 -22.41 -5.58 -26.84
CA HIS D 212 -22.85 -6.50 -25.79
C HIS D 212 -21.71 -7.19 -25.06
N GLY D 213 -22.00 -7.73 -23.89
CA GLY D 213 -21.04 -8.51 -23.11
C GLY D 213 -20.03 -7.72 -22.32
N LYS D 214 -20.45 -6.64 -21.66
CA LYS D 214 -19.52 -5.82 -20.89
C LYS D 214 -19.16 -6.54 -19.57
N VAL D 215 -18.06 -6.17 -18.93
CA VAL D 215 -17.76 -6.73 -17.57
C VAL D 215 -18.54 -5.99 -16.49
N GLY D 216 -18.39 -4.67 -16.48
CA GLY D 216 -19.08 -3.79 -15.54
C GLY D 216 -19.95 -2.81 -16.29
N LEU D 217 -20.77 -2.07 -15.54
CA LEU D 217 -21.75 -1.16 -16.11
C LEU D 217 -22.75 -1.91 -17.00
N ARG D 218 -23.05 -3.14 -16.59
CA ARG D 218 -23.92 -4.02 -17.36
C ARG D 218 -25.38 -3.58 -17.37
N ALA D 219 -25.73 -2.64 -16.49
CA ALA D 219 -27.08 -2.12 -16.41
C ALA D 219 -27.30 -1.06 -17.48
N SER D 220 -26.21 -0.60 -18.10
CA SER D 220 -26.31 0.45 -19.12
C SER D 220 -26.03 -0.09 -20.51
N ILE D 221 -26.64 0.55 -21.50
CA ILE D 221 -26.38 0.11 -22.85
C ILE D 221 -25.37 1.01 -23.56
N THR D 222 -24.47 0.35 -24.27
CA THR D 222 -23.42 1.07 -24.97
C THR D 222 -23.39 0.61 -26.40
N GLY D 223 -22.93 1.49 -27.28
CA GLY D 223 -22.85 1.20 -28.70
C GLY D 223 -21.91 2.16 -29.41
N GLU D 224 -22.07 2.24 -30.72
CA GLU D 224 -21.22 3.09 -31.56
C GLU D 224 -22.06 4.19 -32.19
N ILE D 225 -21.37 5.21 -32.72
CA ILE D 225 -22.01 6.15 -33.61
C ILE D 225 -21.20 6.08 -34.85
N VAL D 226 -21.70 5.33 -35.83
CA VAL D 226 -21.11 5.29 -37.14
C VAL D 226 -21.78 6.38 -37.95
N LEU D 227 -20.97 7.30 -38.48
CA LEU D 227 -21.46 8.38 -39.35
C LEU D 227 -20.96 8.26 -40.80
N ASP D 228 -21.91 8.26 -41.75
CA ASP D 228 -21.57 8.11 -43.17
C ASP D 228 -22.21 9.17 -44.04
N GLU D 229 -21.50 10.26 -44.25
CA GLU D 229 -22.07 11.40 -44.96
C GLU D 229 -23.37 11.84 -44.29
N ALA D 230 -23.41 11.76 -42.97
CA ALA D 230 -24.65 12.15 -42.28
C ALA D 230 -24.93 13.65 -42.41
N PHE D 231 -26.16 14.00 -42.74
CA PHE D 231 -26.51 15.40 -42.94
C PHE D 231 -27.03 16.10 -41.67
N VAL D 232 -26.32 17.15 -41.28
CA VAL D 232 -26.76 18.02 -40.20
C VAL D 232 -27.13 19.37 -40.82
N PRO D 233 -28.35 19.85 -40.55
CA PRO D 233 -28.73 21.23 -40.87
C PRO D 233 -27.91 22.30 -40.13
N GLU D 234 -27.73 23.46 -40.78
CA GLU D 234 -27.09 24.63 -40.17
C GLU D 234 -27.58 24.95 -38.76
N GLU D 235 -28.90 24.94 -38.55
CA GLU D 235 -29.45 25.27 -37.23
C GLU D 235 -29.13 24.22 -36.14
N ASN D 236 -28.31 23.23 -36.48
CA ASN D 236 -27.89 22.17 -35.56
C ASN D 236 -26.40 22.12 -35.21
N ILE D 237 -25.64 23.13 -35.63
CA ILE D 237 -24.26 23.25 -35.20
C ILE D 237 -24.27 24.13 -33.97
N LEU D 238 -23.55 23.72 -32.93
CA LEU D 238 -23.37 24.54 -31.75
C LEU D 238 -22.57 25.80 -32.13
N PRO D 239 -23.24 26.97 -32.16
CA PRO D 239 -22.53 28.15 -32.68
C PRO D 239 -21.53 28.80 -31.69
N HIS D 240 -21.65 28.47 -30.40
CA HIS D 240 -20.89 29.18 -29.40
C HIS D 240 -19.66 28.48 -28.82
N VAL D 241 -19.07 27.56 -29.57
CA VAL D 241 -17.88 26.86 -29.08
C VAL D 241 -17.01 26.38 -30.23
N LYS D 242 -15.69 26.45 -30.02
CA LYS D 242 -14.72 25.87 -30.95
C LYS D 242 -13.62 25.27 -30.09
N GLY D 243 -12.85 24.33 -30.64
CA GLY D 243 -11.75 23.69 -29.89
C GLY D 243 -12.11 22.82 -28.68
N LEU D 244 -11.07 22.31 -28.02
CA LEU D 244 -11.17 21.47 -26.81
C LEU D 244 -12.14 21.99 -25.74
N ARG D 245 -12.21 23.30 -25.56
CA ARG D 245 -13.16 23.90 -24.61
C ARG D 245 -14.56 23.23 -24.64
N GLY D 246 -15.02 22.81 -25.82
CA GLY D 246 -16.32 22.14 -25.94
C GLY D 246 -16.37 20.79 -25.22
N PRO D 247 -15.70 19.78 -25.78
CA PRO D 247 -15.63 18.47 -25.09
C PRO D 247 -15.25 18.55 -23.59
N PHE D 248 -14.21 19.34 -23.28
CA PHE D 248 -13.61 19.38 -21.95
C PHE D 248 -14.62 19.87 -20.93
N THR D 249 -15.38 20.90 -21.27
CA THR D 249 -16.41 21.41 -20.37
C THR D 249 -17.42 20.31 -20.04
N CYS D 250 -17.80 19.52 -21.04
CA CYS D 250 -18.71 18.39 -20.79
C CYS D 250 -18.07 17.37 -19.85
N LEU D 251 -16.88 16.90 -20.21
CA LEU D 251 -16.16 15.95 -19.37
C LEU D 251 -15.99 16.48 -17.95
N ASN D 252 -15.56 17.73 -17.85
CA ASN D 252 -15.32 18.32 -16.53
C ASN D 252 -16.60 18.34 -15.71
N SER D 253 -17.75 18.51 -16.36
CA SER D 253 -19.01 18.45 -15.64
C SER D 253 -19.38 17.01 -15.22
N ALA D 254 -19.11 16.05 -16.08
CA ALA D 254 -19.45 14.67 -15.80
C ALA D 254 -18.60 14.11 -14.66
N ARG D 255 -17.29 14.36 -14.71
CA ARG D 255 -16.37 14.07 -13.59
C ARG D 255 -16.85 14.55 -12.21
N TYR D 256 -17.32 15.79 -12.14
CA TYR D 256 -17.93 16.28 -10.90
C TYR D 256 -19.09 15.35 -10.42
N GLY D 257 -20.02 14.99 -11.29
CA GLY D 257 -21.06 14.07 -10.86
C GLY D 257 -20.51 12.68 -10.50
N ILE D 258 -19.45 12.24 -11.20
CA ILE D 258 -18.82 10.92 -10.98
C ILE D 258 -18.11 10.92 -9.66
N ALA D 259 -17.55 12.07 -9.30
CA ALA D 259 -16.95 12.25 -7.99
C ALA D 259 -17.94 11.97 -6.84
N TRP D 260 -19.17 12.48 -6.92
CA TRP D 260 -20.17 12.17 -5.87
C TRP D 260 -20.64 10.72 -5.96
N GLY D 261 -21.03 10.32 -7.16
CA GLY D 261 -21.58 8.97 -7.36
C GLY D 261 -20.71 7.86 -6.80
N ALA D 262 -19.43 7.91 -7.11
CA ALA D 262 -18.49 6.91 -6.65
C ALA D 262 -18.47 6.81 -5.13
N LEU D 263 -18.74 7.92 -4.44
CA LEU D 263 -18.81 7.85 -2.99
C LEU D 263 -20.12 7.18 -2.51
N GLY D 264 -21.19 7.31 -3.30
CA GLY D 264 -22.42 6.56 -3.05
C GLY D 264 -22.18 5.07 -3.09
N ALA D 265 -21.51 4.60 -4.14
CA ALA D 265 -21.13 3.21 -4.29
C ALA D 265 -20.25 2.73 -3.12
N ALA D 266 -19.26 3.55 -2.78
CA ALA D 266 -18.40 3.33 -1.63
C ALA D 266 -19.22 3.22 -0.36
N GLU D 267 -20.19 4.11 -0.16
CA GLU D 267 -21.13 3.95 0.95
C GLU D 267 -21.85 2.59 0.99
N SER D 268 -22.47 2.19 -0.10
CA SER D 268 -23.14 0.88 -0.11
C SER D 268 -22.18 -0.24 0.29
N CYS D 269 -21.02 -0.32 -0.36
CA CYS D 269 -20.02 -1.36 -0.07
C CYS D 269 -19.67 -1.34 1.40
N TRP D 270 -19.54 -0.14 1.95
CA TRP D 270 -19.21 0.02 3.33
C TRP D 270 -20.33 -0.52 4.22
N HIS D 271 -21.57 -0.09 3.96
CA HIS D 271 -22.71 -0.54 4.77
C HIS D 271 -22.91 -2.04 4.66
N ILE D 272 -22.72 -2.58 3.46
CA ILE D 272 -22.88 -4.02 3.24
C ILE D 272 -21.83 -4.80 4.02
N ALA D 273 -20.57 -4.41 3.88
CA ALA D 273 -19.50 -5.05 4.66
C ALA D 273 -19.82 -4.97 6.15
N ARG D 274 -20.24 -3.78 6.59
CA ARG D 274 -20.55 -3.56 7.99
C ARG D 274 -21.62 -4.52 8.51
N GLN D 275 -22.78 -4.52 7.86
CA GLN D 275 -23.88 -5.40 8.20
C GLN D 275 -23.43 -6.87 8.14
N TYR D 276 -22.63 -7.22 7.16
CA TYR D 276 -22.14 -8.58 7.04
C TYR D 276 -21.35 -9.06 8.28
N VAL D 277 -20.42 -8.23 8.79
CA VAL D 277 -19.60 -8.62 9.95
C VAL D 277 -20.40 -8.57 11.25
N LEU D 278 -21.52 -7.88 11.19
CA LEU D 278 -22.43 -7.90 12.31
C LEU D 278 -23.09 -9.29 12.35
N ASP D 279 -23.56 -9.75 11.18
CA ASP D 279 -24.35 -10.97 11.06
C ASP D 279 -23.54 -12.28 11.19
N ARG D 280 -22.33 -12.31 10.66
CA ARG D 280 -21.55 -13.55 10.67
C ARG D 280 -20.76 -13.68 11.97
N LYS D 281 -20.69 -14.90 12.51
CA LYS D 281 -19.91 -15.16 13.70
C LYS D 281 -18.75 -16.01 13.28
N GLN D 282 -17.66 -15.93 14.05
CA GLN D 282 -16.49 -16.75 13.87
C GLN D 282 -15.88 -16.86 15.25
N PHE D 283 -15.41 -18.07 15.58
CA PHE D 283 -14.82 -18.36 16.91
C PHE D 283 -15.72 -17.98 18.12
N GLY D 284 -17.04 -17.90 17.90
CA GLY D 284 -18.01 -17.60 18.97
C GLY D 284 -18.44 -16.14 19.10
N ARG D 285 -17.94 -15.28 18.19
CA ARG D 285 -18.30 -13.85 18.22
C ARG D 285 -18.71 -13.37 16.83
N PRO D 286 -19.32 -12.16 16.75
CA PRO D 286 -19.47 -11.60 15.40
C PRO D 286 -18.10 -11.19 14.88
N LEU D 287 -17.91 -11.18 13.56
CA LEU D 287 -16.64 -10.82 12.96
C LEU D 287 -16.32 -9.39 13.30
N ALA D 288 -17.36 -8.58 13.43
CA ALA D 288 -17.29 -7.18 13.85
C ALA D 288 -16.51 -6.95 15.14
N ALA D 289 -16.17 -8.01 15.84
CA ALA D 289 -15.43 -7.92 17.11
C ALA D 289 -13.90 -8.04 16.94
N ASN D 290 -13.49 -8.58 15.79
CA ASN D 290 -12.09 -8.66 15.42
C ASN D 290 -11.46 -7.27 15.19
N GLN D 291 -10.30 -7.10 15.80
CA GLN D 291 -9.50 -5.88 15.75
C GLN D 291 -9.21 -5.41 14.32
N LEU D 292 -8.92 -6.37 13.45
CA LEU D 292 -8.53 -6.11 12.09
C LEU D 292 -9.71 -5.68 11.23
N ILE D 293 -10.88 -6.27 11.50
CA ILE D 293 -12.11 -5.88 10.84
C ILE D 293 -12.44 -4.43 11.21
N GLN D 294 -12.29 -4.09 12.50
CA GLN D 294 -12.51 -2.74 12.98
C GLN D 294 -11.62 -1.69 12.30
N LYS D 295 -10.35 -2.02 12.10
CA LYS D 295 -9.45 -1.16 11.36
C LYS D 295 -9.98 -0.86 9.94
N LYS D 296 -10.40 -1.91 9.24
CA LYS D 296 -10.93 -1.80 7.90
C LYS D 296 -12.20 -0.94 7.85
N LEU D 297 -13.09 -1.19 8.81
CA LEU D 297 -14.28 -0.39 8.93
C LEU D 297 -13.95 1.08 9.15
N ALA D 298 -12.94 1.37 9.98
CA ALA D 298 -12.48 2.73 10.29
C ALA D 298 -11.98 3.44 9.03
N ASP D 299 -11.17 2.73 8.24
CA ASP D 299 -10.66 3.28 7.00
C ASP D 299 -11.79 3.66 6.05
N MET D 300 -12.79 2.77 5.93
CA MET D 300 -13.91 2.95 5.04
C MET D 300 -14.66 4.20 5.41
N GLN D 301 -14.95 4.35 6.69
CA GLN D 301 -15.67 5.49 7.22
C GLN D 301 -14.82 6.77 7.09
N THR D 302 -13.50 6.66 7.34
CA THR D 302 -12.68 7.85 7.20
C THR D 302 -12.62 8.39 5.76
N GLU D 303 -12.35 7.51 4.82
CA GLU D 303 -12.12 7.97 3.48
C GLU D 303 -13.40 8.54 2.88
N ILE D 304 -14.54 7.96 3.30
CA ILE D 304 -15.83 8.38 2.78
C ILE D 304 -16.23 9.72 3.35
N THR D 305 -15.99 9.89 4.65
CA THR D 305 -16.30 11.13 5.36
C THR D 305 -15.51 12.28 4.73
N LEU D 306 -14.20 12.07 4.53
CA LEU D 306 -13.32 13.08 3.98
C LEU D 306 -13.62 13.42 2.52
N GLY D 307 -13.80 12.39 1.70
CA GLY D 307 -14.18 12.60 0.29
C GLY D 307 -15.50 13.38 0.13
N LEU D 308 -16.49 13.07 0.98
CA LEU D 308 -17.76 13.79 0.96
C LEU D 308 -17.53 15.29 1.18
N GLN D 309 -16.64 15.69 2.10
CA GLN D 309 -16.34 17.11 2.35
C GLN D 309 -15.67 17.79 1.16
N GLY D 310 -14.79 17.05 0.50
CA GLY D 310 -14.11 17.55 -0.67
C GLY D 310 -15.05 17.86 -1.82
N VAL D 311 -15.99 16.96 -2.14
CA VAL D 311 -16.91 17.19 -3.26
C VAL D 311 -17.96 18.23 -2.89
N LEU D 312 -18.37 18.27 -1.61
CA LEU D 312 -19.25 19.33 -1.07
C LEU D 312 -18.59 20.70 -1.22
N ARG D 313 -17.35 20.79 -0.77
CA ARG D 313 -16.61 22.03 -0.91
C ARG D 313 -16.45 22.40 -2.39
N LEU D 314 -16.11 21.41 -3.23
CA LEU D 314 -16.04 21.66 -4.68
C LEU D 314 -17.39 22.15 -5.27
N GLY D 315 -18.50 21.58 -4.79
CA GLY D 315 -19.85 22.05 -5.12
C GLY D 315 -20.08 23.52 -4.79
N ARG D 316 -19.81 23.90 -3.54
CA ARG D 316 -20.01 25.31 -3.13
C ARG D 316 -19.20 26.23 -4.03
N MET D 317 -18.00 25.80 -4.40
CA MET D 317 -17.08 26.60 -5.19
C MET D 317 -17.54 26.81 -6.63
N LYS D 318 -18.12 25.77 -7.21
CA LYS D 318 -18.62 25.83 -8.58
C LYS D 318 -19.85 26.69 -8.66
N ASP D 319 -20.75 26.55 -7.68
CA ASP D 319 -21.84 27.49 -7.46
C ASP D 319 -21.37 28.95 -7.41
N GLU D 320 -20.35 29.25 -6.58
CA GLU D 320 -19.87 30.63 -6.41
C GLU D 320 -18.84 31.08 -7.48
N GLY D 321 -18.64 30.28 -8.52
CA GLY D 321 -17.63 30.57 -9.56
C GLY D 321 -16.15 30.66 -9.15
N THR D 322 -15.73 30.06 -8.04
CA THR D 322 -14.32 30.14 -7.64
C THR D 322 -13.48 28.89 -7.87
N ALA D 323 -14.01 27.91 -8.58
CA ALA D 323 -13.36 26.60 -8.66
C ALA D 323 -12.67 26.41 -9.96
N ALA D 324 -11.34 26.28 -9.93
CA ALA D 324 -10.64 25.96 -11.15
C ALA D 324 -10.88 24.50 -11.56
N VAL D 325 -10.65 24.26 -12.84
CA VAL D 325 -10.80 22.96 -13.46
C VAL D 325 -10.00 21.82 -12.75
N GLU D 326 -8.85 22.17 -12.15
CA GLU D 326 -7.95 21.16 -11.60
C GLU D 326 -8.49 20.50 -10.35
N ILE D 327 -9.32 21.23 -9.61
CA ILE D 327 -9.89 20.70 -8.39
C ILE D 327 -10.74 19.47 -8.68
N THR D 328 -11.36 19.49 -9.86
CA THR D 328 -12.15 18.37 -10.32
C THR D 328 -11.28 17.15 -10.51
N SER D 329 -10.05 17.32 -11.00
CA SER D 329 -9.09 16.23 -11.04
C SER D 329 -8.86 15.65 -9.65
N ILE D 330 -8.59 16.50 -8.65
CA ILE D 330 -8.41 16.02 -7.28
C ILE D 330 -9.54 15.10 -6.85
N MET D 331 -10.77 15.56 -7.03
CA MET D 331 -11.90 14.87 -6.38
C MET D 331 -12.25 13.58 -7.09
N LYS D 332 -12.21 13.63 -8.42
CA LYS D 332 -12.60 12.53 -9.25
C LYS D 332 -11.61 11.39 -9.06
N ARG D 333 -10.32 11.72 -9.02
CA ARG D 333 -9.31 10.72 -8.76
C ARG D 333 -9.47 10.15 -7.35
N ASN D 334 -9.69 11.02 -6.36
CA ASN D 334 -9.79 10.58 -5.00
C ASN D 334 -11.00 9.68 -4.84
N SER D 335 -12.16 10.19 -5.29
CA SER D 335 -13.42 9.47 -5.17
C SER D 335 -13.41 8.11 -5.85
N CYS D 336 -12.94 8.05 -7.08
CA CYS D 336 -12.92 6.79 -7.78
C CYS D 336 -11.95 5.79 -7.19
N GLY D 337 -10.76 6.28 -6.81
CA GLY D 337 -9.69 5.43 -6.29
C GLY D 337 -10.01 4.93 -4.90
N LYS D 338 -10.42 5.82 -4.01
CA LYS D 338 -10.87 5.40 -2.68
C LYS D 338 -12.13 4.53 -2.73
N ALA D 339 -13.10 4.85 -3.59
CA ALA D 339 -14.26 3.95 -3.74
C ALA D 339 -13.81 2.51 -4.08
N LEU D 340 -12.93 2.41 -5.08
CA LEU D 340 -12.42 1.12 -5.51
C LEU D 340 -11.69 0.43 -4.36
N ASP D 341 -10.83 1.13 -3.63
CA ASP D 341 -10.19 0.51 -2.48
C ASP D 341 -11.23 -0.06 -1.56
N ILE D 342 -12.27 0.73 -1.28
CA ILE D 342 -13.28 0.30 -0.33
C ILE D 342 -14.06 -0.94 -0.80
N ALA D 343 -14.40 -0.97 -2.08
CA ALA D 343 -15.08 -2.12 -2.66
C ALA D 343 -14.15 -3.36 -2.64
N ARG D 344 -12.85 -3.16 -2.84
CA ARG D 344 -11.92 -4.30 -2.75
C ARG D 344 -11.80 -4.80 -1.32
N LEU D 345 -11.84 -3.86 -0.38
CA LEU D 345 -11.71 -4.19 1.04
C LEU D 345 -12.97 -4.95 1.49
N ALA D 346 -14.14 -4.47 1.09
CA ALA D 346 -15.39 -5.17 1.42
C ALA D 346 -15.43 -6.57 0.80
N ARG D 347 -15.10 -6.63 -0.50
CA ARG D 347 -15.06 -7.89 -1.24
C ARG D 347 -14.21 -8.89 -0.52
N ASP D 348 -13.11 -8.44 0.06
CA ASP D 348 -12.16 -9.34 0.67
C ASP D 348 -12.59 -9.73 2.08
N MET D 349 -13.57 -9.00 2.63
CA MET D 349 -14.14 -9.36 3.91
C MET D 349 -15.17 -10.49 3.71
N LEU D 350 -15.62 -10.72 2.48
CA LEU D 350 -16.63 -11.75 2.24
C LEU D 350 -16.10 -13.12 1.81
N GLY D 351 -16.41 -14.14 2.61
CA GLY D 351 -16.26 -15.55 2.18
C GLY D 351 -17.59 -15.98 1.58
N GLY D 352 -17.61 -17.13 0.90
CA GLY D 352 -18.78 -17.53 0.11
C GLY D 352 -18.48 -17.26 -1.35
N ASN D 353 -19.50 -17.34 -2.20
CA ASN D 353 -19.30 -17.12 -3.63
C ASN D 353 -20.59 -17.03 -4.46
N GLY D 354 -21.25 -15.88 -4.40
CA GLY D 354 -22.41 -15.64 -5.25
C GLY D 354 -23.72 -15.76 -4.53
N SER D 356 -25.68 -14.39 -2.68
CA SER D 356 -26.56 -13.68 -1.78
C SER D 356 -26.29 -12.15 -1.69
N ASP D 357 -27.12 -11.47 -0.90
CA ASP D 357 -27.15 -9.99 -0.76
C ASP D 357 -25.80 -9.25 -0.76
N GLU D 358 -24.86 -9.86 -0.03
CA GLU D 358 -23.53 -9.32 0.17
C GLU D 358 -22.74 -9.18 -1.16
N PHE D 359 -23.00 -10.06 -2.12
CA PHE D 359 -22.33 -9.99 -3.42
C PHE D 359 -22.88 -8.90 -4.36
N GLY D 360 -23.81 -8.09 -3.83
CA GLY D 360 -24.04 -6.76 -4.35
C GLY D 360 -22.68 -6.05 -4.40
N VAL D 361 -21.84 -6.31 -3.40
CA VAL D 361 -20.45 -5.89 -3.42
C VAL D 361 -19.73 -6.34 -4.72
N ALA D 362 -19.93 -7.56 -5.21
CA ALA D 362 -19.19 -8.00 -6.40
C ALA D 362 -19.60 -7.18 -7.60
N ARG D 363 -20.81 -6.66 -7.56
CA ARG D 363 -21.31 -5.87 -8.65
C ARG D 363 -20.67 -4.49 -8.64
N HIS D 364 -20.61 -3.89 -7.45
CA HIS D 364 -20.14 -2.52 -7.30
C HIS D 364 -18.69 -2.46 -7.65
N LEU D 365 -17.97 -3.53 -7.28
CA LEU D 365 -16.55 -3.62 -7.57
C LEU D 365 -16.29 -3.58 -9.10
N VAL D 366 -16.93 -4.49 -9.86
CA VAL D 366 -16.75 -4.49 -11.31
C VAL D 366 -17.17 -3.20 -11.98
N ASN D 367 -18.25 -2.56 -11.49
CA ASN D 367 -18.62 -1.21 -11.97
C ASN D 367 -17.48 -0.25 -11.73
N LEU D 368 -17.03 -0.17 -10.46
CA LEU D 368 -15.98 0.77 -10.09
C LEU D 368 -14.66 0.47 -10.81
N GLU D 369 -14.40 -0.80 -11.09
CA GLU D 369 -13.26 -1.14 -11.93
C GLU D 369 -13.31 -0.44 -13.29
N VAL D 370 -14.49 -0.38 -13.90
CA VAL D 370 -14.65 0.27 -15.19
C VAL D 370 -14.61 1.77 -15.01
N VAL D 371 -15.41 2.28 -14.08
CA VAL D 371 -15.51 3.71 -13.82
C VAL D 371 -14.16 4.32 -13.56
N ASN D 372 -13.35 3.59 -12.82
CA ASN D 372 -12.00 4.05 -12.49
C ASN D 372 -11.07 4.06 -13.70
N THR D 373 -11.45 3.31 -14.73
CA THR D 373 -10.55 2.99 -15.83
C THR D 373 -10.75 3.85 -17.08
N TYR D 374 -11.69 4.80 -17.00
CA TYR D 374 -11.92 5.76 -18.09
C TYR D 374 -10.78 6.77 -18.22
N GLU D 375 -10.18 7.14 -17.08
CA GLU D 375 -8.99 8.01 -16.99
C GLU D 375 -8.10 7.59 -15.80
N ASP D 379 -4.68 8.79 -12.38
CA ASP D 379 -3.45 8.73 -13.20
C ASP D 379 -3.29 9.80 -14.31
N ILE D 380 -4.21 9.83 -15.28
CA ILE D 380 -4.25 11.02 -16.11
C ILE D 380 -4.54 12.27 -15.22
N HIS D 381 -5.29 12.07 -14.14
CA HIS D 381 -5.54 13.12 -13.17
C HIS D 381 -4.33 13.34 -12.26
N ALA D 382 -3.60 12.27 -11.96
CA ALA D 382 -2.33 12.43 -11.27
C ALA D 382 -1.40 13.41 -12.04
N LEU D 383 -1.34 13.27 -13.37
CA LEU D 383 -0.54 14.12 -14.24
C LEU D 383 -1.09 15.53 -14.49
N ILE D 384 -2.41 15.67 -14.57
CA ILE D 384 -3.01 17.00 -14.56
C ILE D 384 -2.57 17.73 -13.31
N LEU D 385 -2.65 17.06 -12.16
CA LEU D 385 -2.20 17.66 -10.89
C LEU D 385 -0.69 17.85 -10.78
N GLY D 386 0.09 16.92 -11.30
CA GLY D 386 1.54 17.12 -11.35
C GLY D 386 1.97 18.35 -12.15
N ARG D 387 1.41 18.53 -13.34
CA ARG D 387 1.76 19.67 -14.17
C ARG D 387 1.36 21.00 -13.51
N ALA D 388 0.16 21.07 -12.91
CA ALA D 388 -0.27 22.31 -12.24
C ALA D 388 0.62 22.66 -11.03
N GLN D 389 1.23 21.65 -10.43
CA GLN D 389 2.18 21.81 -9.33
C GLN D 389 3.61 22.15 -9.80
N THR D 390 4.05 21.57 -10.93
CA THR D 390 5.47 21.63 -11.29
C THR D 390 5.73 22.48 -12.55
N GLY D 391 4.67 22.95 -13.20
CA GLY D 391 4.81 23.59 -14.51
C GLY D 391 5.33 22.68 -15.63
N ILE D 392 5.76 21.47 -15.32
CA ILE D 392 6.27 20.53 -16.34
C ILE D 392 5.22 19.48 -16.71
N GLN D 393 5.05 19.28 -18.01
CA GLN D 393 4.09 18.32 -18.52
C GLN D 393 4.73 16.94 -18.64
N ALA D 394 4.03 15.91 -18.14
CA ALA D 394 4.50 14.53 -18.32
C ALA D 394 3.52 13.57 -19.02
N PHE D 395 2.51 14.09 -19.71
CA PHE D 395 1.57 13.19 -20.42
C PHE D 395 2.24 12.38 -21.54
N PHE D 396 3.17 13.03 -22.23
CA PHE D 396 3.94 12.44 -23.32
C PHE D 396 5.31 13.11 -23.31
#